data_9CFV
#
_entry.id   9CFV
#
loop_
_entity.id
_entity.type
_entity.pdbx_description
1 polymer 'Actin, alpha skeletal muscle'
2 polymer 'Unconventional myosin-Ic'
3 polymer Calmodulin-1
4 non-polymer "ADENOSINE-5'-DIPHOSPHATE"
5 non-polymer 'MAGNESIUM ION'
#
loop_
_entity_poly.entity_id
_entity_poly.type
_entity_poly.pdbx_seq_one_letter_code
_entity_poly.pdbx_strand_id
1 'polypeptide(L)'
;DEDETTALVCDNGSGLVKAGFAGDDAPRAVFPSIVGRPRHQGVMVGMGQKDSYVGDEAQSKRGILTLKYPIEHGIITNWD
DMEKIWHHTFYNELRVAPEEHPTLLTEAPLNPKANREKMTQIMFETFNVPAMYVAIQAVLSLYASGRTTGIVLDSGDGVT
HNVPIYEGYALPHAIMRLDLAGRDLTDYLMKILTERGYSFVTTAEREIVRDIKEKLCYVALDFENEMATAASSSSLEKSY
ELPDGQVITIGNERFRCPETLFQPSFIGMESAGIHETTYNSIMKCDIDIRKDLYANNVMSGGTTMYPGIADRMQKEITAL
APSTMKIKIIAPPERKYSVWIGGSILASLSTFQQMWITKQEYDEAGPSIVHRKCF
;
B,C,D
2 'polypeptide(L)'
;MESALTARDRVGVQDFVLLENFTSEAAFIENLRRRFRENLIYTYIGPVLVSVNPYRDLQIYSRQHMERYRGVSFYEVPPH
LFAVADTVYRALRTERRDQAVMISGESGAGKTEATKRLLQFYAETCPAPERGGAVRDRLLQSNPVLEAFGNAKTLRNDNS
SRFGKYMDVQFDFKGAPVGGHILSYLLEKSRVVHQNHGERNFHVFYQLLEGGEEETLRRLGLERNPQSYLYLVKGQCAKV
SSINDKSDWKVMRKALSVIDFTEDEVEDLLSIVASVLHLGNIHFAADEDSNAQVTTENQLKYLTRLLGVEGTTLREALTH
RKIIAKGEELLSPLNLEQAAYARDALAKAVYSRTFTWLVRKINRSLASKDAESPSWRSTTVLGLLDIYGFEVFQHNSFEQ
FCINYCNEKLQQLFIELTLKSEQEEYEAEGIAWEPVQYFNNKIICDLVEEKFKGIISILDEECLRPGEATDLTFLEKLED
TVKPHPHFLTHKLADQKTRKSLDRGEFRLLHYAGEVTYSVTGFLDKNNDLLFRNLKETMCSSMNPIMAQCFDKSELSDKK
RPETVATQFKMSLLQLVEILRSKEPAYIRCIKPNDAKQPGRFDEVLIRHQVKYLGLMENLRVRRAGFAYRRKYEAFLQRY
KSLCPETWPMWAGRPQDGVAVLVRHLGYKPEEYKMGRTKIFIRFPKTLFATEDSLEVRRQSLATKIQAAWRGFHWRQKFL
RVKRSAICIQSWWRGTLGRRKAAKRKWAAQTIRRLIRGFILRHSPRCGGLNDIFEAQKIEWHEAADYKDDDDK
;
P
3 'polypeptide(L)'
;MADQLTEEQIAEFKEAFSLFDKDGDGTITTKELGTVMRSLGQNPTEAELQDMINEVDADGNGTIDFPEFLTMMARKMKDT
DSEEEIREAFRVFDKDGNGYISAAELRHVMTNLGEKLTDEEVDEMIREADIDGDGQVNYEEFVQMMTA
;
R
#
loop_
_chem_comp.id
_chem_comp.type
_chem_comp.name
_chem_comp.formula
ADP non-polymer ADENOSINE-5'-DIPHOSPHATE 'C10 H15 N5 O10 P2'
MG non-polymer 'MAGNESIUM ION' 'Mg 2'
#
# COMPACT_ATOMS: atom_id res chain seq x y z
N GLU A 4 5.52 24.73 4.22
CA GLU A 4 4.84 24.33 5.47
C GLU A 4 3.41 23.85 5.15
N THR A 5 2.37 24.21 5.90
CA THR A 5 0.99 23.67 5.78
C THR A 5 0.86 22.15 6.03
N THR A 6 1.81 21.53 6.75
CA THR A 6 1.62 20.18 7.30
C THR A 6 0.47 20.15 8.32
N ALA A 7 -0.09 18.97 8.60
CA ALA A 7 -1.20 18.87 9.54
C ALA A 7 -0.78 19.09 10.99
N LEU A 8 -1.62 19.78 11.76
CA LEU A 8 -1.57 19.83 13.21
C LEU A 8 -2.23 18.59 13.79
N VAL A 9 -1.78 18.16 14.95
CA VAL A 9 -2.36 17.07 15.73
C VAL A 9 -2.47 17.50 17.18
N CYS A 10 -3.68 17.52 17.74
CA CYS A 10 -3.93 17.78 19.16
C CYS A 10 -4.61 16.58 19.81
N ASP A 11 -4.01 15.95 20.82
CA ASP A 11 -4.78 15.16 21.78
C ASP A 11 -5.35 16.14 22.80
N ASN A 12 -6.60 16.54 22.62
CA ASN A 12 -7.36 17.24 23.65
C ASN A 12 -7.72 16.26 24.77
N GLY A 13 -6.72 15.95 25.57
CA GLY A 13 -6.88 15.15 26.76
C GLY A 13 -7.69 15.86 27.83
N SER A 14 -8.23 15.12 28.78
CA SER A 14 -8.95 15.73 29.89
C SER A 14 -8.00 16.50 30.80
N GLY A 15 -6.75 16.09 30.93
CA GLY A 15 -5.80 16.64 31.88
C GLY A 15 -4.64 17.40 31.24
N LEU A 16 -4.12 16.94 30.11
CA LEU A 16 -3.05 17.59 29.37
C LEU A 16 -3.40 17.73 27.89
N VAL A 17 -3.12 18.90 27.32
CA VAL A 17 -3.07 19.07 25.88
C VAL A 17 -1.75 18.51 25.39
N LYS A 18 -1.75 17.64 24.39
CA LYS A 18 -0.55 17.29 23.63
C LYS A 18 -0.73 17.79 22.20
N ALA A 19 0.11 18.69 21.72
CA ALA A 19 -0.04 19.26 20.39
C ALA A 19 1.28 19.31 19.64
N GLY A 20 1.23 19.11 18.34
CA GLY A 20 2.39 19.15 17.47
C GLY A 20 1.96 18.97 16.03
N PHE A 21 2.90 18.59 15.17
CA PHE A 21 2.68 18.42 13.75
C PHE A 21 2.77 16.95 13.36
N ALA A 22 2.03 16.54 12.35
CA ALA A 22 1.99 15.16 11.91
C ALA A 22 3.36 14.56 11.53
N GLY A 23 4.35 15.35 11.13
CA GLY A 23 5.68 14.84 10.78
C GLY A 23 6.55 14.40 11.95
N ASP A 24 6.21 14.74 13.19
CA ASP A 24 7.14 14.67 14.33
C ASP A 24 7.11 13.35 15.12
N ASP A 25 8.20 13.07 15.85
CA ASP A 25 8.33 11.92 16.76
C ASP A 25 7.38 11.97 17.95
N ALA A 26 7.08 13.16 18.44
CA ALA A 26 6.44 13.42 19.73
C ALA A 26 5.88 14.85 19.76
N PRO A 27 4.93 15.18 20.65
CA PRO A 27 4.31 16.50 20.69
C PRO A 27 5.29 17.60 21.10
N ARG A 28 5.13 18.79 20.52
CA ARG A 28 5.93 19.96 20.89
C ARG A 28 5.39 20.64 22.14
N ALA A 29 4.09 20.87 22.17
CA ALA A 29 3.39 21.43 23.30
C ALA A 29 2.80 20.30 24.13
N VAL A 30 3.21 20.20 25.40
CA VAL A 30 2.58 19.34 26.38
C VAL A 30 2.38 20.18 27.63
N PHE A 31 1.14 20.47 27.97
CA PHE A 31 0.81 21.36 29.07
C PHE A 31 -0.52 20.94 29.69
N PRO A 32 -0.83 21.28 30.94
CA PRO A 32 -2.09 20.91 31.54
C PRO A 32 -3.25 21.67 30.89
N SER A 33 -4.34 20.97 30.63
CA SER A 33 -5.55 21.50 30.02
C SER A 33 -6.36 22.27 31.07
N ILE A 34 -5.81 23.39 31.53
CA ILE A 34 -6.25 24.20 32.66
C ILE A 34 -6.40 25.67 32.24
N VAL A 35 -7.43 26.33 32.75
CA VAL A 35 -7.47 27.79 32.85
C VAL A 35 -7.55 28.20 34.32
N GLY A 36 -6.66 29.06 34.78
CA GLY A 36 -6.68 29.61 36.13
C GLY A 36 -7.00 31.10 36.19
N ARG A 37 -7.88 31.53 37.08
CA ARG A 37 -8.32 32.94 37.24
C ARG A 37 -8.02 33.47 38.65
N PRO A 38 -7.67 34.76 38.84
CA PRO A 38 -7.26 35.34 40.12
C PRO A 38 -8.21 35.21 41.31
N ARG A 39 -7.68 35.53 42.50
CA ARG A 39 -8.35 35.37 43.80
C ARG A 39 -7.84 36.40 44.83
N LYS A 50 -3.25 39.74 34.05
CA LYS A 50 -4.26 39.08 33.22
C LYS A 50 -5.50 38.70 34.01
N ASP A 51 -6.65 38.58 33.33
CA ASP A 51 -7.88 38.02 33.90
C ASP A 51 -7.84 36.49 33.99
N SER A 52 -7.02 35.83 33.17
CA SER A 52 -6.85 34.38 33.16
C SER A 52 -5.47 33.98 32.67
N TYR A 53 -5.03 32.81 33.09
CA TYR A 53 -3.77 32.16 32.72
C TYR A 53 -4.07 30.75 32.24
N VAL A 54 -3.32 30.24 31.27
CA VAL A 54 -3.53 28.93 30.66
C VAL A 54 -2.29 28.06 30.82
N GLY A 55 -2.48 26.76 31.03
CA GLY A 55 -1.40 25.79 30.92
C GLY A 55 -0.30 25.93 31.96
N ASP A 56 0.95 25.93 31.52
CA ASP A 56 2.08 26.04 32.44
C ASP A 56 2.13 27.37 33.19
N GLU A 57 1.61 28.46 32.64
CA GLU A 57 1.55 29.72 33.39
C GLU A 57 0.54 29.62 34.54
N ALA A 58 -0.54 28.85 34.37
CA ALA A 58 -1.53 28.61 35.41
C ALA A 58 -0.94 27.76 36.55
N GLN A 59 -0.16 26.71 36.25
CA GLN A 59 0.58 25.96 37.28
C GLN A 59 1.64 26.82 37.97
N SER A 60 2.37 27.65 37.23
CA SER A 60 3.40 28.52 37.77
C SER A 60 2.85 29.52 38.80
N LYS A 61 1.64 30.03 38.59
CA LYS A 61 0.97 31.01 39.46
C LYS A 61 -0.10 30.45 40.41
N ARG A 62 -0.27 29.13 40.50
CA ARG A 62 -1.47 28.50 41.11
C ARG A 62 -1.78 28.85 42.57
N GLY A 63 -0.85 29.42 43.33
CA GLY A 63 -1.09 29.86 44.70
C GLY A 63 -2.07 31.02 44.84
N ILE A 64 -2.28 31.81 43.77
CA ILE A 64 -3.18 32.97 43.74
C ILE A 64 -4.38 32.79 42.79
N LEU A 65 -4.62 31.58 42.29
CA LEU A 65 -5.62 31.27 41.26
C LEU A 65 -6.62 30.22 41.74
N THR A 66 -7.80 30.16 41.12
CA THR A 66 -8.61 28.94 41.07
C THR A 66 -8.37 28.27 39.73
N LEU A 67 -7.95 27.02 39.71
CA LEU A 67 -7.65 26.29 38.48
C LEU A 67 -8.84 25.44 38.09
N LYS A 68 -9.37 25.64 36.89
CA LYS A 68 -10.48 24.85 36.36
C LYS A 68 -10.06 24.12 35.10
N TYR A 69 -10.49 22.88 34.97
CA TYR A 69 -10.34 22.10 33.76
C TYR A 69 -11.61 22.20 32.92
N PRO A 70 -11.58 22.72 31.68
CA PRO A 70 -12.76 22.78 30.84
C PRO A 70 -13.23 21.43 30.32
N ILE A 71 -12.42 20.37 30.40
CA ILE A 71 -12.85 19.00 30.12
C ILE A 71 -13.02 18.23 31.42
N GLU A 72 -14.16 17.56 31.56
CA GLU A 72 -14.36 16.55 32.60
C GLU A 72 -14.88 15.28 31.94
N HIS A 73 -14.29 14.13 32.27
CA HIS A 73 -14.61 12.85 31.66
C HIS A 73 -14.63 12.88 30.13
N GLY A 74 -13.67 13.54 29.49
CA GLY A 74 -13.54 13.60 28.04
C GLY A 74 -14.59 14.46 27.31
N ILE A 75 -15.52 15.09 28.03
CA ILE A 75 -16.56 15.97 27.50
C ILE A 75 -16.13 17.41 27.79
N ILE A 76 -16.20 18.30 26.81
CA ILE A 76 -15.89 19.71 27.00
C ILE A 76 -17.10 20.39 27.67
N THR A 77 -16.92 20.84 28.90
CA THR A 77 -17.98 21.39 29.77
C THR A 77 -17.98 22.91 29.84
N ASN A 78 -16.88 23.57 29.48
CA ASN A 78 -16.77 25.01 29.39
C ASN A 78 -16.13 25.39 28.05
N TRP A 79 -16.93 25.83 27.08
CA TRP A 79 -16.47 26.12 25.73
C TRP A 79 -15.71 27.43 25.60
N ASP A 80 -15.99 28.42 26.44
CA ASP A 80 -15.24 29.69 26.42
C ASP A 80 -13.84 29.50 26.97
N ASP A 81 -13.65 28.69 28.02
CA ASP A 81 -12.34 28.24 28.46
C ASP A 81 -11.67 27.29 27.48
N MET A 82 -12.38 26.38 26.81
CA MET A 82 -11.73 25.52 25.80
C MET A 82 -11.19 26.32 24.60
N GLU A 83 -11.87 27.37 24.15
CA GLU A 83 -11.29 28.28 23.16
C GLU A 83 -10.02 28.96 23.66
N LYS A 84 -9.92 29.34 24.94
CA LYS A 84 -8.67 29.86 25.50
C LYS A 84 -7.54 28.85 25.38
N ILE A 85 -7.81 27.57 25.63
CA ILE A 85 -6.82 26.50 25.50
C ILE A 85 -6.42 26.27 24.04
N TRP A 86 -7.36 26.22 23.10
CA TRP A 86 -7.00 26.08 21.68
C TRP A 86 -6.28 27.30 21.15
N HIS A 87 -6.67 28.52 21.52
CA HIS A 87 -5.92 29.72 21.21
C HIS A 87 -4.51 29.69 21.79
N HIS A 88 -4.35 29.32 23.06
CA HIS A 88 -3.03 29.16 23.68
C HIS A 88 -2.21 28.09 22.95
N THR A 89 -2.81 26.96 22.59
CA THR A 89 -2.15 25.92 21.80
C THR A 89 -1.59 26.48 20.50
N PHE A 90 -2.41 27.17 19.69
CA PHE A 90 -1.99 27.59 18.37
C PHE A 90 -1.03 28.79 18.45
N TYR A 91 -1.42 29.87 19.13
CA TYR A 91 -0.72 31.14 19.02
C TYR A 91 0.40 31.33 20.04
N ASN A 92 0.32 30.71 21.23
CA ASN A 92 1.38 30.80 22.23
C ASN A 92 2.33 29.59 22.17
N GLU A 93 1.80 28.36 22.11
CA GLU A 93 2.62 27.15 22.30
C GLU A 93 3.22 26.57 21.02
N LEU A 94 2.44 26.37 19.96
CA LEU A 94 2.95 25.93 18.67
C LEU A 94 3.44 27.08 17.77
N ARG A 95 2.97 28.30 18.01
CA ARG A 95 3.22 29.50 17.21
C ARG A 95 2.92 29.29 15.72
N VAL A 96 1.63 29.10 15.42
CA VAL A 96 1.07 28.89 14.08
C VAL A 96 -0.16 29.75 13.85
N ALA A 97 -0.55 29.97 12.59
CA ALA A 97 -1.92 30.34 12.27
C ALA A 97 -2.68 29.06 11.86
N PRO A 98 -3.72 28.63 12.59
CA PRO A 98 -4.44 27.40 12.29
C PRO A 98 -5.19 27.45 10.95
N GLU A 99 -5.46 28.64 10.41
CA GLU A 99 -6.01 28.84 9.06
C GLU A 99 -5.15 28.21 7.95
N GLU A 100 -3.87 27.93 8.22
CA GLU A 100 -2.91 27.37 7.26
C GLU A 100 -2.77 25.84 7.36
N HIS A 101 -3.26 25.21 8.42
CA HIS A 101 -2.96 23.80 8.72
C HIS A 101 -4.22 22.94 8.91
N PRO A 102 -4.38 21.81 8.20
CA PRO A 102 -5.43 20.86 8.56
C PRO A 102 -5.19 20.33 9.97
N THR A 103 -6.22 20.18 10.79
CA THR A 103 -6.07 19.84 12.21
C THR A 103 -6.71 18.51 12.57
N LEU A 104 -5.93 17.56 13.06
CA LEU A 104 -6.46 16.33 13.64
C LEU A 104 -6.70 16.52 15.14
N LEU A 105 -7.92 16.29 15.57
CA LEU A 105 -8.36 16.28 16.96
C LEU A 105 -8.68 14.87 17.42
N THR A 106 -8.91 14.67 18.72
CA THR A 106 -9.15 13.35 19.31
C THR A 106 -10.36 13.35 20.21
N GLU A 107 -10.96 12.18 20.43
CA GLU A 107 -12.07 12.02 21.36
C GLU A 107 -12.18 10.60 21.93
N ALA A 108 -12.79 10.45 23.11
CA ALA A 108 -13.21 9.13 23.60
C ALA A 108 -14.40 8.56 22.79
N PRO A 109 -14.61 7.22 22.74
CA PRO A 109 -15.58 6.60 21.85
C PRO A 109 -17.04 7.02 22.06
N LEU A 110 -17.56 6.84 23.28
CA LEU A 110 -18.98 6.98 23.58
C LEU A 110 -19.33 8.36 24.14
N ASN A 111 -18.80 9.40 23.52
CA ASN A 111 -19.07 10.80 23.89
C ASN A 111 -20.43 11.29 23.37
N PRO A 112 -20.98 12.38 23.92
CA PRO A 112 -22.11 13.09 23.32
C PRO A 112 -21.81 13.55 21.89
N LYS A 113 -22.79 13.55 21.00
CA LYS A 113 -22.61 14.02 19.61
C LYS A 113 -22.35 15.52 19.53
N ALA A 114 -23.00 16.32 20.36
CA ALA A 114 -22.77 17.76 20.41
C ALA A 114 -21.32 18.13 20.75
N ASN A 115 -20.56 17.25 21.39
CA ASN A 115 -19.14 17.48 21.67
C ASN A 115 -18.35 17.56 20.37
N ARG A 116 -18.46 16.58 19.47
CA ARG A 116 -17.88 16.64 18.12
C ARG A 116 -18.37 17.82 17.30
N GLU A 117 -19.68 18.06 17.25
CA GLU A 117 -20.21 19.13 16.43
C GLU A 117 -19.70 20.49 16.89
N LYS A 118 -19.49 20.68 18.19
CA LYS A 118 -19.04 21.97 18.70
C LYS A 118 -17.54 22.12 18.63
N MET A 119 -16.75 21.04 18.76
CA MET A 119 -15.37 20.97 18.28
C MET A 119 -15.27 21.46 16.83
N THR A 120 -16.06 20.87 15.94
CA THR A 120 -16.07 21.10 14.49
C THR A 120 -16.43 22.53 14.14
N GLN A 121 -17.50 23.05 14.72
CA GLN A 121 -17.91 24.44 14.52
C GLN A 121 -16.85 25.43 15.01
N ILE A 122 -16.21 25.20 16.16
CA ILE A 122 -15.19 26.11 16.67
C ILE A 122 -13.93 26.06 15.78
N MET A 123 -13.58 24.92 15.21
CA MET A 123 -12.46 24.85 14.28
C MET A 123 -12.74 25.62 13.00
N PHE A 124 -13.91 25.49 12.40
CA PHE A 124 -14.25 26.18 11.16
C PHE A 124 -14.71 27.62 11.31
N GLU A 125 -15.25 28.03 12.45
CA GLU A 125 -15.82 29.37 12.63
C GLU A 125 -15.02 30.26 13.59
N THR A 126 -14.32 29.71 14.58
CA THR A 126 -13.40 30.48 15.44
C THR A 126 -11.97 30.43 14.89
N PHE A 127 -11.47 29.26 14.53
CA PHE A 127 -10.09 29.11 14.09
C PHE A 127 -9.93 29.10 12.57
N ASN A 128 -11.02 29.17 11.79
CA ASN A 128 -11.02 29.15 10.32
C ASN A 128 -10.16 28.04 9.71
N VAL A 129 -10.00 26.92 10.40
CA VAL A 129 -9.16 25.78 10.00
C VAL A 129 -9.56 25.30 8.60
N PRO A 130 -8.61 24.94 7.70
CA PRO A 130 -8.94 24.60 6.32
C PRO A 130 -9.65 23.24 6.18
N ALA A 131 -9.26 22.29 7.02
CA ALA A 131 -9.86 20.97 7.15
C ALA A 131 -9.54 20.37 8.53
N MET A 132 -10.38 19.49 9.06
CA MET A 132 -10.12 18.82 10.32
C MET A 132 -10.73 17.43 10.36
N TYR A 133 -10.34 16.64 11.34
CA TYR A 133 -10.90 15.32 11.60
C TYR A 133 -10.88 15.07 13.10
N VAL A 134 -11.84 14.31 13.61
CA VAL A 134 -11.87 13.87 15.01
C VAL A 134 -11.69 12.36 15.04
N ALA A 135 -10.62 11.86 15.67
CA ALA A 135 -10.32 10.43 15.72
C ALA A 135 -10.53 9.86 17.13
N ILE A 136 -10.91 8.59 17.24
CA ILE A 136 -11.06 7.94 18.53
C ILE A 136 -9.69 7.67 19.14
N GLN A 137 -9.47 8.08 20.38
CA GLN A 137 -8.16 8.02 21.04
C GLN A 137 -7.54 6.62 21.04
N ALA A 138 -8.27 5.59 21.47
CA ALA A 138 -7.77 4.22 21.49
C ALA A 138 -7.50 3.65 20.08
N VAL A 139 -8.22 4.09 19.05
CA VAL A 139 -7.92 3.75 17.65
C VAL A 139 -6.57 4.33 17.23
N LEU A 140 -6.30 5.61 17.54
CA LEU A 140 -4.98 6.20 17.29
C LEU A 140 -3.88 5.45 18.00
N SER A 141 -4.09 5.02 19.24
CA SER A 141 -3.11 4.30 20.03
C SER A 141 -2.63 2.98 19.39
N LEU A 142 -3.42 2.31 18.55
CA LEU A 142 -2.91 1.18 17.75
C LEU A 142 -1.88 1.58 16.70
N TYR A 143 -1.98 2.74 16.05
CA TYR A 143 -1.01 3.14 15.04
C TYR A 143 0.39 3.29 15.64
N ALA A 144 0.52 3.96 16.77
CA ALA A 144 1.78 4.10 17.49
C ALA A 144 2.36 2.75 17.93
N SER A 145 1.49 1.79 18.22
CA SER A 145 1.85 0.43 18.61
C SER A 145 2.28 -0.45 17.43
N GLY A 146 2.12 0.02 16.19
CA GLY A 146 2.50 -0.71 14.97
C GLY A 146 1.56 -1.84 14.57
N ARG A 147 0.37 -1.91 15.16
CA ARG A 147 -0.53 -3.08 15.11
C ARG A 147 -1.87 -2.75 14.45
N THR A 148 -2.41 -3.67 13.66
CA THR A 148 -3.79 -3.59 13.13
C THR A 148 -4.73 -4.57 13.81
N THR A 149 -4.25 -5.31 14.81
CA THR A 149 -5.05 -6.17 15.67
C THR A 149 -4.62 -5.94 17.10
N GLY A 150 -5.57 -5.83 18.01
CA GLY A 150 -5.30 -5.73 19.43
C GLY A 150 -6.47 -5.08 20.16
N ILE A 151 -6.50 -5.23 21.47
CA ILE A 151 -7.44 -4.49 22.30
C ILE A 151 -6.68 -3.42 23.04
N VAL A 152 -7.11 -2.17 22.91
CA VAL A 152 -6.43 -1.06 23.56
C VAL A 152 -7.18 -0.67 24.80
N LEU A 153 -6.52 -0.70 25.96
CA LEU A 153 -6.91 0.00 27.17
C LEU A 153 -6.26 1.38 27.15
N ASP A 154 -7.02 2.42 26.85
CA ASP A 154 -6.57 3.80 26.99
C ASP A 154 -7.10 4.36 28.30
N SER A 155 -6.28 5.08 29.07
CA SER A 155 -6.69 5.65 30.34
C SER A 155 -5.95 6.95 30.60
N GLY A 156 -6.68 8.06 30.68
CA GLY A 156 -6.10 9.40 30.77
C GLY A 156 -6.42 10.12 32.07
N ASP A 157 -6.66 11.43 32.05
CA ASP A 157 -7.08 12.12 33.28
C ASP A 157 -8.56 11.88 33.58
N GLY A 158 -9.40 11.71 32.56
CA GLY A 158 -10.85 11.72 32.74
C GLY A 158 -11.59 10.44 32.36
N VAL A 159 -11.10 9.69 31.37
CA VAL A 159 -11.79 8.51 30.82
C VAL A 159 -10.84 7.33 30.72
N THR A 160 -11.34 6.14 31.03
CA THR A 160 -10.73 4.87 30.66
C THR A 160 -11.63 4.19 29.64
N HIS A 161 -11.09 3.73 28.52
CA HIS A 161 -11.87 3.06 27.50
C HIS A 161 -11.11 1.91 26.88
N ASN A 162 -11.85 0.89 26.45
CA ASN A 162 -11.36 -0.31 25.80
C ASN A 162 -11.90 -0.34 24.38
N VAL A 163 -11.05 -0.45 23.37
CA VAL A 163 -11.48 -0.67 21.98
C VAL A 163 -10.80 -1.91 21.42
N PRO A 164 -11.54 -2.98 21.11
CA PRO A 164 -11.01 -4.13 20.40
C PRO A 164 -11.03 -3.89 18.89
N ILE A 165 -9.92 -4.17 18.23
CA ILE A 165 -9.74 -4.05 16.79
C ILE A 165 -9.13 -5.35 16.27
N TYR A 166 -9.59 -5.83 15.12
CA TYR A 166 -9.06 -7.03 14.51
C TYR A 166 -8.90 -6.82 13.01
N GLU A 167 -7.74 -7.12 12.43
CA GLU A 167 -7.46 -6.93 11.01
C GLU A 167 -7.86 -5.53 10.49
N GLY A 168 -7.73 -4.54 11.36
CA GLY A 168 -8.12 -3.16 11.14
C GLY A 168 -9.60 -2.82 11.19
N TYR A 169 -10.47 -3.68 11.70
CA TYR A 169 -11.90 -3.40 11.92
C TYR A 169 -12.17 -3.25 13.41
N ALA A 170 -12.83 -2.16 13.82
CA ALA A 170 -13.31 -2.03 15.18
C ALA A 170 -14.56 -2.88 15.36
N LEU A 171 -14.76 -3.44 16.54
CA LEU A 171 -16.01 -4.08 16.92
C LEU A 171 -16.76 -3.12 17.84
N PRO A 172 -17.62 -2.23 17.32
CA PRO A 172 -18.11 -1.09 18.07
C PRO A 172 -19.08 -1.46 19.20
N HIS A 173 -19.72 -2.62 19.13
CA HIS A 173 -20.54 -3.16 20.23
C HIS A 173 -19.69 -3.65 21.40
N ALA A 174 -18.44 -4.05 21.17
CA ALA A 174 -17.51 -4.53 22.17
C ALA A 174 -16.64 -3.42 22.79
N ILE A 175 -16.79 -2.17 22.34
CA ILE A 175 -16.19 -0.98 22.97
C ILE A 175 -16.81 -0.75 24.35
N MET A 176 -15.97 -0.64 25.37
CA MET A 176 -16.40 -0.39 26.75
C MET A 176 -15.81 0.95 27.22
N ARG A 177 -16.56 1.68 28.02
CA ARG A 177 -16.17 2.97 28.60
C ARG A 177 -16.34 2.95 30.11
N LEU A 178 -15.47 3.66 30.81
CA LEU A 178 -15.46 3.75 32.26
C LEU A 178 -15.07 5.17 32.64
N ASP A 179 -16.00 5.94 33.22
CA ASP A 179 -15.77 7.32 33.66
C ASP A 179 -15.03 7.36 35.00
N LEU A 180 -13.83 6.77 34.99
CA LEU A 180 -12.86 6.68 36.06
C LEU A 180 -11.48 6.65 35.42
N ALA A 181 -10.65 7.66 35.70
CA ALA A 181 -9.24 7.65 35.35
C ALA A 181 -8.44 8.54 36.30
N GLY A 182 -7.40 9.22 35.82
CA GLY A 182 -6.40 9.84 36.68
C GLY A 182 -6.90 10.89 37.65
N ARG A 183 -7.96 11.64 37.33
CA ARG A 183 -8.52 12.66 38.21
C ARG A 183 -9.30 12.05 39.36
N ASP A 184 -10.03 10.98 39.12
CA ASP A 184 -10.71 10.21 40.16
C ASP A 184 -9.73 9.56 41.12
N LEU A 185 -8.59 9.09 40.63
CA LEU A 185 -7.51 8.63 41.49
C LEU A 185 -6.85 9.78 42.26
N THR A 186 -6.67 10.95 41.66
CA THR A 186 -6.14 12.14 42.36
C THR A 186 -7.07 12.59 43.47
N ASP A 187 -8.39 12.56 43.23
CA ASP A 187 -9.40 12.89 44.22
C ASP A 187 -9.55 11.81 45.28
N TYR A 188 -9.27 10.55 44.96
CA TYR A 188 -9.21 9.48 45.94
C TYR A 188 -7.97 9.58 46.82
N LEU A 189 -6.80 9.88 46.25
CA LEU A 189 -5.61 10.17 47.02
C LEU A 189 -5.79 11.39 47.92
N MET A 190 -6.42 12.49 47.48
CA MET A 190 -6.79 13.58 48.39
C MET A 190 -7.63 13.11 49.58
N LYS A 191 -8.55 12.17 49.39
CA LYS A 191 -9.35 11.58 50.47
C LYS A 191 -8.51 10.70 51.39
N ILE A 192 -7.86 9.65 50.90
CA ILE A 192 -7.14 8.71 51.78
C ILE A 192 -5.88 9.33 52.43
N LEU A 193 -5.28 10.40 51.90
CA LEU A 193 -4.21 11.11 52.60
C LEU A 193 -4.66 11.85 53.86
N THR A 194 -5.95 12.16 54.00
CA THR A 194 -6.47 12.75 55.25
C THR A 194 -6.38 11.82 56.45
N GLU A 195 -6.21 10.51 56.26
CA GLU A 195 -6.09 9.52 57.34
C GLU A 195 -4.78 9.64 58.11
N ARG A 196 -3.71 10.09 57.45
CA ARG A 196 -2.40 10.38 58.08
C ARG A 196 -2.31 11.80 58.62
N GLY A 197 -3.28 12.65 58.29
CA GLY A 197 -3.40 14.00 58.80
C GLY A 197 -3.03 15.10 57.82
N TYR A 198 -2.98 14.81 56.53
CA TYR A 198 -2.64 15.79 55.50
C TYR A 198 -3.93 16.25 54.80
N SER A 199 -4.23 17.53 54.81
CA SER A 199 -5.48 18.05 54.23
C SER A 199 -5.21 18.84 52.96
N PHE A 200 -5.65 18.31 51.82
CA PHE A 200 -5.53 18.92 50.50
C PHE A 200 -6.93 19.18 49.94
N VAL A 201 -7.27 20.44 49.69
CA VAL A 201 -8.66 20.89 49.52
C VAL A 201 -8.83 21.80 48.31
N THR A 202 -7.96 22.79 48.16
CA THR A 202 -8.01 23.77 47.08
C THR A 202 -7.63 23.15 45.73
N THR A 203 -7.98 23.82 44.64
CA THR A 203 -7.59 23.40 43.29
C THR A 203 -6.09 23.39 43.04
N ALA A 204 -5.30 24.15 43.80
CA ALA A 204 -3.83 24.10 43.76
C ALA A 204 -3.27 22.90 44.54
N GLU A 205 -3.85 22.58 45.69
CA GLU A 205 -3.50 21.40 46.47
C GLU A 205 -3.82 20.09 45.76
N ARG A 206 -4.86 20.06 44.93
CA ARG A 206 -5.15 18.94 44.02
C ARG A 206 -4.05 18.70 43.00
N GLU A 207 -3.36 19.75 42.53
CA GLU A 207 -2.20 19.62 41.64
C GLU A 207 -0.95 19.15 42.36
N ILE A 208 -0.74 19.55 43.62
CA ILE A 208 0.31 18.98 44.48
C ILE A 208 0.06 17.48 44.68
N VAL A 209 -1.18 17.07 44.96
CA VAL A 209 -1.52 15.66 45.14
C VAL A 209 -1.40 14.87 43.85
N ARG A 210 -1.70 15.45 42.68
CA ARG A 210 -1.38 14.83 41.40
C ARG A 210 0.12 14.60 41.27
N ASP A 211 0.98 15.55 41.62
CA ASP A 211 2.42 15.37 41.60
C ASP A 211 2.92 14.30 42.60
N ILE A 212 2.26 14.08 43.74
CA ILE A 212 2.51 12.95 44.64
C ILE A 212 2.13 11.63 43.97
N LYS A 213 0.91 11.54 43.43
CA LYS A 213 0.40 10.35 42.74
C LYS A 213 1.32 9.91 41.61
N GLU A 214 1.87 10.85 40.87
CA GLU A 214 2.80 10.62 39.77
C GLU A 214 4.19 10.10 40.20
N LYS A 215 4.58 10.27 41.46
CA LYS A 215 5.94 9.96 41.94
C LYS A 215 5.99 8.84 42.96
N LEU A 216 4.96 8.69 43.78
CA LEU A 216 4.94 7.71 44.86
C LEU A 216 4.09 6.47 44.58
N CYS A 217 3.01 6.55 43.83
CA CYS A 217 2.08 5.44 43.66
C CYS A 217 2.55 4.37 42.69
N TYR A 218 2.06 3.15 42.90
CA TYR A 218 2.31 1.97 42.08
C TYR A 218 1.18 0.96 42.25
N VAL A 219 1.11 -0.05 41.39
CA VAL A 219 0.08 -1.08 41.48
C VAL A 219 0.67 -2.34 42.12
N ALA A 220 0.11 -2.76 43.25
CA ALA A 220 0.47 -3.99 43.95
C ALA A 220 0.19 -5.22 43.09
N LEU A 221 1.10 -6.20 43.01
CA LEU A 221 0.82 -7.44 42.28
C LEU A 221 -0.17 -8.35 43.03
N ASP A 222 -0.27 -8.23 44.35
CA ASP A 222 -1.23 -8.91 45.19
C ASP A 222 -1.62 -7.96 46.33
N PHE A 223 -2.82 -7.39 46.28
CA PHE A 223 -3.21 -6.29 47.16
C PHE A 223 -3.21 -6.69 48.64
N GLU A 224 -3.79 -7.83 49.01
CA GLU A 224 -3.77 -8.30 50.39
C GLU A 224 -2.36 -8.57 50.93
N ASN A 225 -1.42 -8.98 50.08
CA ASN A 225 -0.04 -9.20 50.48
C ASN A 225 0.77 -7.90 50.62
N GLU A 226 0.52 -6.87 49.80
CA GLU A 226 1.10 -5.55 50.03
C GLU A 226 0.45 -4.86 51.23
N MET A 227 -0.85 -5.05 51.48
CA MET A 227 -1.48 -4.53 52.69
C MET A 227 -0.88 -5.16 53.95
N ALA A 228 -0.64 -6.48 53.94
CA ALA A 228 0.08 -7.18 55.01
C ALA A 228 1.52 -6.71 55.15
N THR A 229 2.18 -6.39 54.04
CA THR A 229 3.54 -5.84 54.03
C THR A 229 3.57 -4.45 54.67
N ALA A 230 2.75 -3.53 54.21
CA ALA A 230 2.69 -2.17 54.74
C ALA A 230 2.25 -2.11 56.21
N ALA A 231 1.49 -3.09 56.70
CA ALA A 231 1.08 -3.17 58.09
C ALA A 231 2.15 -3.76 59.03
N SER A 232 3.17 -4.43 58.50
CA SER A 232 4.20 -5.13 59.28
C SER A 232 5.58 -4.47 59.23
N SER A 233 5.83 -3.56 58.29
CA SER A 233 7.11 -2.85 58.17
C SER A 233 6.96 -1.50 57.46
N SER A 234 7.90 -0.60 57.71
CA SER A 234 8.07 0.66 56.97
C SER A 234 8.78 0.53 55.62
N SER A 235 9.08 -0.68 55.16
CA SER A 235 9.85 -0.90 53.93
C SER A 235 9.17 -0.39 52.66
N LEU A 236 7.85 -0.16 52.70
CA LEU A 236 7.07 0.45 51.62
C LEU A 236 6.91 1.97 51.76
N GLU A 237 7.30 2.58 52.88
CA GLU A 237 7.09 4.01 53.12
C GLU A 237 8.07 4.89 52.37
N LYS A 238 7.55 5.94 51.73
CA LYS A 238 8.28 6.93 50.95
C LYS A 238 7.86 8.33 51.37
N SER A 239 8.71 9.29 51.04
CA SER A 239 8.65 10.64 51.55
C SER A 239 8.59 11.64 50.41
N TYR A 240 7.87 12.73 50.62
CA TYR A 240 7.62 13.76 49.62
C TYR A 240 7.75 15.13 50.27
N GLU A 241 8.48 16.04 49.67
CA GLU A 241 8.62 17.41 50.17
C GLU A 241 7.61 18.31 49.47
N LEU A 242 6.68 18.86 50.24
CA LEU A 242 5.65 19.79 49.77
C LEU A 242 6.27 21.14 49.37
N PRO A 243 5.59 21.97 48.57
CA PRO A 243 6.21 23.17 48.03
C PRO A 243 6.63 24.24 49.06
N ASP A 244 6.15 24.20 50.30
CA ASP A 244 6.63 25.03 51.41
C ASP A 244 7.66 24.32 52.30
N GLY A 245 8.16 23.16 51.89
CA GLY A 245 9.25 22.44 52.56
C GLY A 245 8.82 21.54 53.70
N GLN A 246 7.52 21.36 53.94
CA GLN A 246 7.01 20.33 54.83
C GLN A 246 7.19 18.94 54.23
N VAL A 247 7.28 17.90 55.05
CA VAL A 247 7.51 16.54 54.56
C VAL A 247 6.33 15.63 54.86
N ILE A 248 5.78 15.08 53.79
CA ILE A 248 4.86 13.95 53.80
C ILE A 248 5.63 12.66 54.00
N THR A 249 5.09 11.74 54.79
CA THR A 249 5.38 10.31 54.70
C THR A 249 4.10 9.57 54.31
N ILE A 250 4.22 8.60 53.42
CA ILE A 250 3.13 7.85 52.78
C ILE A 250 3.55 6.40 52.72
N GLY A 251 2.63 5.45 52.79
CA GLY A 251 2.96 4.02 52.90
C GLY A 251 1.94 3.17 52.21
N ASN A 252 1.06 2.57 53.00
CA ASN A 252 -0.15 1.89 52.56
C ASN A 252 -0.88 2.64 51.42
N GLU A 253 -0.89 3.97 51.46
CA GLU A 253 -1.55 4.84 50.49
C GLU A 253 -0.96 4.75 49.07
N ARG A 254 0.28 4.27 48.88
CA ARG A 254 0.96 4.23 47.56
C ARG A 254 0.30 3.26 46.60
N PHE A 255 -0.11 2.09 47.07
CA PHE A 255 -0.81 1.08 46.27
C PHE A 255 -2.32 1.03 46.52
N ARG A 256 -2.84 1.61 47.61
CA ARG A 256 -4.27 1.81 47.85
C ARG A 256 -4.94 2.66 46.78
N CYS A 257 -4.27 3.69 46.27
CA CYS A 257 -4.82 4.60 45.29
C CYS A 257 -5.00 3.95 43.90
N PRO A 258 -3.95 3.44 43.22
CA PRO A 258 -4.07 2.71 41.96
C PRO A 258 -4.90 1.44 42.00
N GLU A 259 -5.06 0.80 43.17
CA GLU A 259 -5.96 -0.34 43.31
C GLU A 259 -7.38 -0.03 42.84
N THR A 260 -7.81 1.22 42.94
CA THR A 260 -9.12 1.68 42.49
C THR A 260 -9.39 1.43 41.01
N LEU A 261 -8.37 1.25 40.17
CA LEU A 261 -8.58 0.80 38.79
C LEU A 261 -9.05 -0.65 38.75
N PHE A 262 -8.66 -1.47 39.71
CA PHE A 262 -8.98 -2.89 39.81
C PHE A 262 -10.15 -3.15 40.76
N GLN A 263 -10.39 -2.26 41.72
CA GLN A 263 -11.55 -2.25 42.62
C GLN A 263 -12.22 -0.88 42.58
N PRO A 264 -13.02 -0.55 41.55
CA PRO A 264 -13.70 0.74 41.45
C PRO A 264 -14.59 1.08 42.65
N SER A 265 -15.01 0.09 43.43
CA SER A 265 -15.81 0.27 44.64
C SER A 265 -15.18 1.18 45.68
N PHE A 266 -13.87 1.44 45.63
CA PHE A 266 -13.21 2.42 46.48
C PHE A 266 -13.72 3.86 46.23
N ILE A 267 -14.13 4.21 45.01
CA ILE A 267 -14.84 5.47 44.68
C ILE A 267 -16.32 5.41 45.07
N GLY A 268 -16.82 4.24 45.46
CA GLY A 268 -18.24 3.94 45.57
C GLY A 268 -18.90 3.58 44.24
N MET A 269 -18.13 3.43 43.16
CA MET A 269 -18.63 2.96 41.87
C MET A 269 -18.98 1.48 41.86
N GLU A 270 -19.95 1.09 41.05
CA GLU A 270 -20.39 -0.29 40.90
C GLU A 270 -19.58 -1.09 39.85
N SER A 271 -18.83 -0.40 39.00
CA SER A 271 -18.20 -0.98 37.81
C SER A 271 -17.20 -2.10 38.10
N ALA A 272 -16.98 -2.95 37.10
CA ALA A 272 -15.89 -3.90 37.06
C ALA A 272 -14.54 -3.19 36.89
N GLY A 273 -13.43 -3.77 37.37
CA GLY A 273 -12.11 -3.16 37.22
C GLY A 273 -11.63 -3.09 35.78
N ILE A 274 -10.46 -2.49 35.53
CA ILE A 274 -9.89 -2.40 34.18
C ILE A 274 -9.50 -3.77 33.60
N HIS A 275 -9.14 -4.73 34.44
CA HIS A 275 -8.85 -6.11 34.07
C HIS A 275 -10.09 -6.88 33.61
N GLU A 276 -11.16 -6.79 34.38
CA GLU A 276 -12.46 -7.37 34.02
C GLU A 276 -13.07 -6.65 32.83
N THR A 277 -13.03 -5.33 32.77
CA THR A 277 -13.58 -4.56 31.65
C THR A 277 -12.86 -4.91 30.34
N THR A 278 -11.55 -5.17 30.37
CA THR A 278 -10.79 -5.66 29.22
C THR A 278 -11.26 -7.04 28.80
N TYR A 279 -11.35 -7.99 29.74
CA TYR A 279 -11.84 -9.33 29.47
C TYR A 279 -13.29 -9.33 28.93
N ASN A 280 -14.16 -8.50 29.48
CA ASN A 280 -15.53 -8.35 29.00
C ASN A 280 -15.60 -7.84 27.56
N SER A 281 -14.72 -6.94 27.12
CA SER A 281 -14.60 -6.60 25.70
C SER A 281 -14.15 -7.78 24.87
N ILE A 282 -13.09 -8.51 25.27
CA ILE A 282 -12.59 -9.65 24.49
C ILE A 282 -13.69 -10.69 24.33
N MET A 283 -14.41 -11.01 25.41
CA MET A 283 -15.51 -11.96 25.39
C MET A 283 -16.79 -11.45 24.70
N LYS A 284 -16.91 -10.18 24.33
CA LYS A 284 -17.96 -9.67 23.44
C LYS A 284 -17.61 -9.82 21.96
N CYS A 285 -16.34 -9.92 21.62
CA CYS A 285 -15.88 -10.23 20.26
C CYS A 285 -16.12 -11.70 19.90
N ASP A 286 -16.12 -12.03 18.62
CA ASP A 286 -16.30 -13.38 18.09
C ASP A 286 -15.19 -14.34 18.50
N ILE A 287 -15.48 -15.63 18.67
CA ILE A 287 -14.54 -16.63 19.24
C ILE A 287 -13.18 -16.60 18.55
N ASP A 288 -13.16 -16.50 17.22
CA ASP A 288 -11.97 -16.51 16.38
C ASP A 288 -11.02 -15.32 16.61
N ILE A 289 -11.55 -14.19 17.07
CA ILE A 289 -10.81 -12.95 17.31
C ILE A 289 -10.02 -13.02 18.62
N ARG A 290 -10.53 -13.71 19.65
CA ARG A 290 -10.08 -13.55 21.04
C ARG A 290 -8.63 -13.91 21.28
N LYS A 291 -8.12 -14.98 20.68
CA LYS A 291 -6.72 -15.41 20.83
C LYS A 291 -5.72 -14.32 20.46
N ASP A 292 -5.98 -13.63 19.37
CA ASP A 292 -5.14 -12.54 18.92
C ASP A 292 -5.33 -11.29 19.76
N LEU A 293 -6.52 -11.00 20.29
CA LEU A 293 -6.70 -9.93 21.28
C LEU A 293 -5.96 -10.20 22.58
N TYR A 294 -5.98 -11.42 23.12
CA TYR A 294 -5.21 -11.75 24.34
C TYR A 294 -3.70 -11.57 24.17
N ALA A 295 -3.16 -11.80 22.98
CA ALA A 295 -1.74 -11.61 22.69
C ALA A 295 -1.36 -10.16 22.37
N ASN A 296 -2.34 -9.25 22.31
CA ASN A 296 -2.19 -7.86 21.89
C ASN A 296 -3.02 -6.92 22.78
N ASN A 297 -2.92 -7.04 24.10
CA ASN A 297 -3.49 -6.05 25.02
C ASN A 297 -2.58 -4.82 25.03
N VAL A 298 -2.99 -3.72 24.44
CA VAL A 298 -2.20 -2.49 24.34
C VAL A 298 -2.64 -1.53 25.42
N MET A 299 -1.70 -1.00 26.19
CA MET A 299 -1.98 0.00 27.22
C MET A 299 -1.48 1.37 26.80
N SER A 300 -2.27 2.42 26.99
CA SER A 300 -1.92 3.80 26.64
C SER A 300 -2.57 4.83 27.53
N GLY A 301 -2.07 6.06 27.45
CA GLY A 301 -2.51 7.15 28.32
C GLY A 301 -1.84 7.13 29.68
N GLY A 302 -1.85 8.24 30.38
CA GLY A 302 -1.05 8.44 31.58
C GLY A 302 -1.41 7.58 32.77
N THR A 303 -2.67 7.16 33.00
CA THR A 303 -2.98 6.28 34.13
C THR A 303 -2.60 4.83 33.91
N THR A 304 -2.09 4.47 32.74
CA THR A 304 -1.41 3.19 32.55
C THR A 304 0.08 3.26 32.89
N MET A 305 0.60 4.37 33.41
CA MET A 305 2.03 4.58 33.71
C MET A 305 2.52 4.14 35.09
N TYR A 306 1.64 3.66 35.98
CA TYR A 306 2.06 3.14 37.28
C TYR A 306 3.09 2.01 37.17
N PRO A 307 4.16 2.00 37.97
CA PRO A 307 4.96 0.80 38.17
C PRO A 307 4.06 -0.38 38.56
N GLY A 308 4.29 -1.55 37.98
CA GLY A 308 3.59 -2.79 38.31
C GLY A 308 2.22 -3.00 37.68
N ILE A 309 1.69 -2.08 36.88
CA ILE A 309 0.34 -2.21 36.32
C ILE A 309 0.25 -3.19 35.15
N ALA A 310 1.29 -3.32 34.31
CA ALA A 310 1.34 -4.32 33.26
C ALA A 310 1.48 -5.74 33.84
N ASP A 311 2.24 -5.93 34.92
CA ASP A 311 2.32 -7.19 35.66
C ASP A 311 0.99 -7.57 36.31
N ARG A 312 0.31 -6.64 36.99
CA ARG A 312 -1.04 -6.85 37.53
C ARG A 312 -2.03 -7.13 36.43
N MET A 313 -2.07 -6.37 35.34
CA MET A 313 -3.01 -6.63 34.25
C MET A 313 -2.77 -8.01 33.64
N GLN A 314 -1.52 -8.41 33.48
CA GLN A 314 -1.18 -9.74 32.97
C GLN A 314 -1.65 -10.83 33.93
N LYS A 315 -1.40 -10.69 35.23
CA LYS A 315 -1.87 -11.63 36.25
C LYS A 315 -3.38 -11.77 36.26
N GLU A 316 -4.10 -10.65 36.26
CA GLU A 316 -5.55 -10.63 36.34
C GLU A 316 -6.25 -11.13 35.06
N ILE A 317 -5.76 -10.78 33.86
CA ILE A 317 -6.33 -11.31 32.62
C ILE A 317 -5.90 -12.78 32.42
N THR A 318 -4.73 -13.21 32.89
CA THR A 318 -4.36 -14.63 32.90
C THR A 318 -5.34 -15.46 33.71
N ALA A 319 -5.85 -14.93 34.83
CA ALA A 319 -6.79 -15.64 35.69
C ALA A 319 -8.22 -15.71 35.11
N LEU A 320 -8.68 -14.68 34.42
CA LEU A 320 -9.97 -14.67 33.72
C LEU A 320 -9.98 -15.51 32.43
N ALA A 321 -8.92 -15.46 31.62
CA ALA A 321 -8.82 -16.18 30.35
C ALA A 321 -8.57 -17.70 30.49
N PRO A 322 -8.90 -18.52 29.48
CA PRO A 322 -8.59 -19.95 29.48
C PRO A 322 -7.09 -20.25 29.57
N SER A 323 -6.69 -21.29 30.29
CA SER A 323 -5.28 -21.55 30.63
C SER A 323 -4.36 -21.85 29.45
N THR A 324 -4.87 -22.21 28.27
CA THR A 324 -4.08 -22.43 27.05
C THR A 324 -3.78 -21.15 26.27
N MET A 325 -4.47 -20.04 26.53
CA MET A 325 -4.21 -18.76 25.88
C MET A 325 -2.96 -18.08 26.42
N LYS A 326 -2.17 -17.48 25.53
CA LYS A 326 -1.06 -16.63 25.92
C LYS A 326 -1.57 -15.20 26.04
N ILE A 327 -1.36 -14.59 27.20
CA ILE A 327 -1.70 -13.19 27.43
C ILE A 327 -0.39 -12.42 27.38
N LYS A 328 -0.32 -11.40 26.54
CA LYS A 328 0.79 -10.44 26.47
C LYS A 328 0.21 -9.06 26.62
N ILE A 329 0.93 -8.20 27.34
CA ILE A 329 0.51 -6.81 27.55
C ILE A 329 1.59 -5.87 27.05
N ILE A 330 1.23 -5.09 26.04
CA ILE A 330 2.07 -4.14 25.35
C ILE A 330 1.91 -2.84 26.12
N ALA A 331 2.87 -2.56 26.97
CA ALA A 331 2.93 -1.34 27.77
C ALA A 331 4.24 -0.61 27.45
N PRO A 332 4.32 0.10 26.31
CA PRO A 332 5.53 0.76 25.89
C PRO A 332 6.00 1.82 26.89
N PRO A 333 7.29 2.13 26.98
CA PRO A 333 7.79 3.29 27.73
C PRO A 333 7.14 4.63 27.34
N GLU A 334 6.76 4.84 26.08
CA GLU A 334 6.09 6.05 25.61
C GLU A 334 4.55 6.04 25.71
N ARG A 335 3.94 5.07 26.41
CA ARG A 335 2.51 4.91 26.71
C ARG A 335 1.68 6.19 26.76
N LYS A 336 2.21 7.21 27.45
CA LYS A 336 1.57 8.50 27.75
C LYS A 336 1.31 9.35 26.50
N TYR A 337 2.00 9.05 25.41
CA TYR A 337 1.98 9.78 24.15
C TYR A 337 1.55 8.93 22.94
N SER A 338 1.21 7.65 23.09
CA SER A 338 0.80 6.80 21.97
C SER A 338 -0.40 7.33 21.19
N VAL A 339 -1.34 8.01 21.85
CA VAL A 339 -2.47 8.66 21.17
C VAL A 339 -2.00 9.76 20.23
N TRP A 340 -1.10 10.63 20.68
CA TRP A 340 -0.55 11.68 19.84
C TRP A 340 0.37 11.11 18.75
N ILE A 341 1.23 10.16 19.07
CA ILE A 341 2.12 9.49 18.11
C ILE A 341 1.29 8.79 17.03
N GLY A 342 0.18 8.16 17.40
CA GLY A 342 -0.76 7.56 16.48
C GLY A 342 -1.50 8.56 15.62
N GLY A 343 -1.82 9.73 16.16
CA GLY A 343 -2.37 10.84 15.41
C GLY A 343 -1.35 11.40 14.42
N SER A 344 -0.07 11.45 14.78
CA SER A 344 0.99 11.88 13.86
C SER A 344 1.10 10.92 12.69
N ILE A 345 1.08 9.60 12.94
CA ILE A 345 1.11 8.58 11.90
C ILE A 345 -0.13 8.70 11.01
N LEU A 346 -1.34 8.65 11.56
CA LEU A 346 -2.57 8.75 10.78
C LEU A 346 -2.60 10.00 9.90
N ALA A 347 -2.36 11.18 10.44
CA ALA A 347 -2.37 12.43 9.67
C ALA A 347 -1.24 12.50 8.63
N SER A 348 -0.25 11.61 8.70
CA SER A 348 0.81 11.44 7.70
C SER A 348 0.53 10.43 6.60
N LEU A 349 -0.47 9.55 6.74
CA LEU A 349 -0.77 8.53 5.72
C LEU A 349 -1.30 9.19 4.45
N SER A 350 -0.86 8.71 3.29
CA SER A 350 -1.30 9.18 1.97
C SER A 350 -2.78 8.89 1.72
N THR A 351 -3.26 7.76 2.22
CA THR A 351 -4.65 7.31 2.14
C THR A 351 -5.59 8.16 2.99
N PHE A 352 -5.14 8.67 4.14
CA PHE A 352 -5.94 9.51 5.02
C PHE A 352 -6.27 10.90 4.44
N GLN A 353 -5.52 11.40 3.48
CA GLN A 353 -5.71 12.77 2.97
C GLN A 353 -7.04 12.97 2.23
N GLN A 354 -7.69 11.89 1.81
CA GLN A 354 -9.05 11.91 1.25
C GLN A 354 -10.15 11.92 2.32
N MET A 355 -9.78 11.76 3.59
CA MET A 355 -10.68 11.55 4.73
C MET A 355 -10.85 12.76 5.64
N TRP A 356 -10.16 13.87 5.41
CA TRP A 356 -10.41 15.12 6.14
C TRP A 356 -11.82 15.67 5.87
N ILE A 357 -12.41 16.37 6.84
CA ILE A 357 -13.57 17.24 6.62
C ILE A 357 -13.03 18.60 6.19
N THR A 358 -13.35 19.09 5.01
CA THR A 358 -12.83 20.36 4.49
C THR A 358 -13.83 21.49 4.68
N LYS A 359 -13.44 22.77 4.69
CA LYS A 359 -14.43 23.83 4.90
C LYS A 359 -15.51 23.87 3.80
N GLN A 360 -15.21 23.45 2.59
CA GLN A 360 -16.20 23.30 1.53
C GLN A 360 -17.32 22.32 1.90
N GLU A 361 -17.01 21.24 2.62
CA GLU A 361 -18.01 20.28 3.07
C GLU A 361 -18.77 20.79 4.30
N TYR A 362 -18.11 21.49 5.22
CA TYR A 362 -18.78 22.14 6.33
C TYR A 362 -19.72 23.27 5.88
N ASP A 363 -19.37 24.03 4.86
CA ASP A 363 -20.23 25.09 4.30
C ASP A 363 -21.49 24.55 3.62
N GLU A 364 -21.50 23.31 3.15
CA GLU A 364 -22.71 22.62 2.69
C GLU A 364 -23.51 22.00 3.85
N ALA A 365 -22.87 21.15 4.65
CA ALA A 365 -23.53 20.26 5.60
C ALA A 365 -23.75 20.84 7.01
N GLY A 366 -23.13 21.97 7.34
CA GLY A 366 -23.09 22.48 8.72
C GLY A 366 -22.31 21.55 9.65
N PRO A 367 -22.35 21.76 10.98
CA PRO A 367 -21.63 20.95 11.95
C PRO A 367 -21.96 19.45 11.93
N SER A 368 -23.11 19.04 11.37
CA SER A 368 -23.54 17.63 11.31
C SER A 368 -22.62 16.72 10.49
N ILE A 369 -21.67 17.26 9.74
CA ILE A 369 -20.74 16.55 8.86
C ILE A 369 -19.83 15.56 9.59
N VAL A 370 -19.53 15.76 10.87
CA VAL A 370 -18.62 14.89 11.64
C VAL A 370 -19.13 13.47 11.76
N HIS A 371 -20.44 13.25 11.70
CA HIS A 371 -21.02 11.92 11.85
C HIS A 371 -21.01 11.11 10.56
N ARG A 372 -20.87 11.78 9.40
CA ARG A 372 -20.71 11.15 8.09
C ARG A 372 -19.24 10.79 7.82
N LYS A 373 -18.32 11.66 8.23
CA LYS A 373 -16.88 11.58 7.95
C LYS A 373 -16.04 10.86 9.01
N CYS A 374 -16.27 11.13 10.29
CA CYS A 374 -15.51 10.55 11.41
C CYS A 374 -16.23 9.35 12.06
N ASP B 3 -55.54 -21.07 47.95
CA ASP B 3 -56.32 -22.10 47.21
C ASP B 3 -55.77 -23.48 47.56
N GLU B 4 -56.61 -24.50 47.69
CA GLU B 4 -56.27 -25.74 48.41
C GLU B 4 -55.53 -26.80 47.58
N THR B 5 -56.01 -27.13 46.38
CA THR B 5 -55.55 -28.32 45.61
C THR B 5 -55.23 -28.03 44.14
N THR B 6 -55.23 -26.77 43.73
CA THR B 6 -54.94 -26.30 42.36
C THR B 6 -53.47 -26.47 41.98
N ALA B 7 -53.17 -26.48 40.69
CA ALA B 7 -51.79 -26.39 40.22
C ALA B 7 -51.25 -24.97 40.35
N LEU B 8 -49.93 -24.84 40.48
CA LEU B 8 -49.22 -23.58 40.36
C LEU B 8 -48.65 -23.46 38.97
N VAL B 9 -48.75 -22.28 38.39
CA VAL B 9 -48.15 -21.94 37.11
C VAL B 9 -47.18 -20.82 37.34
N CYS B 10 -45.92 -21.05 37.03
CA CYS B 10 -44.85 -20.11 37.31
C CYS B 10 -44.01 -19.92 36.05
N ASP B 11 -44.27 -18.84 35.34
CA ASP B 11 -43.46 -18.42 34.21
C ASP B 11 -42.22 -17.66 34.71
N ASN B 12 -41.17 -18.42 35.03
CA ASN B 12 -39.84 -17.88 35.35
C ASN B 12 -39.15 -17.42 34.08
N GLY B 13 -39.55 -16.26 33.61
CA GLY B 13 -38.84 -15.62 32.52
C GLY B 13 -37.57 -14.95 33.00
N SER B 14 -36.74 -14.57 32.04
CA SER B 14 -35.49 -13.86 32.28
C SER B 14 -35.70 -12.52 32.96
N GLY B 15 -36.76 -11.77 32.66
CA GLY B 15 -36.97 -10.44 33.19
C GLY B 15 -37.91 -10.37 34.36
N LEU B 16 -39.02 -11.12 34.30
CA LEU B 16 -40.04 -11.13 35.34
C LEU B 16 -40.44 -12.54 35.73
N VAL B 17 -40.63 -12.74 37.03
CA VAL B 17 -41.43 -13.87 37.51
C VAL B 17 -42.89 -13.51 37.34
N LYS B 18 -43.67 -14.39 36.74
CA LYS B 18 -45.13 -14.29 36.68
C LYS B 18 -45.67 -15.58 37.23
N ALA B 19 -46.38 -15.54 38.36
CA ALA B 19 -46.81 -16.72 39.07
C ALA B 19 -48.26 -16.62 39.52
N GLY B 20 -48.95 -17.75 39.61
CA GLY B 20 -50.36 -17.82 39.95
C GLY B 20 -50.83 -19.27 39.99
N PHE B 21 -52.13 -19.48 40.16
CA PHE B 21 -52.72 -20.81 40.15
C PHE B 21 -53.30 -21.13 38.77
N ALA B 22 -53.37 -22.39 38.36
CA ALA B 22 -54.09 -22.76 37.15
C ALA B 22 -55.60 -22.52 37.31
N GLY B 23 -56.30 -22.15 36.24
CA GLY B 23 -57.73 -21.82 36.28
C GLY B 23 -58.05 -20.35 36.61
N ASP B 24 -57.09 -19.54 37.03
CA ASP B 24 -57.20 -18.09 37.03
C ASP B 24 -57.04 -17.50 35.62
N ASP B 25 -57.58 -16.29 35.39
CA ASP B 25 -57.42 -15.55 34.12
C ASP B 25 -56.03 -14.92 33.93
N ALA B 26 -55.28 -14.64 34.99
CA ALA B 26 -54.04 -13.86 34.95
C ALA B 26 -53.16 -14.16 36.17
N PRO B 27 -51.83 -13.92 36.12
CA PRO B 27 -50.92 -14.19 37.23
C PRO B 27 -51.20 -13.36 38.49
N ARG B 28 -51.19 -13.97 39.67
CA ARG B 28 -51.42 -13.27 40.95
C ARG B 28 -50.22 -12.45 41.39
N ALA B 29 -49.01 -12.92 41.11
CA ALA B 29 -47.75 -12.26 41.42
C ALA B 29 -46.97 -12.02 40.14
N VAL B 30 -46.66 -10.77 39.82
CA VAL B 30 -45.79 -10.38 38.70
C VAL B 30 -44.73 -9.44 39.24
N PHE B 31 -43.46 -9.82 39.16
CA PHE B 31 -42.39 -9.01 39.74
C PHE B 31 -41.05 -9.23 39.01
N PRO B 32 -40.08 -8.32 39.12
CA PRO B 32 -38.77 -8.50 38.51
C PRO B 32 -38.05 -9.77 38.97
N SER B 33 -37.42 -10.47 38.04
CA SER B 33 -36.62 -11.67 38.29
C SER B 33 -35.23 -11.29 38.81
N ILE B 34 -35.18 -10.53 39.92
CA ILE B 34 -33.97 -9.86 40.43
C ILE B 34 -33.73 -10.21 41.89
N VAL B 35 -32.48 -10.47 42.23
CA VAL B 35 -31.96 -10.44 43.59
C VAL B 35 -31.00 -9.25 43.72
N GLY B 36 -31.19 -8.43 44.76
CA GLY B 36 -30.37 -7.25 45.03
C GLY B 36 -29.64 -7.37 46.36
N ARG B 37 -28.38 -6.97 46.41
CA ARG B 37 -27.50 -7.04 47.60
C ARG B 37 -26.86 -5.67 47.85
N PRO B 38 -26.71 -5.21 49.10
CA PRO B 38 -26.22 -3.86 49.37
C PRO B 38 -24.77 -3.63 48.94
N ARG B 39 -24.48 -2.46 48.36
CA ARG B 39 -23.13 -2.03 47.96
C ARG B 39 -22.33 -1.48 49.13
N HIS B 40 -22.98 -0.68 49.96
CA HIS B 40 -22.39 0.10 51.05
C HIS B 40 -22.45 -0.63 52.39
N GLN B 41 -21.70 -0.16 53.39
CA GLN B 41 -21.84 -0.64 54.77
C GLN B 41 -22.98 0.10 55.50
N GLY B 42 -23.76 -0.62 56.30
CA GLY B 42 -24.80 -0.02 57.14
C GLY B 42 -24.16 0.73 58.31
N VAL B 43 -24.63 1.94 58.61
CA VAL B 43 -23.99 2.82 59.60
C VAL B 43 -24.83 3.11 60.83
N MET B 44 -26.16 3.14 60.75
CA MET B 44 -26.96 2.97 61.97
C MET B 44 -27.13 1.49 62.25
N VAL B 45 -26.35 1.01 63.23
CA VAL B 45 -26.49 -0.33 63.80
C VAL B 45 -27.69 -0.30 64.75
N GLY B 46 -28.88 -0.30 64.15
CA GLY B 46 -30.17 -0.15 64.82
C GLY B 46 -31.36 -0.55 63.94
N MET B 47 -31.16 -1.42 62.94
CA MET B 47 -32.17 -1.78 61.94
C MET B 47 -32.03 -3.25 61.54
N GLY B 48 -33.15 -3.85 61.13
CA GLY B 48 -33.16 -5.15 60.44
C GLY B 48 -32.88 -4.94 58.96
N GLN B 49 -31.62 -5.07 58.57
CA GLN B 49 -31.18 -5.00 57.18
C GLN B 49 -30.84 -6.41 56.69
N LYS B 50 -31.40 -6.81 55.56
CA LYS B 50 -31.26 -8.13 54.97
C LYS B 50 -29.88 -8.31 54.32
N ASP B 51 -29.45 -9.56 54.14
CA ASP B 51 -28.33 -9.87 53.24
C ASP B 51 -28.66 -9.53 51.78
N SER B 52 -29.94 -9.64 51.40
CA SER B 52 -30.45 -9.56 50.05
C SER B 52 -31.95 -9.29 50.02
N TYR B 53 -32.43 -8.78 48.90
CA TYR B 53 -33.81 -8.35 48.66
C TYR B 53 -34.25 -8.91 47.32
N VAL B 54 -35.53 -9.24 47.13
CA VAL B 54 -36.00 -9.89 45.90
C VAL B 54 -37.12 -9.09 45.23
N GLY B 55 -37.11 -9.01 43.91
CA GLY B 55 -38.21 -8.47 43.13
C GLY B 55 -38.57 -7.03 43.46
N ASP B 56 -39.79 -6.80 43.95
CA ASP B 56 -40.29 -5.47 44.29
C ASP B 56 -39.69 -4.91 45.59
N GLU B 57 -39.15 -5.75 46.49
CA GLU B 57 -38.32 -5.26 47.60
C GLU B 57 -37.07 -4.58 47.03
N ALA B 58 -36.38 -5.26 46.12
CA ALA B 58 -35.15 -4.81 45.50
C ALA B 58 -35.34 -3.59 44.61
N GLN B 59 -36.41 -3.48 43.82
CA GLN B 59 -36.67 -2.23 43.07
C GLN B 59 -36.88 -1.02 43.99
N SER B 60 -37.52 -1.19 45.16
CA SER B 60 -37.73 -0.08 46.08
C SER B 60 -36.42 0.40 46.73
N LYS B 61 -35.48 -0.52 46.97
CA LYS B 61 -34.18 -0.29 47.62
C LYS B 61 -33.06 0.09 46.65
N ARG B 62 -33.28 0.03 45.33
CA ARG B 62 -32.19 -0.15 44.34
C ARG B 62 -31.08 0.90 44.34
N GLY B 63 -31.27 2.09 44.87
CA GLY B 63 -30.19 3.07 44.98
C GLY B 63 -29.02 2.62 45.85
N ILE B 64 -29.27 1.82 46.89
CA ILE B 64 -28.24 1.24 47.76
C ILE B 64 -27.80 -0.17 47.36
N LEU B 65 -28.55 -0.87 46.51
CA LEU B 65 -28.25 -2.24 46.10
C LEU B 65 -27.46 -2.31 44.80
N THR B 66 -26.81 -3.44 44.56
CA THR B 66 -26.41 -3.93 43.23
C THR B 66 -27.38 -5.04 42.84
N LEU B 67 -27.99 -4.93 41.66
CA LEU B 67 -29.07 -5.81 41.20
C LEU B 67 -28.53 -6.84 40.22
N LYS B 68 -28.85 -8.11 40.42
CA LYS B 68 -28.44 -9.21 39.55
C LYS B 68 -29.62 -10.09 39.18
N TYR B 69 -29.69 -10.45 37.91
CA TYR B 69 -30.66 -11.40 37.39
C TYR B 69 -30.03 -12.81 37.40
N PRO B 70 -30.61 -13.82 38.07
CA PRO B 70 -30.10 -15.19 38.00
C PRO B 70 -30.33 -15.86 36.66
N ILE B 71 -31.31 -15.41 35.88
CA ILE B 71 -31.57 -15.91 34.53
C ILE B 71 -31.00 -14.93 33.51
N GLU B 72 -30.20 -15.42 32.58
CA GLU B 72 -29.67 -14.68 31.43
C GLU B 72 -29.84 -15.51 30.16
N HIS B 73 -30.42 -14.94 29.10
CA HIS B 73 -30.80 -15.66 27.89
C HIS B 73 -31.62 -16.94 28.14
N GLY B 74 -32.53 -16.91 29.12
CA GLY B 74 -33.40 -18.04 29.45
C GLY B 74 -32.71 -19.18 30.19
N ILE B 75 -31.44 -19.03 30.56
CA ILE B 75 -30.65 -20.02 31.29
C ILE B 75 -30.44 -19.52 32.72
N ILE B 76 -30.72 -20.34 33.73
CA ILE B 76 -30.46 -20.00 35.13
C ILE B 76 -28.96 -20.11 35.39
N THR B 77 -28.29 -18.97 35.39
CA THR B 77 -26.83 -18.84 35.57
C THR B 77 -26.39 -18.87 37.03
N ASN B 78 -27.22 -18.39 37.96
CA ASN B 78 -26.98 -18.50 39.39
C ASN B 78 -28.12 -19.24 40.08
N TRP B 79 -27.82 -20.40 40.65
CA TRP B 79 -28.84 -21.27 41.25
C TRP B 79 -29.17 -20.91 42.70
N ASP B 80 -28.29 -20.23 43.43
CA ASP B 80 -28.63 -19.75 44.78
C ASP B 80 -29.63 -18.60 44.69
N ASP B 81 -29.38 -17.64 43.81
CA ASP B 81 -30.29 -16.51 43.57
C ASP B 81 -31.61 -16.97 42.97
N MET B 82 -31.64 -18.00 42.12
CA MET B 82 -32.89 -18.57 41.64
C MET B 82 -33.70 -19.26 42.76
N GLU B 83 -33.08 -20.01 43.66
CA GLU B 83 -33.78 -20.53 44.84
C GLU B 83 -34.30 -19.42 45.74
N LYS B 84 -33.58 -18.31 45.92
CA LYS B 84 -34.09 -17.13 46.65
C LYS B 84 -35.32 -16.53 45.98
N ILE B 85 -35.35 -16.50 44.65
CA ILE B 85 -36.51 -16.05 43.88
C ILE B 85 -37.68 -17.01 44.02
N TRP B 86 -37.49 -18.32 43.88
CA TRP B 86 -38.58 -19.29 44.06
C TRP B 86 -39.12 -19.30 45.49
N HIS B 87 -38.26 -19.23 46.51
CA HIS B 87 -38.69 -19.07 47.89
C HIS B 87 -39.55 -17.81 48.07
N HIS B 88 -39.10 -16.66 47.55
CA HIS B 88 -39.90 -15.43 47.55
C HIS B 88 -41.23 -15.64 46.82
N THR B 89 -41.22 -16.24 45.64
CA THR B 89 -42.43 -16.52 44.85
C THR B 89 -43.45 -17.32 45.65
N PHE B 90 -43.04 -18.38 46.32
CA PHE B 90 -43.96 -19.22 47.10
C PHE B 90 -44.31 -18.61 48.45
N TYR B 91 -43.33 -18.31 49.30
CA TYR B 91 -43.54 -17.88 50.67
C TYR B 91 -44.09 -16.44 50.77
N ASN B 92 -43.54 -15.50 50.03
CA ASN B 92 -43.89 -14.08 50.14
C ASN B 92 -45.01 -13.66 49.18
N GLU B 93 -44.92 -14.05 47.91
CA GLU B 93 -45.79 -13.50 46.85
C GLU B 93 -47.10 -14.26 46.66
N LEU B 94 -47.04 -15.56 46.38
CA LEU B 94 -48.23 -16.41 46.30
C LEU B 94 -48.78 -16.77 47.67
N ARG B 95 -47.89 -16.90 48.66
CA ARG B 95 -48.15 -17.31 50.04
C ARG B 95 -48.76 -18.71 50.14
N VAL B 96 -48.06 -19.67 49.55
CA VAL B 96 -48.41 -21.09 49.43
C VAL B 96 -47.32 -21.98 50.00
N ALA B 97 -47.67 -23.17 50.48
CA ALA B 97 -46.70 -24.24 50.63
C ALA B 97 -46.58 -24.96 49.28
N PRO B 98 -45.43 -24.93 48.59
CA PRO B 98 -45.27 -25.61 47.30
C PRO B 98 -45.32 -27.14 47.44
N GLU B 99 -45.10 -27.69 48.64
CA GLU B 99 -45.32 -29.09 49.00
C GLU B 99 -46.75 -29.59 48.72
N GLU B 100 -47.73 -28.70 48.57
CA GLU B 100 -49.14 -29.03 48.38
C GLU B 100 -49.65 -28.80 46.95
N HIS B 101 -48.83 -28.28 46.03
CA HIS B 101 -49.25 -27.88 44.68
C HIS B 101 -48.36 -28.45 43.59
N PRO B 102 -48.90 -29.10 42.55
CA PRO B 102 -48.11 -29.46 41.38
C PRO B 102 -47.71 -28.18 40.63
N THR B 103 -46.44 -28.04 40.25
CA THR B 103 -45.93 -26.77 39.70
C THR B 103 -45.58 -26.91 38.23
N LEU B 104 -46.24 -26.14 37.37
CA LEU B 104 -45.89 -25.99 35.97
C LEU B 104 -44.87 -24.87 35.82
N LEU B 105 -43.68 -25.23 35.36
CA LEU B 105 -42.65 -24.30 34.96
C LEU B 105 -42.64 -24.17 33.45
N THR B 106 -41.90 -23.19 32.95
CA THR B 106 -41.79 -22.90 31.53
C THR B 106 -40.33 -22.75 31.14
N GLU B 107 -40.01 -22.93 29.86
CA GLU B 107 -38.65 -22.78 29.36
C GLU B 107 -38.61 -22.37 27.89
N ALA B 108 -37.56 -21.69 27.45
CA ALA B 108 -37.28 -21.53 26.03
C ALA B 108 -36.93 -22.89 25.39
N PRO B 109 -37.19 -23.10 24.09
CA PRO B 109 -36.67 -24.24 23.36
C PRO B 109 -35.16 -24.09 23.14
N LEU B 110 -34.48 -25.20 22.83
CA LEU B 110 -33.03 -25.22 22.58
C LEU B 110 -32.19 -24.71 23.78
N ASN B 111 -32.69 -24.89 25.00
CA ASN B 111 -31.96 -24.63 26.24
C ASN B 111 -31.00 -25.78 26.56
N PRO B 112 -29.92 -25.56 27.35
CA PRO B 112 -29.11 -26.62 27.92
C PRO B 112 -29.97 -27.62 28.70
N LYS B 113 -29.77 -28.92 28.53
CA LYS B 113 -30.55 -29.95 29.25
C LYS B 113 -30.37 -29.89 30.76
N ALA B 114 -29.20 -29.46 31.23
CA ALA B 114 -28.91 -29.23 32.64
C ALA B 114 -29.85 -28.21 33.30
N ASN B 115 -30.44 -27.28 32.54
CA ASN B 115 -31.36 -26.27 33.05
C ASN B 115 -32.70 -26.88 33.49
N ARG B 116 -33.27 -27.85 32.75
CA ARG B 116 -34.45 -28.62 33.18
C ARG B 116 -34.16 -29.56 34.33
N GLU B 117 -33.03 -30.26 34.28
CA GLU B 117 -32.67 -31.18 35.34
C GLU B 117 -32.47 -30.46 36.66
N LYS B 118 -31.85 -29.28 36.69
CA LYS B 118 -31.70 -28.51 37.92
C LYS B 118 -33.01 -27.86 38.36
N MET B 119 -33.88 -27.41 37.46
CA MET B 119 -35.24 -27.01 37.84
C MET B 119 -35.97 -28.18 38.49
N THR B 120 -35.88 -29.37 37.91
CA THR B 120 -36.49 -30.59 38.43
C THR B 120 -35.96 -30.96 39.80
N GLN B 121 -34.65 -31.04 39.95
CA GLN B 121 -34.00 -31.37 41.19
C GLN B 121 -34.32 -30.37 42.29
N ILE B 122 -34.29 -29.07 42.01
CA ILE B 122 -34.64 -28.05 42.99
C ILE B 122 -36.13 -28.11 43.36
N MET B 123 -37.06 -28.30 42.42
CA MET B 123 -38.46 -28.47 42.78
C MET B 123 -38.69 -29.67 43.68
N PHE B 124 -38.14 -30.85 43.38
CA PHE B 124 -38.41 -32.02 44.20
C PHE B 124 -37.58 -32.12 45.48
N GLU B 125 -36.32 -31.67 45.49
CA GLU B 125 -35.45 -31.76 46.66
C GLU B 125 -35.58 -30.56 47.60
N THR B 126 -35.68 -29.33 47.08
CA THR B 126 -35.75 -28.12 47.90
C THR B 126 -37.19 -27.79 48.26
N PHE B 127 -38.05 -27.59 47.26
CA PHE B 127 -39.43 -27.16 47.49
C PHE B 127 -40.40 -28.32 47.77
N ASN B 128 -39.96 -29.57 47.66
CA ASN B 128 -40.76 -30.79 47.89
C ASN B 128 -42.10 -30.81 47.13
N VAL B 129 -42.12 -30.22 45.94
CA VAL B 129 -43.26 -30.19 45.03
C VAL B 129 -43.78 -31.62 44.78
N PRO B 130 -45.09 -31.90 44.80
CA PRO B 130 -45.62 -33.25 44.65
C PRO B 130 -45.50 -33.80 43.22
N ALA B 131 -45.64 -32.91 42.24
CA ALA B 131 -45.49 -33.19 40.83
C ALA B 131 -45.12 -31.93 40.04
N MET B 132 -44.44 -32.05 38.91
CA MET B 132 -43.80 -30.91 38.26
C MET B 132 -43.76 -31.13 36.74
N TYR B 133 -43.71 -30.07 35.95
CA TYR B 133 -43.62 -30.19 34.50
C TYR B 133 -42.90 -28.96 33.96
N VAL B 134 -42.22 -29.07 32.83
CA VAL B 134 -41.57 -27.94 32.18
C VAL B 134 -42.11 -27.81 30.75
N ALA B 135 -42.97 -26.83 30.52
CA ALA B 135 -43.55 -26.56 29.20
C ALA B 135 -42.68 -25.63 28.36
N ILE B 136 -42.66 -25.79 27.04
CA ILE B 136 -41.98 -24.84 26.15
C ILE B 136 -42.82 -23.57 25.99
N GLN B 137 -42.23 -22.41 26.23
CA GLN B 137 -42.93 -21.12 26.37
C GLN B 137 -43.79 -20.72 25.16
N ALA B 138 -43.34 -20.92 23.92
CA ALA B 138 -44.13 -20.53 22.76
C ALA B 138 -45.28 -21.49 22.45
N VAL B 139 -45.22 -22.74 22.90
CA VAL B 139 -46.35 -23.67 22.83
C VAL B 139 -47.48 -23.21 23.75
N LEU B 140 -47.15 -22.58 24.88
CA LEU B 140 -48.16 -22.07 25.81
C LEU B 140 -48.98 -20.93 25.22
N SER B 141 -48.37 -19.96 24.54
CA SER B 141 -49.07 -18.86 23.87
C SER B 141 -50.09 -19.30 22.81
N LEU B 142 -50.07 -20.54 22.31
CA LEU B 142 -51.17 -21.06 21.51
C LEU B 142 -52.38 -21.47 22.34
N TYR B 143 -52.24 -22.03 23.54
CA TYR B 143 -53.41 -22.32 24.38
C TYR B 143 -54.17 -21.03 24.72
N ALA B 144 -53.45 -19.94 24.99
CA ALA B 144 -54.02 -18.62 25.20
C ALA B 144 -54.71 -18.05 23.95
N SER B 145 -54.26 -18.42 22.75
CA SER B 145 -54.81 -17.93 21.48
C SER B 145 -56.06 -18.68 21.02
N GLY B 146 -56.38 -19.84 21.58
CA GLY B 146 -57.49 -20.68 21.11
C GLY B 146 -57.25 -21.29 19.74
N ARG B 147 -56.00 -21.66 19.45
CA ARG B 147 -55.53 -22.15 18.14
C ARG B 147 -54.68 -23.40 18.30
N THR B 148 -54.90 -24.40 17.46
CA THR B 148 -53.99 -25.55 17.28
C THR B 148 -52.87 -25.25 16.29
N THR B 149 -53.04 -24.26 15.42
CA THR B 149 -52.13 -23.92 14.33
C THR B 149 -51.70 -22.47 14.43
N GLY B 150 -50.43 -22.23 14.16
CA GLY B 150 -49.86 -20.90 14.09
C GLY B 150 -48.35 -20.97 14.23
N ILE B 151 -47.67 -19.93 13.81
CA ILE B 151 -46.28 -19.74 14.18
C ILE B 151 -46.26 -18.70 15.29
N VAL B 152 -45.52 -18.97 16.35
CA VAL B 152 -45.48 -18.08 17.51
C VAL B 152 -44.11 -17.43 17.62
N LEU B 153 -44.06 -16.12 17.52
CA LEU B 153 -42.91 -15.32 17.93
C LEU B 153 -43.09 -14.95 19.41
N ASP B 154 -42.28 -15.51 20.29
CA ASP B 154 -42.25 -15.11 21.70
C ASP B 154 -40.95 -14.36 22.01
N SER B 155 -41.00 -13.17 22.59
CA SER B 155 -39.80 -12.45 23.06
C SER B 155 -39.92 -11.95 24.47
N GLY B 156 -38.98 -12.34 25.33
CA GLY B 156 -38.91 -11.93 26.73
C GLY B 156 -37.77 -10.98 27.01
N ASP B 157 -37.22 -10.99 28.21
CA ASP B 157 -36.06 -10.16 28.52
C ASP B 157 -34.77 -10.72 27.89
N GLY B 158 -34.66 -12.03 27.65
CA GLY B 158 -33.39 -12.65 27.23
C GLY B 158 -33.41 -13.51 25.98
N VAL B 159 -34.58 -13.94 25.50
CA VAL B 159 -34.72 -14.84 24.34
C VAL B 159 -35.82 -14.35 23.41
N THR B 160 -35.60 -14.42 22.10
CA THR B 160 -36.65 -14.41 21.09
C THR B 160 -36.70 -15.77 20.40
N HIS B 161 -37.85 -16.43 20.34
CA HIS B 161 -37.96 -17.75 19.71
C HIS B 161 -39.22 -17.87 18.87
N ASN B 162 -39.15 -18.75 17.88
CA ASN B 162 -40.10 -18.86 16.79
C ASN B 162 -40.46 -20.33 16.64
N VAL B 163 -41.61 -20.74 17.16
CA VAL B 163 -42.06 -22.14 17.15
C VAL B 163 -43.26 -22.28 16.22
N PRO B 164 -43.16 -23.02 15.11
CA PRO B 164 -44.27 -23.31 14.22
C PRO B 164 -45.00 -24.57 14.68
N ILE B 165 -46.32 -24.49 14.77
CA ILE B 165 -47.17 -25.60 15.21
C ILE B 165 -48.31 -25.70 14.20
N TYR B 166 -48.59 -26.90 13.71
CA TYR B 166 -49.71 -27.16 12.81
C TYR B 166 -50.58 -28.27 13.35
N GLU B 167 -51.87 -27.99 13.48
CA GLU B 167 -52.88 -28.93 13.94
C GLU B 167 -52.50 -29.67 15.23
N GLY B 168 -51.76 -28.99 16.12
CA GLY B 168 -51.30 -29.53 17.40
C GLY B 168 -49.94 -30.22 17.39
N TYR B 169 -49.24 -30.29 16.25
CA TYR B 169 -47.90 -30.85 16.16
C TYR B 169 -46.88 -29.73 16.04
N ALA B 170 -45.88 -29.70 16.91
CA ALA B 170 -44.72 -28.83 16.74
C ALA B 170 -43.76 -29.44 15.73
N LEU B 171 -43.08 -28.62 14.94
CA LEU B 171 -42.05 -29.05 13.99
C LEU B 171 -40.65 -28.65 14.51
N PRO B 172 -39.99 -29.48 15.35
CA PRO B 172 -38.81 -29.05 16.12
C PRO B 172 -37.56 -28.75 15.31
N HIS B 173 -37.48 -29.15 14.04
CA HIS B 173 -36.41 -28.73 13.13
C HIS B 173 -36.59 -27.29 12.62
N ALA B 174 -37.82 -26.76 12.68
CA ALA B 174 -38.18 -25.44 12.20
C ALA B 174 -38.22 -24.40 13.32
N ILE B 175 -38.04 -24.82 14.57
CA ILE B 175 -37.92 -23.94 15.73
C ILE B 175 -36.65 -23.11 15.60
N MET B 176 -36.80 -21.80 15.59
CA MET B 176 -35.71 -20.83 15.54
C MET B 176 -35.53 -20.20 16.91
N ARG B 177 -34.29 -19.94 17.32
CA ARG B 177 -33.98 -19.21 18.55
C ARG B 177 -32.95 -18.13 18.27
N LEU B 178 -33.20 -16.97 18.85
CA LEU B 178 -32.42 -15.76 18.75
C LEU B 178 -32.15 -15.24 20.16
N ASP B 179 -30.91 -15.30 20.64
CA ASP B 179 -30.52 -14.74 21.94
C ASP B 179 -30.40 -13.20 21.84
N LEU B 180 -31.50 -12.54 21.51
CA LEU B 180 -31.69 -11.10 21.41
C LEU B 180 -33.13 -10.79 21.81
N ALA B 181 -33.33 -10.17 22.96
CA ALA B 181 -34.61 -9.62 23.35
C ALA B 181 -34.42 -8.49 24.35
N GLY B 182 -35.28 -8.36 25.36
CA GLY B 182 -35.51 -7.10 26.04
C GLY B 182 -34.31 -6.47 26.74
N ARG B 183 -33.42 -7.26 27.34
CA ARG B 183 -32.22 -6.80 28.03
C ARG B 183 -31.17 -6.32 27.03
N ASP B 184 -31.09 -6.96 25.88
CA ASP B 184 -30.24 -6.52 24.77
C ASP B 184 -30.68 -5.16 24.23
N LEU B 185 -31.98 -4.97 24.00
CA LEU B 185 -32.54 -3.67 23.63
C LEU B 185 -32.37 -2.61 24.71
N THR B 186 -32.28 -2.98 25.97
CA THR B 186 -32.06 -2.03 27.07
C THR B 186 -30.60 -1.60 27.12
N ASP B 187 -29.68 -2.55 27.00
CA ASP B 187 -28.25 -2.27 26.93
C ASP B 187 -27.89 -1.41 25.72
N TYR B 188 -28.54 -1.65 24.58
CA TYR B 188 -28.40 -0.77 23.43
C TYR B 188 -29.04 0.60 23.61
N LEU B 189 -30.17 0.73 24.30
CA LEU B 189 -30.69 2.05 24.65
C LEU B 189 -29.74 2.79 25.60
N MET B 190 -29.12 2.15 26.60
CA MET B 190 -28.09 2.81 27.42
C MET B 190 -26.93 3.31 26.56
N LYS B 191 -26.51 2.54 25.55
CA LYS B 191 -25.45 2.95 24.61
C LYS B 191 -25.90 4.14 23.78
N ILE B 192 -27.05 4.06 23.13
CA ILE B 192 -27.65 5.16 22.37
C ILE B 192 -27.83 6.43 23.21
N LEU B 193 -28.27 6.33 24.47
CA LEU B 193 -28.53 7.50 25.31
C LEU B 193 -27.26 8.34 25.55
N THR B 194 -26.08 7.72 25.49
CA THR B 194 -24.80 8.46 25.57
C THR B 194 -24.67 9.52 24.47
N GLU B 195 -25.32 9.39 23.31
CA GLU B 195 -25.23 10.35 22.21
C GLU B 195 -25.78 11.73 22.58
N ARG B 196 -26.73 11.82 23.52
CA ARG B 196 -27.24 13.08 24.07
C ARG B 196 -26.59 13.47 25.39
N GLY B 197 -25.61 12.69 25.86
CA GLY B 197 -24.86 12.91 27.08
C GLY B 197 -25.51 12.34 28.34
N TYR B 198 -26.61 11.60 28.23
CA TYR B 198 -27.21 10.93 29.36
C TYR B 198 -26.44 9.65 29.65
N SER B 199 -25.64 9.64 30.73
CA SER B 199 -24.82 8.48 31.08
C SER B 199 -25.49 7.62 32.14
N PHE B 200 -25.87 6.42 31.77
CA PHE B 200 -26.44 5.38 32.64
C PHE B 200 -25.46 4.20 32.66
N VAL B 201 -25.00 3.75 33.83
CA VAL B 201 -23.99 2.69 33.90
C VAL B 201 -24.21 1.67 35.02
N THR B 202 -24.78 2.08 36.15
CA THR B 202 -25.08 1.19 37.28
C THR B 202 -26.23 0.24 36.97
N THR B 203 -26.34 -0.86 37.70
CA THR B 203 -27.44 -1.81 37.55
C THR B 203 -28.80 -1.21 37.89
N ALA B 204 -28.86 -0.18 38.75
CA ALA B 204 -30.06 0.58 39.02
C ALA B 204 -30.43 1.54 37.88
N GLU B 205 -29.45 2.18 37.25
CA GLU B 205 -29.66 2.99 36.06
C GLU B 205 -30.09 2.17 34.85
N ARG B 206 -29.69 0.90 34.72
CA ARG B 206 -30.25 -0.04 33.74
C ARG B 206 -31.76 -0.19 33.92
N GLU B 207 -32.27 -0.13 35.15
CA GLU B 207 -33.71 -0.17 35.43
C GLU B 207 -34.41 1.16 35.17
N ILE B 208 -33.71 2.30 35.25
CA ILE B 208 -34.24 3.59 34.80
C ILE B 208 -34.40 3.56 33.28
N VAL B 209 -33.38 3.13 32.54
CA VAL B 209 -33.43 3.03 31.08
C VAL B 209 -34.42 1.97 30.59
N ARG B 210 -34.64 0.89 31.35
CA ARG B 210 -35.69 -0.07 31.06
C ARG B 210 -37.07 0.59 31.10
N ASP B 211 -37.34 1.48 32.04
CA ASP B 211 -38.59 2.24 32.08
C ASP B 211 -38.71 3.23 30.92
N ILE B 212 -37.63 3.84 30.45
CA ILE B 212 -37.66 4.75 29.28
C ILE B 212 -38.07 3.98 28.03
N LYS B 213 -37.49 2.81 27.81
CA LYS B 213 -37.82 1.89 26.71
C LYS B 213 -39.28 1.46 26.74
N GLU B 214 -39.80 1.12 27.91
CA GLU B 214 -41.19 0.69 28.09
C GLU B 214 -42.22 1.81 27.85
N LYS B 215 -41.83 3.07 28.00
CA LYS B 215 -42.74 4.22 27.90
C LYS B 215 -42.64 4.96 26.57
N LEU B 216 -41.42 5.24 26.11
CA LEU B 216 -41.20 6.13 24.96
C LEU B 216 -40.94 5.41 23.64
N CYS B 217 -40.39 4.22 23.64
CA CYS B 217 -39.99 3.57 22.41
C CYS B 217 -41.16 2.95 21.63
N TYR B 218 -41.05 2.93 20.31
CA TYR B 218 -42.02 2.39 19.36
C TYR B 218 -41.30 1.83 18.13
N VAL B 219 -42.00 1.11 17.25
CA VAL B 219 -41.39 0.56 16.02
C VAL B 219 -41.79 1.42 14.82
N ALA B 220 -40.79 1.85 14.05
CA ALA B 220 -40.99 2.59 12.80
C ALA B 220 -41.60 1.71 11.70
N LEU B 221 -42.64 2.16 10.99
CA LEU B 221 -43.21 1.42 9.86
C LEU B 221 -42.27 1.44 8.65
N ASP B 222 -41.68 2.58 8.35
CA ASP B 222 -40.50 2.71 7.49
C ASP B 222 -39.42 3.42 8.28
N PHE B 223 -38.31 2.73 8.56
CA PHE B 223 -37.28 3.24 9.45
C PHE B 223 -36.53 4.44 8.88
N GLU B 224 -36.22 4.44 7.59
CA GLU B 224 -35.51 5.55 6.97
C GLU B 224 -36.37 6.81 6.83
N ASN B 225 -37.68 6.65 6.64
CA ASN B 225 -38.63 7.75 6.67
C ASN B 225 -38.84 8.28 8.10
N GLU B 226 -38.82 7.44 9.14
CA GLU B 226 -38.81 7.96 10.51
C GLU B 226 -37.50 8.68 10.81
N MET B 227 -36.34 8.14 10.42
CA MET B 227 -35.06 8.85 10.56
C MET B 227 -35.11 10.21 9.85
N ALA B 228 -35.61 10.27 8.62
CA ALA B 228 -35.79 11.52 7.89
C ALA B 228 -36.75 12.49 8.58
N THR B 229 -37.78 11.98 9.26
CA THR B 229 -38.75 12.79 10.01
C THR B 229 -38.15 13.33 11.30
N ALA B 230 -37.31 12.56 11.98
CA ALA B 230 -36.59 12.96 13.19
C ALA B 230 -35.41 13.90 12.91
N ALA B 231 -34.78 13.81 11.74
CA ALA B 231 -33.73 14.74 11.33
C ALA B 231 -34.27 16.15 10.98
N SER B 232 -35.52 16.23 10.49
CA SER B 232 -36.12 17.45 9.95
C SER B 232 -37.15 18.12 10.86
N SER B 233 -37.43 17.57 12.03
CA SER B 233 -38.40 18.13 13.00
C SER B 233 -38.19 17.60 14.43
N SER B 234 -38.78 18.26 15.42
CA SER B 234 -38.96 17.73 16.78
C SER B 234 -40.30 16.99 16.98
N SER B 235 -41.06 16.70 15.91
CA SER B 235 -42.39 16.09 16.02
C SER B 235 -42.38 14.66 16.59
N LEU B 236 -41.24 13.97 16.50
CA LEU B 236 -41.01 12.64 17.09
C LEU B 236 -40.31 12.69 18.45
N GLU B 237 -39.93 13.86 18.97
CA GLU B 237 -39.30 13.95 20.29
C GLU B 237 -40.31 13.87 21.43
N LYS B 238 -39.94 13.15 22.49
CA LYS B 238 -40.67 13.00 23.75
C LYS B 238 -39.70 13.16 24.90
N SER B 239 -40.20 13.31 26.12
CA SER B 239 -39.40 13.61 27.30
C SER B 239 -39.81 12.77 28.50
N TYR B 240 -38.91 12.68 29.49
CA TYR B 240 -38.98 11.74 30.59
C TYR B 240 -38.33 12.34 31.83
N GLU B 241 -39.10 12.53 32.89
CA GLU B 241 -38.54 12.93 34.17
C GLU B 241 -37.89 11.74 34.89
N LEU B 242 -36.58 11.82 35.10
CA LEU B 242 -35.78 10.87 35.85
C LEU B 242 -36.09 10.91 37.35
N PRO B 243 -35.70 9.90 38.15
CA PRO B 243 -36.10 9.80 39.56
C PRO B 243 -35.77 11.02 40.43
N ASP B 244 -34.70 11.74 40.13
CA ASP B 244 -34.27 12.94 40.85
C ASP B 244 -34.75 14.26 40.23
N GLY B 245 -35.70 14.21 39.29
CA GLY B 245 -36.37 15.40 38.76
C GLY B 245 -35.72 16.02 37.52
N GLN B 246 -34.63 15.43 36.99
CA GLN B 246 -34.03 15.84 35.73
C GLN B 246 -34.87 15.36 34.55
N VAL B 247 -35.18 16.23 33.59
CA VAL B 247 -35.92 15.83 32.38
C VAL B 247 -34.96 15.42 31.27
N ILE B 248 -35.01 14.15 30.88
CA ILE B 248 -34.51 13.64 29.60
C ILE B 248 -35.41 14.11 28.45
N THR B 249 -34.84 14.44 27.30
CA THR B 249 -35.57 14.54 26.02
C THR B 249 -34.92 13.64 25.00
N ILE B 250 -35.71 12.93 24.21
CA ILE B 250 -35.30 11.81 23.35
C ILE B 250 -36.06 11.86 22.03
N GLY B 251 -35.43 11.45 20.94
CA GLY B 251 -35.91 11.53 19.56
C GLY B 251 -35.74 10.20 18.85
N ASN B 252 -34.99 10.12 17.76
CA ASN B 252 -34.82 8.85 17.02
C ASN B 252 -34.30 7.68 17.85
N GLU B 253 -33.69 7.93 19.01
CA GLU B 253 -33.28 6.92 19.97
C GLU B 253 -34.45 5.99 20.33
N ARG B 254 -35.67 6.52 20.26
CA ARG B 254 -36.90 5.81 20.63
C ARG B 254 -37.45 4.86 19.57
N PHE B 255 -36.91 4.85 18.37
CA PHE B 255 -37.20 3.80 17.39
C PHE B 255 -35.94 3.07 16.94
N ARG B 256 -34.74 3.67 17.06
CA ARG B 256 -33.48 2.96 16.90
C ARG B 256 -33.27 1.84 17.91
N CYS B 257 -33.72 1.98 19.15
CA CYS B 257 -33.70 0.88 20.11
C CYS B 257 -34.53 -0.33 19.60
N PRO B 258 -35.85 -0.25 19.39
CA PRO B 258 -36.64 -1.36 18.84
C PRO B 258 -36.22 -1.85 17.46
N GLU B 259 -35.66 -1.02 16.58
CA GLU B 259 -35.22 -1.44 15.26
C GLU B 259 -34.20 -2.56 15.31
N THR B 260 -33.44 -2.70 16.39
CA THR B 260 -32.53 -3.81 16.63
C THR B 260 -33.21 -5.19 16.55
N LEU B 261 -34.53 -5.27 16.72
CA LEU B 261 -35.30 -6.51 16.48
C LEU B 261 -35.35 -6.86 15.00
N PHE B 262 -35.42 -5.86 14.12
CA PHE B 262 -35.45 -6.02 12.67
C PHE B 262 -34.06 -5.88 12.06
N GLN B 263 -33.09 -5.36 12.82
CA GLN B 263 -31.70 -5.13 12.43
C GLN B 263 -30.74 -5.51 13.57
N PRO B 264 -30.55 -6.81 13.87
CA PRO B 264 -29.63 -7.26 14.92
C PRO B 264 -28.19 -6.75 14.81
N SER B 265 -27.76 -6.35 13.62
CA SER B 265 -26.46 -5.72 13.38
C SER B 265 -26.26 -4.39 14.12
N PHE B 266 -27.33 -3.73 14.61
CA PHE B 266 -27.22 -2.54 15.46
C PHE B 266 -26.52 -2.82 16.79
N ILE B 267 -26.74 -3.98 17.39
CA ILE B 267 -26.06 -4.45 18.61
C ILE B 267 -24.88 -5.38 18.29
N GLY B 268 -24.47 -5.46 17.02
CA GLY B 268 -23.28 -6.18 16.56
C GLY B 268 -23.49 -7.65 16.21
N MET B 269 -24.72 -8.16 16.22
CA MET B 269 -25.04 -9.54 15.88
C MET B 269 -25.17 -9.78 14.38
N GLU B 270 -24.82 -10.98 13.94
CA GLU B 270 -24.89 -11.40 12.54
C GLU B 270 -26.28 -11.90 12.12
N SER B 271 -27.16 -12.21 13.07
CA SER B 271 -28.45 -12.87 12.85
C SER B 271 -29.38 -12.09 11.93
N ALA B 272 -30.29 -12.81 11.27
CA ALA B 272 -31.44 -12.21 10.61
C ALA B 272 -32.40 -11.57 11.62
N GLY B 273 -33.19 -10.57 11.22
CA GLY B 273 -34.17 -9.94 12.12
C GLY B 273 -35.32 -10.87 12.49
N ILE B 274 -36.22 -10.44 13.39
CA ILE B 274 -37.39 -11.23 13.78
C ILE B 274 -38.36 -11.50 12.62
N HIS B 275 -38.43 -10.64 11.60
CA HIS B 275 -39.26 -10.84 10.40
C HIS B 275 -38.69 -11.93 9.49
N GLU B 276 -37.39 -11.89 9.22
CA GLU B 276 -36.70 -12.93 8.46
C GLU B 276 -36.71 -14.24 9.21
N THR B 277 -36.47 -14.24 10.51
CA THR B 277 -36.47 -15.45 11.33
C THR B 277 -37.84 -16.11 11.32
N THR B 278 -38.91 -15.33 11.38
CA THR B 278 -40.28 -15.84 11.27
C THR B 278 -40.53 -16.42 9.89
N TYR B 279 -40.22 -15.72 8.81
CA TYR B 279 -40.35 -16.25 7.45
C TYR B 279 -39.52 -17.52 7.23
N ASN B 280 -38.26 -17.54 7.67
CA ASN B 280 -37.39 -18.70 7.52
C ASN B 280 -37.89 -19.91 8.29
N SER B 281 -38.54 -19.72 9.44
CA SER B 281 -39.19 -20.79 10.20
C SER B 281 -40.43 -21.34 9.48
N ILE B 282 -41.22 -20.49 8.82
CA ILE B 282 -42.30 -20.96 7.94
C ILE B 282 -41.73 -21.73 6.75
N MET B 283 -40.66 -21.27 6.12
CA MET B 283 -40.09 -21.94 4.96
C MET B 283 -39.40 -23.28 5.25
N LYS B 284 -39.20 -23.64 6.52
CA LYS B 284 -38.73 -24.97 6.96
C LYS B 284 -39.86 -26.01 7.07
N CYS B 285 -41.11 -25.62 6.83
CA CYS B 285 -42.29 -26.43 7.07
C CYS B 285 -42.86 -27.15 5.82
N ASP B 286 -43.89 -27.97 5.99
CA ASP B 286 -44.42 -28.94 5.01
C ASP B 286 -45.34 -28.33 3.93
N ILE B 287 -46.14 -29.16 3.22
CA ILE B 287 -46.97 -28.78 2.06
C ILE B 287 -48.12 -27.83 2.38
N ASP B 288 -49.28 -28.30 2.81
CA ASP B 288 -50.45 -27.43 3.03
C ASP B 288 -50.23 -26.39 4.13
N ILE B 289 -49.20 -26.54 4.95
CA ILE B 289 -49.08 -25.84 6.23
C ILE B 289 -48.48 -24.44 6.14
N ARG B 290 -47.77 -24.06 5.07
CA ARG B 290 -47.18 -22.71 4.95
C ARG B 290 -48.26 -21.63 4.98
N LYS B 291 -49.33 -21.80 4.21
CA LYS B 291 -50.48 -20.89 4.13
C LYS B 291 -51.13 -20.62 5.47
N ASP B 292 -51.35 -21.67 6.27
CA ASP B 292 -51.98 -21.54 7.57
C ASP B 292 -51.04 -20.94 8.63
N LEU B 293 -49.72 -21.11 8.52
CA LEU B 293 -48.80 -20.39 9.40
C LEU B 293 -48.83 -18.88 9.11
N TYR B 294 -48.80 -18.43 7.86
CA TYR B 294 -48.86 -17.00 7.54
C TYR B 294 -50.11 -16.33 8.10
N ALA B 295 -51.25 -17.02 8.10
CA ALA B 295 -52.54 -16.49 8.55
C ALA B 295 -52.76 -16.59 10.07
N ASN B 296 -51.80 -17.14 10.82
CA ASN B 296 -51.87 -17.39 12.26
C ASN B 296 -50.52 -17.07 12.89
N ASN B 297 -49.98 -15.90 12.58
CA ASN B 297 -48.66 -15.48 13.00
C ASN B 297 -48.73 -14.79 14.37
N VAL B 298 -48.78 -15.58 15.45
CA VAL B 298 -49.00 -15.13 16.84
C VAL B 298 -47.75 -14.45 17.42
N MET B 299 -47.93 -13.38 18.18
CA MET B 299 -46.86 -12.67 18.89
C MET B 299 -47.09 -12.63 20.39
N SER B 300 -46.01 -12.80 21.15
CA SER B 300 -46.06 -13.10 22.58
C SER B 300 -44.86 -12.53 23.34
N GLY B 301 -45.02 -12.29 24.63
CA GLY B 301 -43.96 -11.79 25.51
C GLY B 301 -43.74 -10.28 25.38
N GLY B 302 -43.09 -9.70 26.38
CA GLY B 302 -43.09 -8.26 26.58
C GLY B 302 -42.41 -7.45 25.48
N THR B 303 -41.36 -7.91 24.82
CA THR B 303 -40.75 -7.07 23.75
C THR B 303 -41.55 -7.03 22.47
N THR B 304 -42.69 -7.70 22.39
CA THR B 304 -43.65 -7.49 21.31
C THR B 304 -44.65 -6.36 21.61
N MET B 305 -44.48 -5.61 22.70
CA MET B 305 -45.45 -4.60 23.15
C MET B 305 -45.23 -3.20 22.60
N TYR B 306 -44.14 -2.94 21.88
CA TYR B 306 -43.91 -1.65 21.22
C TYR B 306 -45.08 -1.29 20.28
N PRO B 307 -45.60 -0.05 20.30
CA PRO B 307 -46.57 0.37 19.31
C PRO B 307 -46.03 0.15 17.90
N GLY B 308 -46.88 -0.32 16.99
CA GLY B 308 -46.55 -0.46 15.58
C GLY B 308 -45.82 -1.74 15.18
N ILE B 309 -45.46 -2.64 16.10
CA ILE B 309 -44.67 -3.83 15.76
C ILE B 309 -45.45 -4.91 14.99
N ALA B 310 -46.77 -4.99 15.12
CA ALA B 310 -47.60 -5.87 14.30
C ALA B 310 -47.77 -5.32 12.87
N ASP B 311 -47.90 -4.01 12.68
CA ASP B 311 -47.93 -3.38 11.35
C ASP B 311 -46.57 -3.48 10.65
N ARG B 312 -45.46 -3.25 11.35
CA ARG B 312 -44.12 -3.53 10.84
C ARG B 312 -43.95 -5.00 10.51
N MET B 313 -44.28 -5.93 11.40
CA MET B 313 -44.14 -7.35 11.10
C MET B 313 -45.01 -7.77 9.92
N GLN B 314 -46.24 -7.28 9.84
CA GLN B 314 -47.14 -7.63 8.75
C GLN B 314 -46.62 -7.12 7.42
N LYS B 315 -46.03 -5.92 7.38
CA LYS B 315 -45.33 -5.35 6.22
C LYS B 315 -44.11 -6.17 5.80
N GLU B 316 -43.18 -6.44 6.70
CA GLU B 316 -41.94 -7.13 6.37
C GLU B 316 -42.15 -8.59 5.96
N ILE B 317 -43.12 -9.29 6.56
CA ILE B 317 -43.46 -10.65 6.17
C ILE B 317 -44.26 -10.66 4.87
N THR B 318 -45.18 -9.71 4.63
CA THR B 318 -45.83 -9.52 3.32
C THR B 318 -44.82 -9.29 2.20
N ALA B 319 -43.72 -8.60 2.48
CA ALA B 319 -42.65 -8.38 1.51
C ALA B 319 -41.83 -9.65 1.21
N LEU B 320 -41.69 -10.58 2.15
CA LEU B 320 -40.97 -11.83 1.95
C LEU B 320 -41.84 -12.94 1.32
N ALA B 321 -43.06 -13.11 1.81
CA ALA B 321 -44.00 -14.13 1.36
C ALA B 321 -44.60 -13.82 -0.03
N PRO B 322 -45.21 -14.81 -0.72
CA PRO B 322 -45.95 -14.60 -1.96
C PRO B 322 -47.06 -13.54 -1.85
N SER B 323 -47.45 -12.93 -2.96
CA SER B 323 -48.47 -11.88 -3.01
C SER B 323 -49.92 -12.39 -2.87
N THR B 324 -50.16 -13.69 -2.99
CA THR B 324 -51.49 -14.31 -2.80
C THR B 324 -51.74 -14.82 -1.39
N MET B 325 -50.71 -14.90 -0.55
CA MET B 325 -50.85 -15.35 0.84
C MET B 325 -51.51 -14.26 1.68
N LYS B 326 -52.45 -14.65 2.54
CA LYS B 326 -53.04 -13.77 3.55
C LYS B 326 -52.15 -13.80 4.78
N ILE B 327 -51.14 -12.93 4.84
CA ILE B 327 -50.35 -12.72 6.06
C ILE B 327 -51.28 -12.04 7.06
N LYS B 328 -51.40 -12.59 8.26
CA LYS B 328 -52.29 -12.07 9.30
C LYS B 328 -51.60 -12.25 10.64
N ILE B 329 -51.37 -11.15 11.35
CA ILE B 329 -50.59 -11.17 12.59
C ILE B 329 -51.52 -11.07 13.78
N ILE B 330 -51.40 -12.03 14.68
CA ILE B 330 -52.21 -12.10 15.89
C ILE B 330 -51.36 -11.52 17.01
N ALA B 331 -51.75 -10.36 17.49
CA ALA B 331 -51.05 -9.61 18.50
C ALA B 331 -52.07 -9.04 19.48
N PRO B 332 -52.59 -9.85 20.41
CA PRO B 332 -53.62 -9.40 21.34
C PRO B 332 -53.07 -8.37 22.35
N PRO B 333 -53.94 -7.58 23.01
CA PRO B 333 -53.51 -6.68 24.08
C PRO B 333 -52.86 -7.40 25.27
N GLU B 334 -53.40 -8.56 25.68
CA GLU B 334 -52.87 -9.38 26.77
C GLU B 334 -51.60 -10.16 26.43
N ARG B 335 -50.96 -9.94 25.27
CA ARG B 335 -49.82 -10.76 24.80
C ARG B 335 -48.59 -10.72 25.70
N LYS B 336 -48.46 -9.75 26.60
CA LYS B 336 -47.40 -9.65 27.62
C LYS B 336 -47.45 -10.78 28.65
N TYR B 337 -48.61 -11.42 28.83
CA TYR B 337 -48.89 -12.50 29.78
C TYR B 337 -49.32 -13.80 29.12
N SER B 338 -49.15 -13.95 27.82
CA SER B 338 -49.76 -15.02 27.02
C SER B 338 -49.23 -16.40 27.39
N VAL B 339 -47.95 -16.49 27.76
CA VAL B 339 -47.32 -17.72 28.25
C VAL B 339 -47.94 -18.16 29.57
N TRP B 340 -48.08 -17.26 30.53
CA TRP B 340 -48.76 -17.57 31.79
C TRP B 340 -50.23 -17.93 31.59
N ILE B 341 -50.96 -17.17 30.77
CA ILE B 341 -52.38 -17.46 30.48
C ILE B 341 -52.52 -18.84 29.86
N GLY B 342 -51.67 -19.20 28.91
CA GLY B 342 -51.69 -20.49 28.25
C GLY B 342 -51.20 -21.63 29.13
N GLY B 343 -50.25 -21.36 30.03
CA GLY B 343 -49.85 -22.26 31.09
C GLY B 343 -50.97 -22.53 32.08
N SER B 344 -51.83 -21.56 32.37
CA SER B 344 -53.00 -21.79 33.20
C SER B 344 -53.98 -22.75 32.55
N ILE B 345 -54.15 -22.68 31.24
CA ILE B 345 -55.03 -23.59 30.49
C ILE B 345 -54.41 -24.98 30.47
N LEU B 346 -53.17 -25.16 30.01
CA LEU B 346 -52.49 -26.44 30.02
C LEU B 346 -52.60 -27.14 31.39
N ALA B 347 -52.24 -26.45 32.48
CA ALA B 347 -52.25 -27.06 33.80
C ALA B 347 -53.66 -27.43 34.29
N SER B 348 -54.72 -26.86 33.72
CA SER B 348 -56.12 -27.17 34.03
C SER B 348 -56.71 -28.33 33.25
N LEU B 349 -56.18 -28.67 32.07
CA LEU B 349 -56.82 -29.63 31.17
C LEU B 349 -56.91 -31.02 31.81
N SER B 350 -58.02 -31.72 31.62
CA SER B 350 -58.24 -33.07 32.15
C SER B 350 -57.19 -34.05 31.64
N THR B 351 -56.86 -33.96 30.35
CA THR B 351 -55.89 -34.80 29.66
C THR B 351 -54.43 -34.42 29.95
N PHE B 352 -54.17 -33.25 30.53
CA PHE B 352 -52.85 -32.91 31.03
C PHE B 352 -52.51 -33.60 32.37
N GLN B 353 -53.48 -34.07 33.14
CA GLN B 353 -53.18 -34.52 34.51
C GLN B 353 -52.36 -35.80 34.60
N GLN B 354 -52.23 -36.55 33.51
CA GLN B 354 -51.29 -37.68 33.37
C GLN B 354 -49.90 -37.28 32.85
N MET B 355 -49.72 -36.05 32.40
CA MET B 355 -48.45 -35.54 31.87
C MET B 355 -47.48 -35.10 32.97
N TRP B 356 -47.95 -34.71 34.15
CA TRP B 356 -47.07 -34.31 35.25
C TRP B 356 -46.04 -35.38 35.59
N ILE B 357 -44.82 -34.97 35.91
CA ILE B 357 -43.81 -35.82 36.55
C ILE B 357 -44.16 -35.88 38.03
N THR B 358 -44.60 -37.00 38.56
CA THR B 358 -44.86 -37.16 40.01
C THR B 358 -43.56 -37.41 40.76
N LYS B 359 -43.49 -37.14 42.07
CA LYS B 359 -42.26 -37.43 42.82
C LYS B 359 -41.89 -38.91 42.85
N GLN B 360 -42.85 -39.83 42.71
CA GLN B 360 -42.55 -41.25 42.55
C GLN B 360 -41.71 -41.53 41.29
N GLU B 361 -42.00 -40.88 40.17
CA GLU B 361 -41.25 -41.04 38.93
C GLU B 361 -39.85 -40.42 39.03
N TYR B 362 -39.69 -39.33 39.78
CA TYR B 362 -38.40 -38.72 40.12
C TYR B 362 -37.57 -39.55 41.14
N ASP B 363 -38.21 -40.34 41.99
CA ASP B 363 -37.50 -41.26 42.87
C ASP B 363 -37.05 -42.52 42.13
N GLU B 364 -37.82 -43.02 41.16
CA GLU B 364 -37.44 -44.17 40.33
C GLU B 364 -36.28 -43.86 39.37
N ALA B 365 -36.31 -42.71 38.70
CA ALA B 365 -35.26 -42.22 37.83
C ALA B 365 -34.95 -40.76 38.17
N GLY B 366 -33.67 -40.39 38.27
CA GLY B 366 -33.27 -39.08 38.80
C GLY B 366 -33.67 -37.87 37.94
N PRO B 367 -33.02 -36.70 38.11
CA PRO B 367 -33.36 -35.49 37.38
C PRO B 367 -33.53 -35.65 35.87
N SER B 368 -32.88 -36.61 35.21
CA SER B 368 -33.06 -36.92 33.78
C SER B 368 -34.46 -37.39 33.37
N ILE B 369 -35.40 -37.58 34.29
CA ILE B 369 -36.81 -37.88 34.01
C ILE B 369 -37.48 -36.82 33.13
N VAL B 370 -37.11 -35.54 33.24
CA VAL B 370 -37.71 -34.46 32.42
C VAL B 370 -37.62 -34.75 30.93
N HIS B 371 -36.54 -35.36 30.46
CA HIS B 371 -36.33 -35.56 29.02
C HIS B 371 -37.27 -36.61 28.41
N ARG B 372 -37.85 -37.48 29.23
CA ARG B 372 -38.87 -38.46 28.83
C ARG B 372 -40.28 -37.88 28.83
N LYS B 373 -40.54 -36.98 29.79
CA LYS B 373 -41.88 -36.47 30.11
C LYS B 373 -42.23 -35.16 29.40
N CYS B 374 -41.27 -34.26 29.20
CA CYS B 374 -41.46 -32.92 28.65
C CYS B 374 -40.98 -32.81 27.20
N GLU C 4 0.24 -23.57 -22.99
CA GLU C 4 0.23 -24.92 -22.37
C GLU C 4 -1.21 -25.42 -22.24
N THR C 5 -1.57 -26.55 -22.86
CA THR C 5 -2.98 -26.91 -23.14
C THR C 5 -3.49 -28.15 -22.40
N THR C 6 -2.93 -28.53 -21.26
CA THR C 6 -3.50 -29.58 -20.39
C THR C 6 -4.92 -29.21 -19.98
N ALA C 7 -5.84 -30.16 -19.84
CA ALA C 7 -7.18 -29.87 -19.36
C ALA C 7 -7.19 -29.44 -17.89
N LEU C 8 -7.91 -28.38 -17.58
CA LEU C 8 -8.27 -28.08 -16.19
C LEU C 8 -9.41 -28.96 -15.76
N VAL C 9 -9.45 -29.31 -14.49
CA VAL C 9 -10.55 -30.01 -13.87
C VAL C 9 -10.98 -29.21 -12.64
N CYS C 10 -12.25 -28.87 -12.51
CA CYS C 10 -12.82 -28.31 -11.29
C CYS C 10 -13.94 -29.20 -10.80
N ASP C 11 -13.77 -29.79 -9.63
CA ASP C 11 -14.89 -30.30 -8.88
C ASP C 11 -15.45 -29.15 -8.03
N ASN C 12 -16.40 -28.40 -8.58
CA ASN C 12 -17.17 -27.39 -7.86
C ASN C 12 -18.16 -28.07 -6.93
N GLY C 13 -17.61 -28.65 -5.87
CA GLY C 13 -18.37 -29.14 -4.75
C GLY C 13 -19.16 -28.02 -4.07
N SER C 14 -20.16 -28.41 -3.30
CA SER C 14 -20.99 -27.47 -2.57
C SER C 14 -20.21 -26.78 -1.46
N GLY C 15 -19.25 -27.45 -0.83
CA GLY C 15 -18.50 -26.94 0.33
C GLY C 15 -17.01 -26.69 0.09
N LEU C 16 -16.34 -27.50 -0.73
CA LEU C 16 -14.93 -27.36 -1.10
C LEU C 16 -14.78 -27.30 -2.62
N VAL C 17 -14.14 -26.26 -3.15
CA VAL C 17 -13.57 -26.35 -4.50
C VAL C 17 -12.42 -27.33 -4.45
N LYS C 18 -12.35 -28.27 -5.41
CA LYS C 18 -11.20 -29.15 -5.59
C LYS C 18 -10.77 -29.06 -7.06
N ALA C 19 -9.64 -28.46 -7.36
CA ALA C 19 -9.23 -28.11 -8.72
C ALA C 19 -7.76 -28.40 -9.02
N GLY C 20 -7.41 -28.60 -10.28
CA GLY C 20 -6.07 -29.01 -10.70
C GLY C 20 -6.00 -29.29 -12.21
N PHE C 21 -5.04 -30.08 -12.66
CA PHE C 21 -4.94 -30.48 -14.06
C PHE C 21 -5.21 -31.97 -14.26
N ALA C 22 -5.79 -32.33 -15.39
CA ALA C 22 -5.83 -33.72 -15.81
C ALA C 22 -4.42 -34.32 -15.83
N GLY C 23 -4.30 -35.60 -15.49
CA GLY C 23 -3.01 -36.27 -15.35
C GLY C 23 -2.27 -35.98 -14.03
N ASP C 24 -2.73 -35.07 -13.18
CA ASP C 24 -2.34 -35.06 -11.76
C ASP C 24 -3.01 -36.19 -10.98
N ASP C 25 -2.35 -36.66 -9.92
CA ASP C 25 -2.88 -37.64 -8.96
C ASP C 25 -3.85 -37.05 -7.93
N ALA C 26 -3.80 -35.75 -7.66
CA ALA C 26 -4.59 -35.08 -6.62
C ALA C 26 -4.81 -33.60 -7.01
N PRO C 27 -5.84 -32.92 -6.46
CA PRO C 27 -6.07 -31.52 -6.80
C PRO C 27 -4.97 -30.61 -6.25
N ARG C 28 -4.54 -29.63 -7.04
CA ARG C 28 -3.55 -28.62 -6.61
C ARG C 28 -4.16 -27.58 -5.69
N ALA C 29 -5.43 -27.27 -5.89
CA ALA C 29 -6.19 -26.33 -5.10
C ALA C 29 -7.35 -27.06 -4.39
N VAL C 30 -7.40 -27.01 -3.06
CA VAL C 30 -8.51 -27.52 -2.26
C VAL C 30 -8.83 -26.49 -1.21
N PHE C 31 -9.95 -25.78 -1.35
CA PHE C 31 -10.28 -24.64 -0.50
C PHE C 31 -11.80 -24.49 -0.34
N PRO C 32 -12.29 -23.89 0.75
CA PRO C 32 -13.72 -23.79 0.97
C PRO C 32 -14.38 -22.92 -0.09
N SER C 33 -15.51 -23.38 -0.61
CA SER C 33 -16.28 -22.69 -1.64
C SER C 33 -17.06 -21.53 -1.03
N ILE C 34 -16.38 -20.57 -0.40
CA ILE C 34 -16.97 -19.45 0.33
C ILE C 34 -16.47 -18.11 -0.15
N VAL C 35 -17.34 -17.11 -0.09
CA VAL C 35 -17.01 -15.69 -0.19
C VAL C 35 -17.35 -15.01 1.12
N GLY C 36 -16.48 -14.17 1.65
CA GLY C 36 -16.63 -13.50 2.93
C GLY C 36 -16.59 -11.99 2.81
N ARG C 37 -17.58 -11.29 3.34
CA ARG C 37 -17.72 -9.82 3.23
C ARG C 37 -17.68 -9.16 4.61
N PRO C 38 -16.93 -8.07 4.83
CA PRO C 38 -16.77 -7.45 6.14
C PRO C 38 -18.08 -7.14 6.85
N ARG C 39 -18.20 -7.57 8.11
CA ARG C 39 -19.38 -7.41 8.94
C ARG C 39 -19.42 -6.07 9.69
N HIS C 40 -18.28 -5.39 9.80
CA HIS C 40 -17.99 -4.34 10.77
C HIS C 40 -17.38 -3.09 10.15
N GLN C 41 -17.29 -2.02 10.93
CA GLN C 41 -16.69 -0.74 10.52
C GLN C 41 -15.16 -0.83 10.42
N GLY C 42 -14.62 -0.60 9.23
CA GLY C 42 -13.17 -0.51 9.00
C GLY C 42 -12.61 0.77 9.60
N VAL C 43 -11.67 0.65 10.53
CA VAL C 43 -11.24 1.77 11.39
C VAL C 43 -9.77 2.14 11.19
N MET C 44 -8.90 1.16 10.89
CA MET C 44 -7.51 1.43 10.55
C MET C 44 -7.43 1.84 9.07
N VAL C 45 -6.82 3.00 8.80
CA VAL C 45 -6.66 3.57 7.47
C VAL C 45 -5.41 3.04 6.79
N GLY C 46 -5.45 2.88 5.46
CA GLY C 46 -4.32 2.36 4.69
C GLY C 46 -4.07 0.87 4.88
N MET C 47 -4.97 0.12 5.50
CA MET C 47 -4.80 -1.31 5.82
C MET C 47 -4.71 -2.21 4.57
N GLY C 48 -5.25 -1.78 3.42
CA GLY C 48 -5.41 -2.64 2.24
C GLY C 48 -6.59 -3.60 2.34
N GLN C 49 -7.64 -3.24 3.09
CA GLN C 49 -8.88 -4.00 3.21
C GLN C 49 -9.63 -4.13 1.88
N LYS C 50 -10.42 -5.19 1.74
CA LYS C 50 -11.07 -5.61 0.48
C LYS C 50 -12.59 -5.66 0.65
N ASP C 51 -13.32 -5.45 -0.44
CA ASP C 51 -14.78 -5.63 -0.47
C ASP C 51 -15.20 -7.06 -0.11
N SER C 52 -14.36 -8.05 -0.44
CA SER C 52 -14.60 -9.45 -0.12
C SER C 52 -13.33 -10.29 -0.13
N TYR C 53 -13.39 -11.46 0.49
CA TYR C 53 -12.34 -12.47 0.60
C TYR C 53 -12.88 -13.81 0.12
N VAL C 54 -12.03 -14.70 -0.41
CA VAL C 54 -12.47 -15.98 -1.00
C VAL C 54 -11.64 -17.14 -0.48
N GLY C 55 -12.29 -18.26 -0.17
CA GLY C 55 -11.61 -19.49 0.24
C GLY C 55 -10.83 -19.37 1.54
N ASP C 56 -9.56 -19.77 1.52
CA ASP C 56 -8.69 -19.74 2.70
C ASP C 56 -8.47 -18.33 3.27
N GLU C 57 -8.55 -17.26 2.47
CA GLU C 57 -8.57 -15.89 2.97
C GLU C 57 -9.77 -15.66 3.89
N ALA C 58 -10.96 -16.09 3.49
CA ALA C 58 -12.17 -15.91 4.27
C ALA C 58 -12.21 -16.82 5.50
N GLN C 59 -11.77 -18.06 5.34
CA GLN C 59 -11.60 -19.03 6.41
C GLN C 59 -10.53 -18.60 7.44
N SER C 60 -9.59 -17.73 7.07
CA SER C 60 -8.59 -17.19 8.00
C SER C 60 -9.09 -15.98 8.77
N LYS C 61 -9.93 -15.13 8.17
CA LYS C 61 -10.46 -13.88 8.75
C LYS C 61 -11.87 -14.00 9.35
N ARG C 62 -12.41 -15.20 9.60
CA ARG C 62 -13.84 -15.46 9.89
C ARG C 62 -14.48 -14.48 10.86
N GLY C 63 -13.80 -14.08 11.92
CA GLY C 63 -14.40 -13.27 12.99
C GLY C 63 -14.86 -11.86 12.56
N ILE C 64 -14.31 -11.32 11.48
CA ILE C 64 -14.73 -10.02 10.93
C ILE C 64 -15.61 -10.12 9.69
N LEU C 65 -15.95 -11.32 9.22
CA LEU C 65 -16.62 -11.55 7.94
C LEU C 65 -17.97 -12.26 8.12
N THR C 66 -18.97 -11.93 7.31
CA THR C 66 -20.10 -12.83 7.06
C THR C 66 -19.69 -13.80 5.95
N LEU C 67 -19.56 -15.09 6.25
CA LEU C 67 -19.21 -16.11 5.25
C LEU C 67 -20.46 -16.57 4.51
N LYS C 68 -20.37 -16.76 3.19
CA LYS C 68 -21.44 -17.32 2.36
C LYS C 68 -20.87 -18.33 1.39
N TYR C 69 -21.63 -19.39 1.14
CA TYR C 69 -21.40 -20.35 0.08
C TYR C 69 -22.33 -19.99 -1.09
N PRO C 70 -21.84 -19.74 -2.32
CA PRO C 70 -22.73 -19.47 -3.44
C PRO C 70 -23.47 -20.72 -3.92
N ILE C 71 -23.02 -21.92 -3.58
CA ILE C 71 -23.69 -23.18 -3.88
C ILE C 71 -24.45 -23.67 -2.65
N GLU C 72 -25.69 -24.09 -2.85
CA GLU C 72 -26.50 -24.75 -1.84
C GLU C 72 -27.15 -25.99 -2.45
N HIS C 73 -27.07 -27.14 -1.79
CA HIS C 73 -27.61 -28.40 -2.29
C HIS C 73 -27.13 -28.75 -3.71
N GLY C 74 -25.88 -28.42 -4.03
CA GLY C 74 -25.29 -28.66 -5.35
C GLY C 74 -25.75 -27.72 -6.47
N ILE C 75 -26.61 -26.74 -6.18
CA ILE C 75 -27.12 -25.74 -7.14
C ILE C 75 -26.42 -24.41 -6.87
N ILE C 76 -25.90 -23.74 -7.91
CA ILE C 76 -25.32 -22.40 -7.75
C ILE C 76 -26.44 -21.37 -7.60
N THR C 77 -26.53 -20.73 -6.43
CA THR C 77 -27.59 -19.78 -6.05
C THR C 77 -27.17 -18.31 -6.12
N ASN C 78 -25.87 -18.00 -6.18
CA ASN C 78 -25.34 -16.65 -6.25
C ASN C 78 -24.21 -16.62 -7.28
N TRP C 79 -24.52 -16.23 -8.51
CA TRP C 79 -23.59 -16.25 -9.64
C TRP C 79 -22.50 -15.19 -9.55
N ASP C 80 -22.80 -14.01 -9.01
CA ASP C 80 -21.79 -12.97 -8.84
C ASP C 80 -20.68 -13.39 -7.88
N ASP C 81 -20.98 -14.16 -6.83
CA ASP C 81 -20.00 -14.79 -5.94
C ASP C 81 -19.36 -16.05 -6.52
N MET C 82 -20.11 -16.88 -7.25
CA MET C 82 -19.54 -18.05 -7.91
C MET C 82 -18.48 -17.67 -8.95
N GLU C 83 -18.67 -16.56 -9.67
CA GLU C 83 -17.62 -15.99 -10.51
C GLU C 83 -16.37 -15.61 -9.72
N LYS C 84 -16.48 -15.12 -8.47
CA LYS C 84 -15.29 -14.84 -7.65
C LYS C 84 -14.55 -16.11 -7.31
N ILE C 85 -15.25 -17.19 -7.02
CA ILE C 85 -14.64 -18.48 -6.73
C ILE C 85 -13.92 -19.05 -7.95
N TRP C 86 -14.51 -19.00 -9.14
CA TRP C 86 -13.83 -19.46 -10.35
C TRP C 86 -12.66 -18.55 -10.72
N HIS C 87 -12.81 -17.23 -10.66
CA HIS C 87 -11.70 -16.31 -10.85
C HIS C 87 -10.55 -16.57 -9.87
N HIS C 88 -10.84 -16.75 -8.59
CA HIS C 88 -9.84 -17.11 -7.58
C HIS C 88 -9.19 -18.46 -7.87
N THR C 89 -9.94 -19.45 -8.30
CA THR C 89 -9.40 -20.76 -8.70
C THR C 89 -8.35 -20.59 -9.78
N PHE C 90 -8.68 -19.92 -10.87
CA PHE C 90 -7.76 -19.79 -12.00
C PHE C 90 -6.62 -18.81 -11.68
N TYR C 91 -6.93 -17.62 -11.21
CA TYR C 91 -5.97 -16.52 -11.11
C TYR C 91 -5.09 -16.60 -9.86
N ASN C 92 -5.62 -17.03 -8.71
CA ASN C 92 -4.87 -17.08 -7.44
C ASN C 92 -4.36 -18.48 -7.09
N GLU C 93 -5.18 -19.53 -7.21
CA GLU C 93 -4.84 -20.85 -6.68
C GLU C 93 -4.06 -21.71 -7.67
N LEU C 94 -4.58 -21.90 -8.88
CA LEU C 94 -3.88 -22.61 -9.95
C LEU C 94 -2.89 -21.75 -10.72
N ARG C 95 -3.09 -20.43 -10.75
CA ARG C 95 -2.25 -19.46 -11.49
C ARG C 95 -2.15 -19.84 -12.97
N VAL C 96 -3.31 -19.82 -13.65
CA VAL C 96 -3.50 -20.16 -15.06
C VAL C 96 -4.31 -19.09 -15.77
N ALA C 97 -4.19 -18.98 -17.09
CA ALA C 97 -5.22 -18.33 -17.90
C ALA C 97 -6.22 -19.41 -18.37
N PRO C 98 -7.52 -19.31 -18.03
CA PRO C 98 -8.50 -20.34 -18.43
C PRO C 98 -8.68 -20.42 -19.94
N GLU C 99 -8.34 -19.35 -20.68
CA GLU C 99 -8.43 -19.26 -22.13
C GLU C 99 -7.52 -20.27 -22.87
N GLU C 100 -6.52 -20.82 -22.20
CA GLU C 100 -5.60 -21.83 -22.76
C GLU C 100 -6.10 -23.27 -22.59
N HIS C 101 -6.87 -23.55 -21.54
CA HIS C 101 -7.12 -24.90 -21.04
C HIS C 101 -8.57 -25.35 -21.24
N PRO C 102 -8.86 -26.51 -21.85
CA PRO C 102 -10.20 -27.06 -21.83
C PRO C 102 -10.58 -27.40 -20.39
N THR C 103 -11.77 -27.02 -19.93
CA THR C 103 -12.13 -27.12 -18.51
C THR C 103 -13.23 -28.14 -18.26
N LEU C 104 -12.97 -29.16 -17.46
CA LEU C 104 -13.97 -30.13 -17.02
C LEU C 104 -14.58 -29.65 -15.70
N LEU C 105 -15.89 -29.42 -15.70
CA LEU C 105 -16.68 -29.14 -14.50
C LEU C 105 -17.47 -30.37 -14.05
N THR C 106 -18.01 -30.34 -12.84
CA THR C 106 -18.84 -31.41 -12.28
C THR C 106 -20.18 -30.87 -11.78
N GLU C 107 -21.25 -31.67 -11.80
CA GLU C 107 -22.44 -31.41 -10.99
C GLU C 107 -23.18 -32.68 -10.58
N ALA C 108 -24.08 -32.57 -9.61
CA ALA C 108 -24.94 -33.69 -9.21
C ALA C 108 -26.01 -34.00 -10.28
N PRO C 109 -26.53 -35.22 -10.36
CA PRO C 109 -27.68 -35.53 -11.19
C PRO C 109 -28.95 -34.88 -10.63
N LEU C 110 -30.03 -34.86 -11.43
CA LEU C 110 -31.32 -34.24 -11.09
C LEU C 110 -31.21 -32.75 -10.70
N ASN C 111 -30.18 -32.03 -11.18
CA ASN C 111 -30.02 -30.60 -11.01
C ASN C 111 -30.96 -29.81 -11.95
N PRO C 112 -31.26 -28.53 -11.66
CA PRO C 112 -31.94 -27.65 -12.59
C PRO C 112 -31.14 -27.49 -13.89
N LYS C 113 -31.82 -27.46 -15.03
CA LYS C 113 -31.15 -27.28 -16.34
C LYS C 113 -30.44 -25.94 -16.47
N ALA C 114 -30.94 -24.88 -15.84
CA ALA C 114 -30.33 -23.56 -15.87
C ALA C 114 -28.96 -23.51 -15.20
N ASN C 115 -28.63 -24.46 -14.33
CA ASN C 115 -27.32 -24.55 -13.67
C ASN C 115 -26.22 -24.89 -14.68
N ARG C 116 -26.44 -25.86 -15.57
CA ARG C 116 -25.51 -26.20 -16.65
C ARG C 116 -25.37 -25.09 -17.67
N GLU C 117 -26.48 -24.53 -18.11
CA GLU C 117 -26.50 -23.46 -19.10
C GLU C 117 -25.73 -22.24 -18.59
N LYS C 118 -25.90 -21.87 -17.32
CA LYS C 118 -25.25 -20.70 -16.76
C LYS C 118 -23.78 -20.95 -16.42
N MET C 119 -23.41 -22.16 -15.98
CA MET C 119 -22.01 -22.63 -15.95
C MET C 119 -21.36 -22.53 -17.33
N THR C 120 -22.03 -23.00 -18.38
CA THR C 120 -21.54 -23.02 -19.76
C THR C 120 -21.30 -21.61 -20.29
N GLN C 121 -22.31 -20.75 -20.15
CA GLN C 121 -22.21 -19.35 -20.52
C GLN C 121 -21.07 -18.64 -19.79
N ILE C 122 -20.96 -18.77 -18.47
CA ILE C 122 -19.88 -18.12 -17.72
C ILE C 122 -18.50 -18.62 -18.19
N MET C 123 -18.33 -19.92 -18.43
CA MET C 123 -17.07 -20.44 -18.94
C MET C 123 -16.71 -19.90 -20.34
N PHE C 124 -17.65 -19.80 -21.27
CA PHE C 124 -17.36 -19.32 -22.62
C PHE C 124 -17.40 -17.81 -22.82
N GLU C 125 -18.21 -17.08 -22.05
CA GLU C 125 -18.41 -15.64 -22.23
C GLU C 125 -17.71 -14.78 -21.17
N THR C 126 -17.37 -15.33 -20.00
CA THR C 126 -16.60 -14.64 -18.95
C THR C 126 -15.18 -15.16 -18.85
N PHE C 127 -14.97 -16.47 -18.84
CA PHE C 127 -13.62 -17.06 -18.76
C PHE C 127 -13.02 -17.44 -20.11
N ASN C 128 -13.74 -17.29 -21.22
CA ASN C 128 -13.28 -17.56 -22.59
C ASN C 128 -12.58 -18.92 -22.79
N VAL C 129 -13.00 -19.98 -22.08
CA VAL C 129 -12.35 -21.30 -22.24
C VAL C 129 -12.40 -21.80 -23.69
N PRO C 130 -11.44 -22.60 -24.18
CA PRO C 130 -11.47 -23.11 -25.54
C PRO C 130 -12.53 -24.20 -25.72
N ALA C 131 -12.71 -25.01 -24.69
CA ALA C 131 -13.73 -26.04 -24.57
C ALA C 131 -14.06 -26.29 -23.10
N MET C 132 -15.24 -26.84 -22.83
CA MET C 132 -15.61 -27.33 -21.51
C MET C 132 -16.59 -28.49 -21.58
N TYR C 133 -16.76 -29.19 -20.48
CA TYR C 133 -17.68 -30.30 -20.33
C TYR C 133 -18.23 -30.28 -18.91
N VAL C 134 -19.45 -30.76 -18.69
CA VAL C 134 -20.05 -30.90 -17.36
C VAL C 134 -20.32 -32.38 -17.07
N ALA C 135 -19.38 -33.06 -16.41
CA ALA C 135 -19.57 -34.44 -15.99
C ALA C 135 -20.46 -34.57 -14.75
N ILE C 136 -20.95 -35.77 -14.48
CA ILE C 136 -21.73 -36.09 -13.29
C ILE C 136 -20.82 -36.69 -12.21
N GLN C 137 -20.89 -36.17 -11.00
CA GLN C 137 -19.94 -36.46 -9.93
C GLN C 137 -19.80 -37.95 -9.62
N ALA C 138 -20.90 -38.64 -9.35
CA ALA C 138 -20.88 -40.07 -9.07
C ALA C 138 -20.41 -40.92 -10.25
N VAL C 139 -20.58 -40.49 -11.50
CA VAL C 139 -19.99 -41.20 -12.65
C VAL C 139 -18.46 -41.08 -12.61
N LEU C 140 -17.91 -39.89 -12.35
CA LEU C 140 -16.45 -39.71 -12.19
C LEU C 140 -15.89 -40.57 -11.06
N SER C 141 -16.63 -40.75 -9.98
CA SER C 141 -16.23 -41.60 -8.86
C SER C 141 -16.03 -43.09 -9.22
N LEU C 142 -16.71 -43.65 -10.25
CA LEU C 142 -16.33 -44.97 -10.78
C LEU C 142 -15.02 -44.95 -11.58
N TYR C 143 -14.62 -43.87 -12.24
CA TYR C 143 -13.32 -43.82 -12.91
C TYR C 143 -12.18 -43.92 -11.90
N ALA C 144 -12.25 -43.18 -10.79
CA ALA C 144 -11.26 -43.25 -9.73
C ALA C 144 -11.09 -44.66 -9.13
N SER C 145 -12.17 -45.45 -9.17
CA SER C 145 -12.21 -46.82 -8.67
C SER C 145 -11.67 -47.85 -9.65
N GLY C 146 -11.50 -47.50 -10.92
CA GLY C 146 -11.09 -48.44 -11.95
C GLY C 146 -12.15 -49.48 -12.30
N ARG C 147 -13.44 -49.12 -12.16
CA ARG C 147 -14.58 -50.05 -12.36
C ARG C 147 -15.49 -49.55 -13.48
N THR C 148 -16.03 -50.48 -14.27
CA THR C 148 -17.12 -50.20 -15.23
C THR C 148 -18.50 -50.45 -14.66
N THR C 149 -18.60 -50.96 -13.44
CA THR C 149 -19.84 -51.44 -12.83
C THR C 149 -19.87 -51.15 -11.34
N GLY C 150 -21.01 -50.76 -10.80
CA GLY C 150 -21.20 -50.51 -9.38
C GLY C 150 -22.17 -49.38 -9.12
N ILE C 151 -22.64 -49.29 -7.90
CA ILE C 151 -23.50 -48.21 -7.46
C ILE C 151 -22.68 -47.26 -6.61
N VAL C 152 -22.68 -45.98 -6.96
CA VAL C 152 -21.90 -45.00 -6.25
C VAL C 152 -22.79 -44.23 -5.30
N LEU C 153 -22.49 -44.25 -4.01
CA LEU C 153 -23.01 -43.27 -3.05
C LEU C 153 -22.01 -42.12 -2.99
N ASP C 154 -22.35 -40.97 -3.57
CA ASP C 154 -21.56 -39.76 -3.41
C ASP C 154 -22.26 -38.83 -2.43
N SER C 155 -21.60 -38.44 -1.33
CA SER C 155 -22.17 -37.56 -0.32
C SER C 155 -21.27 -36.35 -0.10
N GLY C 156 -21.69 -35.19 -0.59
CA GLY C 156 -20.91 -33.96 -0.52
C GLY C 156 -21.14 -33.13 0.73
N ASP C 157 -21.05 -31.81 0.60
CA ASP C 157 -21.50 -30.85 1.60
C ASP C 157 -22.97 -30.50 1.39
N GLY C 158 -23.48 -30.57 0.17
CA GLY C 158 -24.85 -30.17 -0.18
C GLY C 158 -25.79 -31.31 -0.52
N VAL C 159 -25.35 -32.33 -1.26
CA VAL C 159 -26.22 -33.37 -1.80
C VAL C 159 -25.61 -34.77 -1.66
N THR C 160 -26.45 -35.74 -1.34
CA THR C 160 -26.14 -37.16 -1.40
C THR C 160 -26.84 -37.75 -2.61
N HIS C 161 -26.15 -38.49 -3.47
CA HIS C 161 -26.76 -39.14 -4.62
C HIS C 161 -26.22 -40.54 -4.85
N ASN C 162 -27.08 -41.40 -5.38
CA ASN C 162 -26.81 -42.78 -5.73
C ASN C 162 -26.92 -42.94 -7.25
N VAL C 163 -25.87 -43.37 -7.92
CA VAL C 163 -25.90 -43.65 -9.36
C VAL C 163 -25.49 -45.09 -9.63
N PRO C 164 -26.40 -45.97 -10.07
CA PRO C 164 -26.06 -47.32 -10.50
C PRO C 164 -25.56 -47.32 -11.94
N ILE C 165 -24.43 -47.98 -12.19
CA ILE C 165 -23.83 -48.15 -13.53
C ILE C 165 -23.54 -49.63 -13.74
N TYR C 166 -23.86 -50.17 -14.91
CA TYR C 166 -23.51 -51.52 -15.32
C TYR C 166 -22.78 -51.51 -16.63
N GLU C 167 -21.57 -52.02 -16.67
CA GLU C 167 -20.69 -52.06 -17.84
C GLU C 167 -20.61 -50.74 -18.62
N GLY C 168 -20.61 -49.63 -17.90
CA GLY C 168 -20.55 -48.28 -18.44
C GLY C 168 -21.88 -47.67 -18.83
N TYR C 169 -23.00 -48.35 -18.63
CA TYR C 169 -24.34 -47.81 -18.82
C TYR C 169 -24.94 -47.41 -17.49
N ALA C 170 -25.21 -46.12 -17.30
CA ALA C 170 -26.03 -45.65 -16.20
C ALA C 170 -27.48 -46.06 -16.41
N LEU C 171 -28.22 -46.24 -15.33
CA LEU C 171 -29.66 -46.46 -15.37
C LEU C 171 -30.34 -45.19 -14.84
N PRO C 172 -30.66 -44.19 -15.69
CA PRO C 172 -31.00 -42.86 -15.22
C PRO C 172 -32.32 -42.80 -14.43
N HIS C 173 -33.24 -43.74 -14.66
CA HIS C 173 -34.46 -43.90 -13.87
C HIS C 173 -34.22 -44.43 -12.45
N ALA C 174 -33.11 -45.14 -12.21
CA ALA C 174 -32.75 -45.72 -10.93
C ALA C 174 -31.82 -44.80 -10.11
N ILE C 175 -31.31 -43.72 -10.68
CA ILE C 175 -30.57 -42.68 -9.97
C ILE C 175 -31.44 -42.12 -8.85
N MET C 176 -30.89 -41.99 -7.66
CA MET C 176 -31.59 -41.39 -6.53
C MET C 176 -30.80 -40.23 -5.96
N ARG C 177 -31.49 -39.18 -5.57
CA ARG C 177 -30.91 -37.98 -4.99
C ARG C 177 -31.59 -37.66 -3.68
N LEU C 178 -30.81 -37.21 -2.71
CA LEU C 178 -31.19 -36.90 -1.36
C LEU C 178 -30.47 -35.61 -0.98
N ASP C 179 -31.19 -34.50 -0.90
CA ASP C 179 -30.65 -33.18 -0.54
C ASP C 179 -30.37 -33.06 0.97
N LEU C 180 -29.73 -34.08 1.55
CA LEU C 180 -29.15 -34.13 2.89
C LEU C 180 -27.67 -34.51 2.75
N ALA C 181 -26.75 -33.69 3.22
CA ALA C 181 -25.34 -34.05 3.31
C ALA C 181 -24.62 -33.26 4.39
N GLY C 182 -23.31 -33.10 4.30
CA GLY C 182 -22.48 -32.63 5.40
C GLY C 182 -22.83 -31.26 5.98
N ARG C 183 -23.47 -30.35 5.23
CA ARG C 183 -23.92 -29.06 5.75
C ARG C 183 -25.14 -29.21 6.64
N ASP C 184 -26.06 -30.10 6.29
CA ASP C 184 -27.20 -30.44 7.12
C ASP C 184 -26.80 -31.13 8.42
N LEU C 185 -25.79 -32.00 8.36
CA LEU C 185 -25.16 -32.60 9.53
C LEU C 185 -24.46 -31.56 10.40
N THR C 186 -23.90 -30.51 9.82
CA THR C 186 -23.29 -29.41 10.58
C THR C 186 -24.37 -28.57 11.26
N ASP C 187 -25.42 -28.19 10.55
CA ASP C 187 -26.54 -27.46 11.13
C ASP C 187 -27.27 -28.26 12.20
N TYR C 188 -27.32 -29.59 12.10
CA TYR C 188 -27.84 -30.43 13.17
C TYR C 188 -26.88 -30.58 14.34
N LEU C 189 -25.57 -30.65 14.10
CA LEU C 189 -24.60 -30.62 15.17
C LEU C 189 -24.66 -29.27 15.91
N MET C 190 -24.88 -28.14 15.23
CA MET C 190 -25.17 -26.87 15.90
C MET C 190 -26.42 -26.94 16.77
N LYS C 191 -27.48 -27.63 16.36
CA LYS C 191 -28.71 -27.83 17.15
C LYS C 191 -28.42 -28.68 18.37
N ILE C 192 -27.89 -29.90 18.21
CA ILE C 192 -27.65 -30.83 19.31
C ILE C 192 -26.56 -30.33 20.29
N LEU C 193 -25.59 -29.53 19.87
CA LEU C 193 -24.59 -28.93 20.77
C LEU C 193 -25.18 -27.93 21.77
N THR C 194 -26.34 -27.33 21.50
CA THR C 194 -27.03 -26.47 22.49
C THR C 194 -27.53 -27.25 23.69
N GLU C 195 -27.66 -28.58 23.62
CA GLU C 195 -28.13 -29.40 24.73
C GLU C 195 -27.10 -29.49 25.86
N ARG C 196 -25.80 -29.37 25.56
CA ARG C 196 -24.72 -29.17 26.54
C ARG C 196 -24.45 -27.71 26.87
N GLY C 197 -25.22 -26.80 26.28
CA GLY C 197 -25.10 -25.36 26.49
C GLY C 197 -24.06 -24.66 25.63
N TYR C 198 -23.43 -25.33 24.67
CA TYR C 198 -22.50 -24.70 23.74
C TYR C 198 -23.28 -24.03 22.61
N SER C 199 -23.31 -22.71 22.57
CA SER C 199 -24.07 -21.96 21.57
C SER C 199 -23.18 -21.53 20.41
N PHE C 200 -23.49 -22.01 19.20
CA PHE C 200 -22.83 -21.64 17.95
C PHE C 200 -23.89 -21.18 16.96
N VAL C 201 -23.80 -19.95 16.44
CA VAL C 201 -24.92 -19.33 15.72
C VAL C 201 -24.50 -18.56 14.48
N THR C 202 -23.34 -17.91 14.51
CA THR C 202 -22.80 -17.12 13.39
C THR C 202 -22.25 -18.02 12.29
N THR C 203 -22.09 -17.49 11.08
CA THR C 203 -21.50 -18.22 9.96
C THR C 203 -20.03 -18.55 10.17
N ALA C 204 -19.32 -17.79 11.02
CA ALA C 204 -17.99 -18.14 11.52
C ALA C 204 -18.01 -19.32 12.49
N GLU C 205 -18.96 -19.37 13.41
CA GLU C 205 -19.08 -20.48 14.36
C GLU C 205 -19.56 -21.77 13.69
N ARG C 206 -20.30 -21.68 12.58
CA ARG C 206 -20.67 -22.83 11.74
C ARG C 206 -19.45 -23.57 11.20
N GLU C 207 -18.35 -22.86 10.96
CA GLU C 207 -17.07 -23.47 10.56
C GLU C 207 -16.35 -24.15 11.72
N ILE C 208 -16.51 -23.63 12.95
CA ILE C 208 -15.98 -24.28 14.16
C ILE C 208 -16.74 -25.57 14.42
N VAL C 209 -18.06 -25.56 14.29
CA VAL C 209 -18.88 -26.76 14.42
C VAL C 209 -18.61 -27.77 13.30
N ARG C 210 -18.36 -27.32 12.08
CA ARG C 210 -17.86 -28.18 11.00
C ARG C 210 -16.54 -28.86 11.39
N ASP C 211 -15.57 -28.14 11.93
CA ASP C 211 -14.31 -28.74 12.38
C ASP C 211 -14.47 -29.73 13.54
N ILE C 212 -15.39 -29.49 14.49
CA ILE C 212 -15.76 -30.45 15.53
C ILE C 212 -16.32 -31.73 14.89
N LYS C 213 -17.26 -31.58 13.94
CA LYS C 213 -17.89 -32.68 13.21
C LYS C 213 -16.85 -33.53 12.48
N GLU C 214 -15.87 -32.91 11.85
CA GLU C 214 -14.83 -33.62 11.11
C GLU C 214 -13.90 -34.41 12.03
N LYS C 215 -13.53 -33.85 13.19
CA LYS C 215 -12.51 -34.43 14.07
C LYS C 215 -13.06 -35.41 15.10
N LEU C 216 -14.27 -35.22 15.59
CA LEU C 216 -14.83 -36.01 16.69
C LEU C 216 -15.94 -37.00 16.31
N CYS C 217 -16.68 -36.81 15.24
CA CYS C 217 -17.84 -37.66 14.96
C CYS C 217 -17.51 -39.01 14.31
N TYR C 218 -18.36 -40.01 14.53
CA TYR C 218 -18.26 -41.35 13.99
C TYR C 218 -19.65 -41.98 13.82
N VAL C 219 -19.76 -43.08 13.07
CA VAL C 219 -21.03 -43.77 12.84
C VAL C 219 -21.10 -45.03 13.70
N ALA C 220 -22.11 -45.10 14.55
CA ALA C 220 -22.39 -46.19 15.48
C ALA C 220 -22.84 -47.46 14.75
N LEU C 221 -22.25 -48.62 15.04
CA LEU C 221 -22.65 -49.88 14.40
C LEU C 221 -24.06 -50.33 14.80
N ASP C 222 -24.51 -49.98 16.00
CA ASP C 222 -25.89 -50.09 16.44
C ASP C 222 -26.20 -48.89 17.31
N PHE C 223 -26.96 -47.94 16.78
CA PHE C 223 -27.17 -46.65 17.41
C PHE C 223 -27.75 -46.78 18.82
N GLU C 224 -28.74 -47.64 19.03
CA GLU C 224 -29.36 -47.85 20.33
C GLU C 224 -28.42 -48.50 21.37
N ASN C 225 -27.39 -49.22 20.92
CA ASN C 225 -26.36 -49.78 21.77
C ASN C 225 -25.29 -48.74 22.12
N GLU C 226 -24.90 -47.87 21.19
CA GLU C 226 -24.00 -46.76 21.49
C GLU C 226 -24.68 -45.72 22.39
N MET C 227 -25.97 -45.42 22.18
CA MET C 227 -26.74 -44.54 23.06
C MET C 227 -26.77 -45.08 24.50
N ALA C 228 -26.87 -46.40 24.68
CA ALA C 228 -26.83 -47.04 25.99
C ALA C 228 -25.42 -47.05 26.57
N THR C 229 -24.39 -47.15 25.73
CA THR C 229 -22.99 -47.04 26.16
C THR C 229 -22.65 -45.64 26.66
N ALA C 230 -23.14 -44.59 25.99
CA ALA C 230 -22.97 -43.21 26.43
C ALA C 230 -23.80 -42.88 27.68
N ALA C 231 -25.03 -43.39 27.80
CA ALA C 231 -25.88 -43.14 28.97
C ALA C 231 -25.28 -43.69 30.28
N SER C 232 -24.37 -44.66 30.19
CA SER C 232 -23.85 -45.43 31.32
C SER C 232 -22.37 -45.23 31.61
N SER C 233 -21.63 -44.44 30.81
CA SER C 233 -20.19 -44.21 31.01
C SER C 233 -19.70 -42.92 30.35
N SER C 234 -18.55 -42.41 30.79
CA SER C 234 -17.82 -41.32 30.12
C SER C 234 -16.93 -41.81 28.97
N SER C 235 -16.91 -43.12 28.68
CA SER C 235 -15.92 -43.77 27.80
C SER C 235 -15.93 -43.28 26.35
N LEU C 236 -17.07 -42.76 25.88
CA LEU C 236 -17.24 -42.23 24.53
C LEU C 236 -16.99 -40.71 24.44
N GLU C 237 -16.81 -40.01 25.55
CA GLU C 237 -16.67 -38.55 25.56
C GLU C 237 -15.27 -38.09 25.16
N LYS C 238 -15.18 -37.08 24.29
CA LYS C 238 -13.94 -36.44 23.84
C LYS C 238 -14.04 -34.94 24.00
N SER C 239 -12.94 -34.32 24.36
CA SER C 239 -12.83 -32.86 24.43
C SER C 239 -12.31 -32.25 23.12
N TYR C 240 -12.69 -31.00 22.85
CA TYR C 240 -12.19 -30.20 21.74
C TYR C 240 -11.92 -28.79 22.24
N GLU C 241 -10.78 -28.19 21.91
CA GLU C 241 -10.43 -26.85 22.33
C GLU C 241 -10.74 -25.83 21.23
N LEU C 242 -11.59 -24.86 21.55
CA LEU C 242 -12.10 -23.82 20.65
C LEU C 242 -11.02 -22.76 20.33
N PRO C 243 -11.21 -21.90 19.32
CA PRO C 243 -10.22 -20.89 18.93
C PRO C 243 -9.77 -19.93 20.02
N ASP C 244 -10.58 -19.67 21.04
CA ASP C 244 -10.24 -18.86 22.22
C ASP C 244 -9.75 -19.69 23.41
N GLY C 245 -9.51 -20.98 23.25
CA GLY C 245 -9.01 -21.86 24.31
C GLY C 245 -10.06 -22.42 25.25
N GLN C 246 -11.35 -22.09 25.11
CA GLN C 246 -12.39 -22.79 25.85
C GLN C 246 -12.44 -24.26 25.44
N VAL C 247 -12.62 -25.18 26.39
CA VAL C 247 -12.64 -26.62 26.09
C VAL C 247 -14.08 -27.14 26.11
N ILE C 248 -14.56 -27.58 24.96
CA ILE C 248 -15.78 -28.35 24.77
C ILE C 248 -15.55 -29.78 25.25
N THR C 249 -16.60 -30.45 25.68
CA THR C 249 -16.66 -31.92 25.73
C THR C 249 -17.98 -32.41 25.17
N ILE C 250 -17.95 -33.39 24.29
CA ILE C 250 -19.14 -34.04 23.73
C ILE C 250 -19.09 -35.57 23.85
N GLY C 251 -20.26 -36.19 23.88
CA GLY C 251 -20.48 -37.62 24.08
C GLY C 251 -21.35 -38.21 23.00
N ASN C 252 -22.63 -38.49 23.26
CA ASN C 252 -23.51 -39.07 22.24
C ASN C 252 -23.67 -38.16 21.01
N GLU C 253 -23.38 -36.87 21.12
CA GLU C 253 -23.38 -35.94 19.99
C GLU C 253 -22.39 -36.36 18.90
N ARG C 254 -21.35 -37.13 19.23
CA ARG C 254 -20.37 -37.66 18.27
C ARG C 254 -20.98 -38.65 17.29
N PHE C 255 -22.00 -39.40 17.65
CA PHE C 255 -22.66 -40.35 16.77
C PHE C 255 -24.12 -40.01 16.43
N ARG C 256 -24.79 -39.14 17.20
CA ARG C 256 -26.07 -38.54 16.82
C ARG C 256 -26.02 -37.79 15.51
N CYS C 257 -24.97 -36.99 15.28
CA CYS C 257 -24.84 -36.18 14.07
C CYS C 257 -24.75 -37.06 12.80
N PRO C 258 -23.77 -37.97 12.64
CA PRO C 258 -23.71 -38.86 11.49
C PRO C 258 -24.92 -39.77 11.31
N GLU C 259 -25.57 -40.22 12.39
CA GLU C 259 -26.73 -41.11 12.28
C GLU C 259 -27.88 -40.50 11.50
N THR C 260 -27.96 -39.17 11.39
CA THR C 260 -28.94 -38.48 10.55
C THR C 260 -28.94 -38.97 9.10
N LEU C 261 -27.82 -39.46 8.57
CA LEU C 261 -27.76 -40.05 7.23
C LEU C 261 -28.59 -41.33 7.15
N PHE C 262 -28.62 -42.10 8.23
CA PHE C 262 -29.39 -43.32 8.35
C PHE C 262 -30.80 -43.07 8.86
N GLN C 263 -31.02 -41.97 9.57
CA GLN C 263 -32.32 -41.50 10.04
C GLN C 263 -32.53 -40.02 9.72
N PRO C 264 -32.95 -39.67 8.50
CA PRO C 264 -33.17 -38.27 8.11
C PRO C 264 -34.26 -37.55 8.90
N SER C 265 -35.09 -38.28 9.64
CA SER C 265 -36.11 -37.73 10.54
C SER C 265 -35.53 -36.90 11.68
N PHE C 266 -34.22 -36.98 11.97
CA PHE C 266 -33.55 -36.06 12.90
C PHE C 266 -33.53 -34.61 12.39
N ILE C 267 -33.50 -34.39 11.07
CA ILE C 267 -33.74 -33.09 10.40
C ILE C 267 -35.23 -32.80 10.21
N GLY C 268 -36.11 -33.73 10.54
CA GLY C 268 -37.53 -33.67 10.18
C GLY C 268 -37.81 -34.03 8.73
N MET C 269 -36.87 -34.67 8.00
CA MET C 269 -37.09 -35.13 6.63
C MET C 269 -37.82 -36.47 6.58
N GLU C 270 -38.72 -36.62 5.62
CA GLU C 270 -39.52 -37.84 5.42
C GLU C 270 -38.74 -38.95 4.70
N SER C 271 -37.66 -38.60 3.99
CA SER C 271 -36.89 -39.51 3.14
C SER C 271 -36.27 -40.69 3.89
N ALA C 272 -36.05 -41.78 3.16
CA ALA C 272 -35.32 -42.95 3.61
C ALA C 272 -33.83 -42.64 3.84
N GLY C 273 -33.14 -43.41 4.69
CA GLY C 273 -31.71 -43.22 4.95
C GLY C 273 -30.80 -43.61 3.80
N ILE C 274 -29.50 -43.34 3.89
CA ILE C 274 -28.55 -43.65 2.80
C ILE C 274 -28.41 -45.15 2.51
N HIS C 275 -28.63 -46.02 3.49
CA HIS C 275 -28.66 -47.48 3.30
C HIS C 275 -29.89 -47.91 2.51
N GLU C 276 -31.07 -47.44 2.87
CA GLU C 276 -32.32 -47.68 2.16
C GLU C 276 -32.29 -47.06 0.78
N THR C 277 -31.79 -45.84 0.61
CA THR C 277 -31.72 -45.17 -0.69
C THR C 277 -30.79 -45.93 -1.64
N THR C 278 -29.72 -46.53 -1.13
CA THR C 278 -28.85 -47.42 -1.91
C THR C 278 -29.60 -48.68 -2.33
N TYR C 279 -30.24 -49.37 -1.39
CA TYR C 279 -31.00 -50.58 -1.69
C TYR C 279 -32.19 -50.34 -2.62
N ASN C 280 -32.92 -49.24 -2.44
CA ASN C 280 -34.02 -48.86 -3.31
C ASN C 280 -33.54 -48.54 -4.72
N SER C 281 -32.38 -47.91 -4.87
CA SER C 281 -31.76 -47.68 -6.17
C SER C 281 -31.28 -48.98 -6.82
N ILE C 282 -30.73 -49.95 -6.08
CA ILE C 282 -30.41 -51.28 -6.62
C ILE C 282 -31.68 -52.02 -7.03
N MET C 283 -32.71 -52.05 -6.20
CA MET C 283 -33.96 -52.72 -6.49
C MET C 283 -34.74 -52.12 -7.65
N LYS C 284 -34.49 -50.85 -7.99
CA LYS C 284 -35.08 -50.18 -9.15
C LYS C 284 -34.38 -50.55 -10.47
N CYS C 285 -33.21 -51.18 -10.43
CA CYS C 285 -32.51 -51.74 -11.58
C CYS C 285 -33.04 -53.12 -12.00
N ASP C 286 -32.61 -53.60 -13.15
CA ASP C 286 -32.86 -54.96 -13.65
C ASP C 286 -32.26 -56.06 -12.77
N ILE C 287 -32.97 -57.17 -12.60
CA ILE C 287 -32.59 -58.27 -11.69
C ILE C 287 -31.22 -58.88 -12.01
N ASP C 288 -30.86 -58.98 -13.28
CA ASP C 288 -29.58 -59.54 -13.72
C ASP C 288 -28.38 -58.67 -13.36
N ILE C 289 -28.57 -57.36 -13.12
CA ILE C 289 -27.47 -56.47 -12.74
C ILE C 289 -27.27 -56.33 -11.22
N ARG C 290 -28.23 -56.74 -10.38
CA ARG C 290 -28.20 -56.48 -8.92
C ARG C 290 -27.06 -57.18 -8.19
N LYS C 291 -26.79 -58.45 -8.49
CA LYS C 291 -25.71 -59.24 -7.86
C LYS C 291 -24.37 -58.51 -7.88
N ASP C 292 -24.05 -57.92 -9.03
CA ASP C 292 -22.82 -57.17 -9.24
C ASP C 292 -22.88 -55.80 -8.58
N LEU C 293 -24.01 -55.10 -8.58
CA LEU C 293 -24.16 -53.83 -7.86
C LEU C 293 -23.94 -53.99 -6.36
N TYR C 294 -24.51 -55.02 -5.72
CA TYR C 294 -24.28 -55.29 -4.30
C TYR C 294 -22.80 -55.50 -3.95
N ALA C 295 -22.01 -56.10 -4.84
CA ALA C 295 -20.59 -56.34 -4.63
C ALA C 295 -19.70 -55.13 -4.96
N ASN C 296 -20.28 -53.96 -5.28
CA ASN C 296 -19.59 -52.80 -5.81
C ASN C 296 -20.23 -51.49 -5.31
N ASN C 297 -20.59 -51.39 -4.03
CA ASN C 297 -21.05 -50.11 -3.50
C ASN C 297 -19.86 -49.17 -3.30
N VAL C 298 -19.68 -48.20 -4.16
CA VAL C 298 -18.55 -47.26 -4.09
C VAL C 298 -18.99 -46.04 -3.31
N MET C 299 -18.36 -45.75 -2.18
CA MET C 299 -18.64 -44.54 -1.41
C MET C 299 -17.65 -43.44 -1.76
N SER C 300 -18.10 -42.21 -1.92
CA SER C 300 -17.24 -41.07 -2.21
C SER C 300 -17.79 -39.75 -1.67
N GLY C 301 -16.93 -38.75 -1.59
CA GLY C 301 -17.22 -37.45 -1.03
C GLY C 301 -16.99 -37.41 0.47
N GLY C 302 -16.71 -36.24 1.00
CA GLY C 302 -16.27 -36.06 2.39
C GLY C 302 -17.30 -36.47 3.43
N THR C 303 -18.59 -36.49 3.15
CA THR C 303 -19.61 -36.94 4.11
C THR C 303 -19.61 -38.47 4.28
N THR C 304 -18.91 -39.21 3.43
CA THR C 304 -18.65 -40.64 3.63
C THR C 304 -17.36 -40.92 4.43
N MET C 305 -16.67 -39.90 4.97
CA MET C 305 -15.38 -40.07 5.66
C MET C 305 -15.46 -40.42 7.14
N TYR C 306 -16.65 -40.46 7.74
CA TYR C 306 -16.82 -40.87 9.14
C TYR C 306 -16.21 -42.23 9.46
N PRO C 307 -15.50 -42.40 10.58
CA PRO C 307 -15.16 -43.71 11.09
C PRO C 307 -16.42 -44.56 11.23
N GLY C 308 -16.36 -45.82 10.84
CA GLY C 308 -17.44 -46.78 10.98
C GLY C 308 -18.58 -46.70 9.96
N ILE C 309 -18.62 -45.74 9.04
CA ILE C 309 -19.73 -45.63 8.08
C ILE C 309 -19.76 -46.74 7.03
N ALA C 310 -18.62 -47.25 6.57
CA ALA C 310 -18.57 -48.39 5.66
C ALA C 310 -18.94 -49.71 6.36
N ASP C 311 -18.77 -49.80 7.68
CA ASP C 311 -19.20 -50.94 8.49
C ASP C 311 -20.71 -50.91 8.76
N ARG C 312 -21.28 -49.77 9.19
CA ARG C 312 -22.73 -49.63 9.35
C ARG C 312 -23.45 -49.76 8.03
N MET C 313 -22.94 -49.16 6.97
CA MET C 313 -23.54 -49.25 5.64
C MET C 313 -23.51 -50.68 5.11
N GLN C 314 -22.44 -51.44 5.33
CA GLN C 314 -22.44 -52.86 5.01
C GLN C 314 -23.45 -53.65 5.84
N LYS C 315 -23.51 -53.44 7.16
CA LYS C 315 -24.48 -54.09 8.06
C LYS C 315 -25.92 -53.84 7.65
N GLU C 316 -26.27 -52.60 7.36
CA GLU C 316 -27.63 -52.22 6.97
C GLU C 316 -28.04 -52.76 5.60
N ILE C 317 -27.16 -52.70 4.59
CA ILE C 317 -27.48 -53.28 3.29
C ILE C 317 -27.54 -54.80 3.37
N THR C 318 -26.73 -55.45 4.20
CA THR C 318 -26.77 -56.91 4.38
C THR C 318 -28.11 -57.39 4.95
N ALA C 319 -28.75 -56.59 5.80
CA ALA C 319 -30.07 -56.88 6.36
C ALA C 319 -31.22 -56.60 5.37
N LEU C 320 -31.03 -55.69 4.43
CA LEU C 320 -31.98 -55.38 3.35
C LEU C 320 -31.90 -56.40 2.21
N ALA C 321 -30.71 -56.70 1.71
CA ALA C 321 -30.45 -57.61 0.60
C ALA C 321 -30.58 -59.10 0.97
N PRO C 322 -30.89 -60.00 0.01
CA PRO C 322 -31.01 -61.43 0.25
C PRO C 322 -29.79 -62.06 0.90
N SER C 323 -29.99 -63.04 1.77
CA SER C 323 -28.93 -63.66 2.59
C SER C 323 -27.84 -64.39 1.78
N THR C 324 -28.10 -64.74 0.52
CA THR C 324 -27.13 -65.36 -0.40
C THR C 324 -26.27 -64.34 -1.16
N MET C 325 -26.60 -63.05 -1.14
CA MET C 325 -25.83 -62.00 -1.81
C MET C 325 -24.55 -61.64 -1.06
N LYS C 326 -23.57 -61.13 -1.79
CA LYS C 326 -22.21 -60.92 -1.33
C LYS C 326 -21.89 -59.42 -1.26
N ILE C 327 -22.50 -58.73 -0.32
CA ILE C 327 -22.44 -57.27 -0.20
C ILE C 327 -21.01 -56.85 0.15
N LYS C 328 -20.46 -55.93 -0.64
CA LYS C 328 -19.16 -55.30 -0.39
C LYS C 328 -19.29 -53.80 -0.54
N ILE C 329 -18.59 -53.06 0.31
CA ILE C 329 -18.54 -51.61 0.25
C ILE C 329 -17.10 -51.15 0.06
N ILE C 330 -16.89 -50.35 -0.97
CA ILE C 330 -15.60 -49.81 -1.39
C ILE C 330 -15.49 -48.44 -0.74
N ALA C 331 -14.63 -48.32 0.27
CA ALA C 331 -14.41 -47.11 1.04
C ALA C 331 -12.92 -46.75 1.06
N PRO C 332 -12.35 -46.31 -0.06
CA PRO C 332 -10.92 -46.06 -0.17
C PRO C 332 -10.48 -44.89 0.72
N PRO C 333 -9.25 -44.88 1.27
CA PRO C 333 -8.75 -43.75 2.05
C PRO C 333 -8.79 -42.40 1.30
N GLU C 334 -8.63 -42.41 -0.01
CA GLU C 334 -8.73 -41.23 -0.87
C GLU C 334 -10.16 -40.84 -1.27
N ARG C 335 -11.23 -41.47 -0.73
CA ARG C 335 -12.62 -41.30 -1.24
C ARG C 335 -13.17 -39.88 -1.20
N LYS C 336 -12.53 -38.97 -0.47
CA LYS C 336 -12.83 -37.53 -0.48
C LYS C 336 -12.46 -36.87 -1.82
N TYR C 337 -11.57 -37.49 -2.58
CA TYR C 337 -11.05 -37.01 -3.86
C TYR C 337 -11.42 -37.88 -5.06
N SER C 338 -12.28 -38.90 -4.95
CA SER C 338 -12.63 -39.75 -6.09
C SER C 338 -13.31 -38.99 -7.23
N VAL C 339 -14.05 -37.92 -6.97
CA VAL C 339 -14.61 -37.07 -8.04
C VAL C 339 -13.51 -36.28 -8.76
N TRP C 340 -12.50 -35.80 -8.04
CA TRP C 340 -11.29 -35.24 -8.64
C TRP C 340 -10.52 -36.29 -9.46
N ILE C 341 -10.14 -37.41 -8.85
CA ILE C 341 -9.31 -38.45 -9.48
C ILE C 341 -10.03 -39.01 -10.71
N GLY C 342 -11.36 -39.14 -10.66
CA GLY C 342 -12.16 -39.51 -11.80
C GLY C 342 -12.15 -38.46 -12.91
N GLY C 343 -12.24 -37.18 -12.57
CA GLY C 343 -12.15 -36.08 -13.51
C GLY C 343 -10.76 -35.93 -14.14
N SER C 344 -9.67 -36.29 -13.45
CA SER C 344 -8.35 -36.28 -14.07
C SER C 344 -8.18 -37.43 -15.06
N ILE C 345 -8.77 -38.60 -14.79
CA ILE C 345 -8.84 -39.73 -15.70
C ILE C 345 -9.72 -39.39 -16.92
N LEU C 346 -11.01 -39.09 -16.76
CA LEU C 346 -11.93 -38.65 -17.83
C LEU C 346 -11.68 -37.19 -18.26
N ALA C 347 -10.45 -36.90 -18.61
CA ALA C 347 -9.95 -35.67 -19.21
C ALA C 347 -8.59 -35.95 -19.86
N SER C 348 -7.87 -36.97 -19.36
CA SER C 348 -6.70 -37.58 -19.99
C SER C 348 -7.04 -38.57 -21.11
N LEU C 349 -8.19 -39.23 -21.08
CA LEU C 349 -8.54 -40.29 -22.05
C LEU C 349 -8.61 -39.74 -23.47
N SER C 350 -7.96 -40.40 -24.43
CA SER C 350 -7.90 -39.96 -25.82
C SER C 350 -9.24 -40.07 -26.54
N THR C 351 -10.00 -41.12 -26.24
CA THR C 351 -11.35 -41.38 -26.78
C THR C 351 -12.39 -40.40 -26.30
N PHE C 352 -12.10 -39.60 -25.27
CA PHE C 352 -12.98 -38.56 -24.77
C PHE C 352 -12.60 -37.14 -25.22
N GLN C 353 -11.50 -36.94 -25.96
CA GLN C 353 -11.15 -35.60 -26.50
C GLN C 353 -12.13 -35.10 -27.58
N GLN C 354 -12.92 -35.99 -28.18
CA GLN C 354 -14.03 -35.63 -29.08
C GLN C 354 -15.27 -35.10 -28.34
N MET C 355 -15.35 -35.30 -27.01
CA MET C 355 -16.56 -35.07 -26.22
C MET C 355 -16.69 -33.63 -25.74
N TRP C 356 -15.58 -32.93 -25.53
CA TRP C 356 -15.60 -31.57 -24.98
C TRP C 356 -16.38 -30.63 -25.90
N ILE C 357 -17.22 -29.77 -25.33
CA ILE C 357 -17.95 -28.73 -26.05
C ILE C 357 -16.94 -27.66 -26.44
N THR C 358 -16.73 -27.40 -27.73
CA THR C 358 -15.81 -26.37 -28.18
C THR C 358 -16.50 -25.00 -28.25
N LYS C 359 -15.76 -23.90 -28.18
CA LYS C 359 -16.38 -22.56 -28.34
C LYS C 359 -17.03 -22.39 -29.72
N GLN C 360 -16.56 -23.11 -30.74
CA GLN C 360 -17.25 -23.17 -32.03
C GLN C 360 -18.68 -23.70 -31.91
N GLU C 361 -18.90 -24.80 -31.18
CA GLU C 361 -20.23 -25.39 -30.99
C GLU C 361 -21.12 -24.55 -30.08
N TYR C 362 -20.55 -23.91 -29.07
CA TYR C 362 -21.28 -22.94 -28.26
C TYR C 362 -21.71 -21.71 -29.05
N ASP C 363 -20.86 -21.17 -29.92
CA ASP C 363 -21.23 -20.06 -30.80
C ASP C 363 -22.31 -20.47 -31.82
N GLU C 364 -22.26 -21.69 -32.34
CA GLU C 364 -23.29 -22.22 -33.26
C GLU C 364 -24.65 -22.44 -32.58
N ALA C 365 -24.68 -22.92 -31.33
CA ALA C 365 -25.89 -23.43 -30.70
C ALA C 365 -26.39 -22.66 -29.47
N GLY C 366 -25.59 -21.74 -28.92
CA GLY C 366 -25.88 -21.07 -27.65
C GLY C 366 -25.70 -22.00 -26.45
N PRO C 367 -26.09 -21.58 -25.24
CA PRO C 367 -25.84 -22.30 -24.00
C PRO C 367 -26.61 -23.61 -23.83
N SER C 368 -27.64 -23.89 -24.63
CA SER C 368 -28.39 -25.16 -24.59
C SER C 368 -27.59 -26.36 -25.12
N ILE C 369 -26.39 -26.15 -25.66
CA ILE C 369 -25.50 -27.19 -26.19
C ILE C 369 -25.13 -28.27 -25.16
N VAL C 370 -25.04 -27.93 -23.88
CA VAL C 370 -24.75 -28.89 -22.79
C VAL C 370 -25.77 -30.01 -22.70
N HIS C 371 -27.02 -29.79 -23.08
CA HIS C 371 -28.05 -30.82 -22.98
C HIS C 371 -27.97 -31.84 -24.12
N ARG C 372 -27.35 -31.48 -25.24
CA ARG C 372 -27.04 -32.39 -26.34
C ARG C 372 -25.70 -33.10 -26.15
N LYS C 373 -24.70 -32.43 -25.56
CA LYS C 373 -23.32 -32.95 -25.38
C LYS C 373 -23.05 -33.72 -24.10
N CYS C 374 -23.69 -33.35 -22.97
CA CYS C 374 -23.50 -33.95 -21.66
C CYS C 374 -24.70 -34.82 -21.25
N GLY D 12 28.73 11.23 -43.23
CA GLY D 12 27.30 11.41 -42.85
C GLY D 12 27.07 12.74 -42.15
N VAL D 13 25.81 13.19 -42.02
CA VAL D 13 25.42 14.51 -41.46
C VAL D 13 25.97 14.75 -40.05
N GLN D 14 26.60 15.92 -39.84
CA GLN D 14 27.28 16.25 -38.59
C GLN D 14 26.34 16.54 -37.43
N ASP D 15 25.26 17.26 -37.70
CA ASP D 15 24.20 17.57 -36.75
C ASP D 15 22.96 16.75 -37.11
N PHE D 16 22.47 15.95 -36.17
CA PHE D 16 21.33 15.11 -36.41
C PHE D 16 20.06 15.89 -36.79
N VAL D 17 19.89 17.16 -36.43
CA VAL D 17 18.71 17.90 -36.92
C VAL D 17 18.73 18.12 -38.43
N LEU D 18 19.81 17.78 -39.14
CA LEU D 18 19.86 17.78 -40.61
C LEU D 18 19.51 16.42 -41.25
N LEU D 19 19.18 15.40 -40.46
CA LEU D 19 18.77 14.08 -40.93
C LEU D 19 17.42 14.17 -41.66
N GLU D 20 17.29 13.65 -42.89
CA GLU D 20 16.06 13.83 -43.68
C GLU D 20 14.84 13.15 -43.04
N ASN D 21 14.98 11.92 -42.57
CA ASN D 21 13.96 11.18 -41.83
C ASN D 21 14.25 11.18 -40.33
N PHE D 22 14.26 12.36 -39.71
CA PHE D 22 14.59 12.59 -38.30
C PHE D 22 13.72 11.83 -37.29
N THR D 23 12.57 11.32 -37.71
CA THR D 23 11.66 10.49 -36.92
C THR D 23 12.06 9.01 -36.87
N SER D 24 13.10 8.58 -37.61
CA SER D 24 13.50 7.18 -37.71
C SER D 24 14.71 6.85 -36.82
N GLU D 25 14.50 5.97 -35.85
CA GLU D 25 15.56 5.44 -34.98
C GLU D 25 16.63 4.70 -35.81
N ALA D 26 16.22 3.97 -36.84
CA ALA D 26 17.13 3.26 -37.73
C ALA D 26 17.96 4.20 -38.63
N ALA D 27 17.45 5.38 -39.02
CA ALA D 27 18.23 6.37 -39.77
C ALA D 27 19.21 7.14 -38.88
N PHE D 28 18.87 7.34 -37.60
CA PHE D 28 19.78 7.89 -36.61
C PHE D 28 20.96 6.94 -36.38
N ILE D 29 20.67 5.68 -36.06
CA ILE D 29 21.67 4.65 -35.81
C ILE D 29 22.50 4.34 -37.07
N GLU D 30 21.93 4.43 -38.28
CA GLU D 30 22.71 4.29 -39.50
C GLU D 30 23.70 5.45 -39.72
N ASN D 31 23.33 6.70 -39.41
CA ASN D 31 24.26 7.82 -39.52
C ASN D 31 25.35 7.78 -38.43
N LEU D 32 25.04 7.31 -37.20
CA LEU D 32 26.08 6.98 -36.22
C LEU D 32 27.06 5.94 -36.77
N ARG D 33 26.56 4.83 -37.32
CA ARG D 33 27.39 3.77 -37.92
C ARG D 33 28.22 4.28 -39.07
N ARG D 34 27.65 5.09 -39.97
CA ARG D 34 28.38 5.62 -41.12
C ARG D 34 29.51 6.55 -40.69
N ARG D 35 29.24 7.48 -39.77
CA ARG D 35 30.29 8.35 -39.21
C ARG D 35 31.35 7.58 -38.42
N PHE D 36 30.97 6.64 -37.57
CA PHE D 36 31.92 5.85 -36.78
C PHE D 36 32.82 4.94 -37.63
N ARG D 37 32.28 4.31 -38.68
CA ARG D 37 33.07 3.59 -39.70
C ARG D 37 34.14 4.49 -40.32
N GLU D 38 33.79 5.75 -40.58
CA GLU D 38 34.66 6.81 -41.10
C GLU D 38 35.62 7.43 -40.03
N ASN D 39 35.64 6.88 -38.82
CA ASN D 39 36.34 7.38 -37.61
C ASN D 39 35.85 8.73 -37.06
N LEU D 40 34.73 9.29 -37.54
CA LEU D 40 34.13 10.53 -37.03
C LEU D 40 33.28 10.29 -35.78
N ILE D 41 33.92 10.06 -34.64
CA ILE D 41 33.29 9.62 -33.39
C ILE D 41 32.34 10.61 -32.71
N TYR D 42 32.25 11.85 -33.20
CA TYR D 42 31.39 12.89 -32.66
C TYR D 42 30.31 13.33 -33.66
N THR D 43 29.14 13.67 -33.14
CA THR D 43 28.02 14.33 -33.86
C THR D 43 27.29 15.29 -32.93
N TYR D 44 26.52 16.25 -33.42
CA TYR D 44 25.63 17.06 -32.58
C TYR D 44 24.18 16.62 -32.63
N ILE D 45 23.35 17.14 -31.73
CA ILE D 45 21.89 17.29 -31.91
C ILE D 45 21.46 18.71 -31.49
N GLY D 46 21.63 19.69 -32.36
CA GLY D 46 21.67 21.09 -31.94
C GLY D 46 22.89 21.38 -31.05
N PRO D 47 22.73 21.86 -29.81
CA PRO D 47 23.86 22.17 -28.93
C PRO D 47 24.45 20.95 -28.21
N VAL D 48 23.70 19.84 -28.12
CA VAL D 48 24.14 18.57 -27.53
C VAL D 48 25.20 17.91 -28.39
N LEU D 49 26.16 17.21 -27.79
CA LEU D 49 27.16 16.38 -28.47
C LEU D 49 26.88 14.91 -28.19
N VAL D 50 26.95 14.08 -29.23
CA VAL D 50 26.98 12.63 -29.16
C VAL D 50 28.38 12.17 -29.47
N SER D 51 28.90 11.27 -28.64
CA SER D 51 30.23 10.70 -28.72
C SER D 51 30.11 9.19 -28.65
N VAL D 52 30.79 8.46 -29.54
CA VAL D 52 30.87 7.00 -29.48
C VAL D 52 32.30 6.58 -29.15
N ASN D 53 32.50 5.75 -28.13
CA ASN D 53 33.82 5.43 -27.58
C ASN D 53 34.70 4.75 -28.65
N PRO D 54 35.89 5.29 -28.99
CA PRO D 54 36.72 4.72 -30.04
C PRO D 54 37.49 3.47 -29.60
N TYR D 55 37.60 3.24 -28.28
CA TYR D 55 38.51 2.26 -27.66
C TYR D 55 39.98 2.40 -28.11
N ARG D 56 40.39 3.59 -28.55
CA ARG D 56 41.68 3.89 -29.15
C ARG D 56 42.21 5.24 -28.70
N ASP D 57 43.54 5.38 -28.63
CA ASP D 57 44.24 6.67 -28.47
C ASP D 57 44.31 7.41 -29.82
N LEU D 58 43.14 7.78 -30.35
CA LEU D 58 43.03 8.64 -31.51
C LEU D 58 43.70 9.99 -31.22
N GLN D 59 44.43 10.54 -32.18
CA GLN D 59 45.23 11.76 -31.98
C GLN D 59 44.40 13.05 -31.93
N ILE D 60 43.06 12.93 -31.99
CA ILE D 60 42.06 14.01 -31.98
C ILE D 60 42.13 14.95 -30.77
N TYR D 61 42.72 14.54 -29.66
CA TYR D 61 42.86 15.35 -28.43
C TYR D 61 44.16 16.18 -28.36
N SER D 62 45.08 16.02 -29.33
CA SER D 62 46.40 16.69 -29.33
C SER D 62 46.32 18.21 -29.48
N ARG D 63 47.40 18.92 -29.11
CA ARG D 63 47.46 20.40 -29.02
C ARG D 63 46.95 21.13 -30.26
N GLN D 64 47.25 20.60 -31.45
CA GLN D 64 46.79 21.15 -32.73
C GLN D 64 45.27 21.22 -32.85
N HIS D 65 44.52 20.30 -32.22
CA HIS D 65 43.05 20.35 -32.15
C HIS D 65 42.55 21.31 -31.07
N MET D 66 43.23 21.42 -29.92
CA MET D 66 42.82 22.43 -28.93
C MET D 66 42.90 23.84 -29.51
N GLU D 67 43.97 24.19 -30.21
CA GLU D 67 44.11 25.51 -30.85
C GLU D 67 43.20 25.68 -32.07
N ARG D 68 42.75 24.59 -32.71
CA ARG D 68 41.74 24.63 -33.77
C ARG D 68 40.36 25.00 -33.23
N TYR D 69 39.97 24.41 -32.09
CA TYR D 69 38.63 24.56 -31.52
C TYR D 69 38.48 25.77 -30.58
N ARG D 70 39.56 26.24 -29.94
CA ARG D 70 39.54 27.46 -29.12
C ARG D 70 39.17 28.69 -29.97
N GLY D 71 38.02 29.29 -29.71
CA GLY D 71 37.52 30.50 -30.37
C GLY D 71 36.32 30.34 -31.32
N VAL D 72 35.82 29.12 -31.58
CA VAL D 72 34.68 28.91 -32.51
C VAL D 72 33.63 27.93 -31.94
N SER D 73 32.34 28.30 -32.05
CA SER D 73 31.20 27.66 -31.37
C SER D 73 30.70 26.36 -32.03
N PHE D 74 29.85 25.63 -31.29
CA PHE D 74 29.13 24.45 -31.76
C PHE D 74 28.31 24.67 -33.06
N TYR D 75 27.88 25.92 -33.35
CA TYR D 75 27.10 26.24 -34.54
C TYR D 75 27.95 26.55 -35.78
N GLU D 76 29.29 26.42 -35.72
CA GLU D 76 30.17 26.61 -36.89
C GLU D 76 31.15 25.45 -37.13
N VAL D 77 32.00 25.10 -36.15
CA VAL D 77 33.01 24.03 -36.33
C VAL D 77 32.40 22.62 -36.22
N PRO D 78 32.96 21.62 -36.93
CA PRO D 78 32.41 20.27 -36.94
C PRO D 78 32.53 19.61 -35.56
N PRO D 79 31.62 18.69 -35.18
CA PRO D 79 31.57 18.07 -33.87
C PRO D 79 32.91 17.64 -33.31
N HIS D 80 33.21 18.12 -32.10
CA HIS D 80 34.26 17.60 -31.24
C HIS D 80 33.92 17.95 -29.82
N LEU D 81 34.37 17.16 -28.85
CA LEU D 81 34.36 17.49 -27.43
C LEU D 81 34.89 18.91 -27.15
N PHE D 82 35.91 19.37 -27.88
CA PHE D 82 36.48 20.70 -27.76
C PHE D 82 35.64 21.82 -28.39
N ALA D 83 34.65 21.52 -29.24
CA ALA D 83 33.62 22.48 -29.60
C ALA D 83 32.66 22.76 -28.44
N VAL D 84 32.20 21.73 -27.72
CA VAL D 84 31.47 21.92 -26.46
C VAL D 84 32.35 22.58 -25.41
N ALA D 85 33.62 22.17 -25.29
CA ALA D 85 34.51 22.74 -24.31
C ALA D 85 34.69 24.25 -24.51
N ASP D 86 34.96 24.67 -25.75
CA ASP D 86 35.08 26.08 -26.10
C ASP D 86 33.79 26.83 -25.84
N THR D 87 32.66 26.28 -26.29
CA THR D 87 31.34 26.92 -26.17
C THR D 87 31.02 27.26 -24.72
N VAL D 88 31.22 26.30 -23.83
CA VAL D 88 30.96 26.46 -22.40
C VAL D 88 31.99 27.37 -21.71
N TYR D 89 33.25 27.36 -22.13
CA TYR D 89 34.23 28.28 -21.57
C TYR D 89 33.99 29.72 -22.02
N ARG D 90 33.70 29.97 -23.29
CA ARG D 90 33.46 31.32 -23.78
C ARG D 90 32.14 31.88 -23.30
N ALA D 91 31.16 31.04 -22.96
CA ALA D 91 29.99 31.48 -22.19
C ALA D 91 30.38 31.96 -20.79
N LEU D 92 31.30 31.27 -20.10
CA LEU D 92 31.81 31.67 -18.79
C LEU D 92 32.65 32.97 -18.84
N ARG D 93 33.28 33.30 -19.97
CA ARG D 93 33.91 34.61 -20.22
C ARG D 93 32.92 35.72 -20.64
N THR D 94 31.90 35.38 -21.42
CA THR D 94 31.02 36.35 -22.10
C THR D 94 29.75 36.66 -21.31
N GLU D 95 28.95 35.65 -20.97
CA GLU D 95 27.71 35.81 -20.21
C GLU D 95 27.99 35.91 -18.69
N ARG D 96 29.07 35.28 -18.22
CA ARG D 96 29.53 35.23 -16.81
C ARG D 96 28.54 34.62 -15.82
N ARG D 97 27.47 34.00 -16.31
CA ARG D 97 26.67 33.00 -15.59
C ARG D 97 27.47 31.71 -15.45
N ASP D 98 27.34 31.01 -14.33
CA ASP D 98 28.03 29.73 -14.10
C ASP D 98 27.47 28.60 -14.97
N GLN D 99 28.31 27.60 -15.24
CA GLN D 99 28.08 26.60 -16.27
C GLN D 99 28.11 25.17 -15.71
N ALA D 100 27.42 24.24 -16.37
CA ALA D 100 27.61 22.81 -16.22
C ALA D 100 27.79 22.17 -17.61
N VAL D 101 28.63 21.14 -17.72
CA VAL D 101 28.54 20.16 -18.80
C VAL D 101 28.07 18.87 -18.16
N MET D 102 26.99 18.27 -18.64
CA MET D 102 26.60 16.94 -18.20
C MET D 102 27.16 15.91 -19.14
N ILE D 103 27.88 14.94 -18.59
CA ILE D 103 28.38 13.78 -19.30
C ILE D 103 27.45 12.61 -18.97
N SER D 104 26.87 11.96 -19.97
CA SER D 104 25.82 10.96 -19.76
C SER D 104 25.97 9.74 -20.64
N GLY D 105 25.31 8.65 -20.31
CA GLY D 105 25.42 7.37 -21.01
C GLY D 105 25.97 6.25 -20.13
N GLU D 106 26.32 5.14 -20.76
CA GLU D 106 26.67 3.91 -20.04
C GLU D 106 28.05 4.00 -19.36
N SER D 107 28.27 3.23 -18.31
CA SER D 107 29.62 3.00 -17.82
C SER D 107 30.44 2.24 -18.88
N GLY D 108 31.67 2.66 -19.16
CA GLY D 108 32.44 2.23 -20.31
C GLY D 108 32.15 2.98 -21.62
N ALA D 109 31.15 3.86 -21.66
CA ALA D 109 30.86 4.67 -22.85
C ALA D 109 31.84 5.83 -23.08
N GLY D 110 32.85 5.97 -22.23
CA GLY D 110 33.90 6.99 -22.37
C GLY D 110 33.70 8.21 -21.49
N LYS D 111 32.84 8.15 -20.46
CA LYS D 111 32.56 9.29 -19.58
C LYS D 111 33.76 9.78 -18.79
N THR D 112 34.60 8.87 -18.33
CA THR D 112 35.83 9.23 -17.60
C THR D 112 36.88 9.76 -18.55
N GLU D 113 36.95 9.27 -19.78
CA GLU D 113 37.86 9.83 -20.79
C GLU D 113 37.42 11.23 -21.26
N ALA D 114 36.13 11.43 -21.50
CA ALA D 114 35.56 12.75 -21.74
C ALA D 114 35.84 13.73 -20.59
N THR D 115 35.65 13.29 -19.34
CA THR D 115 35.96 14.09 -18.15
C THR D 115 37.43 14.47 -18.04
N LYS D 116 38.35 13.53 -18.23
CA LYS D 116 39.80 13.80 -18.30
C LYS D 116 40.16 14.75 -19.43
N ARG D 117 39.62 14.60 -20.65
CA ARG D 117 39.97 15.48 -21.77
C ARG D 117 39.34 16.87 -21.67
N LEU D 118 38.18 17.03 -21.05
CA LEU D 118 37.63 18.36 -20.76
C LEU D 118 38.48 19.09 -19.72
N LEU D 119 38.92 18.39 -18.67
CA LEU D 119 39.86 18.95 -17.70
C LEU D 119 41.28 19.13 -18.26
N GLN D 120 41.68 18.38 -19.29
CA GLN D 120 42.94 18.64 -19.99
C GLN D 120 42.86 19.90 -20.87
N PHE D 121 41.77 20.11 -21.61
CA PHE D 121 41.51 21.35 -22.35
C PHE D 121 41.45 22.56 -21.40
N TYR D 122 40.71 22.49 -20.29
CA TYR D 122 40.67 23.57 -19.30
C TYR D 122 41.95 23.73 -18.47
N ALA D 123 42.94 22.84 -18.60
CA ALA D 123 44.29 23.08 -18.11
C ALA D 123 45.18 23.73 -19.17
N GLU D 124 45.25 23.17 -20.37
CA GLU D 124 46.22 23.59 -21.40
C GLU D 124 45.85 24.87 -22.16
N THR D 125 44.58 25.28 -22.16
CA THR D 125 44.09 26.40 -22.98
C THR D 125 43.73 27.66 -22.19
N CYS D 126 44.01 27.69 -20.88
CA CYS D 126 43.64 28.78 -19.97
C CYS D 126 44.88 29.54 -19.43
N PRO D 127 44.76 30.83 -19.06
CA PRO D 127 45.89 31.75 -18.87
C PRO D 127 46.78 31.52 -17.63
N ALA D 128 46.47 30.56 -16.76
CA ALA D 128 47.29 30.17 -15.62
C ALA D 128 47.49 28.65 -15.57
N PRO D 129 48.30 28.07 -16.47
CA PRO D 129 48.31 26.62 -16.69
C PRO D 129 48.93 25.82 -15.55
N GLU D 130 49.79 26.41 -14.71
CA GLU D 130 50.34 25.74 -13.53
C GLU D 130 49.28 25.51 -12.44
N ARG D 131 48.44 26.52 -12.13
CA ARG D 131 47.31 26.37 -11.20
C ARG D 131 46.18 25.55 -11.82
N GLY D 132 45.92 25.69 -13.12
CA GLY D 132 44.94 24.86 -13.83
C GLY D 132 45.33 23.37 -13.85
N GLY D 133 46.59 23.08 -14.18
CA GLY D 133 47.14 21.73 -14.15
C GLY D 133 47.17 21.13 -12.75
N ALA D 134 47.43 21.93 -11.72
CA ALA D 134 47.29 21.48 -10.33
C ALA D 134 45.83 21.13 -10.00
N VAL D 135 44.84 21.96 -10.30
CA VAL D 135 43.43 21.61 -10.04
C VAL D 135 42.99 20.38 -10.84
N ARG D 136 43.42 20.21 -12.10
CA ARG D 136 43.22 18.97 -12.87
C ARG D 136 43.80 17.77 -12.12
N ASP D 137 45.08 17.80 -11.77
CA ASP D 137 45.71 16.69 -11.04
C ASP D 137 45.01 16.39 -9.72
N ARG D 138 44.59 17.39 -8.94
CA ARG D 138 43.86 17.14 -7.70
C ARG D 138 42.45 16.61 -7.93
N LEU D 139 41.78 16.98 -9.02
CA LEU D 139 40.51 16.38 -9.44
C LEU D 139 40.72 14.91 -9.85
N LEU D 140 41.68 14.63 -10.71
CA LEU D 140 41.92 13.30 -11.27
C LEU D 140 42.65 12.33 -10.33
N GLN D 141 43.64 12.74 -9.53
CA GLN D 141 44.33 11.87 -8.58
C GLN D 141 43.44 11.43 -7.40
N SER D 142 42.32 12.10 -7.18
CA SER D 142 41.27 11.66 -6.25
C SER D 142 40.40 10.51 -6.78
N ASN D 143 40.55 10.10 -8.04
CA ASN D 143 39.68 9.10 -8.66
C ASN D 143 39.71 7.72 -7.99
N PRO D 144 40.86 7.08 -7.71
CA PRO D 144 40.86 5.75 -7.09
C PRO D 144 40.09 5.72 -5.77
N VAL D 145 40.23 6.76 -4.93
CA VAL D 145 39.51 6.90 -3.67
C VAL D 145 38.01 7.01 -3.88
N LEU D 146 37.55 7.88 -4.79
CA LEU D 146 36.11 8.05 -5.02
C LEU D 146 35.48 6.81 -5.63
N GLU D 147 36.18 6.18 -6.54
CA GLU D 147 35.83 4.92 -7.16
C GLU D 147 35.78 3.76 -6.16
N ALA D 148 36.75 3.65 -5.25
CA ALA D 148 36.74 2.63 -4.21
C ALA D 148 35.58 2.78 -3.24
N PHE D 149 35.32 3.98 -2.75
CA PHE D 149 34.19 4.23 -1.88
C PHE D 149 32.84 4.41 -2.59
N GLY D 150 32.77 4.58 -3.91
CA GLY D 150 31.55 4.98 -4.62
C GLY D 150 31.21 4.26 -5.93
N ASN D 151 32.09 3.47 -6.52
CA ASN D 151 31.72 2.52 -7.58
C ASN D 151 31.49 1.12 -6.98
N ALA D 152 30.78 0.26 -7.70
CA ALA D 152 30.63 -1.16 -7.36
C ALA D 152 30.49 -2.00 -8.63
N LYS D 153 30.75 -3.31 -8.56
CA LYS D 153 30.35 -4.26 -9.60
C LYS D 153 28.83 -4.43 -9.59
N THR D 154 28.23 -4.28 -10.75
CA THR D 154 26.82 -4.62 -11.02
C THR D 154 26.71 -5.85 -11.92
N LEU D 155 25.51 -6.24 -12.30
CA LEU D 155 25.30 -7.22 -13.37
C LEU D 155 25.79 -6.72 -14.75
N ARG D 156 25.82 -5.40 -14.97
CA ARG D 156 26.19 -4.78 -16.25
C ARG D 156 27.66 -4.42 -16.39
N ASN D 157 28.33 -3.92 -15.35
CA ASN D 157 29.77 -3.60 -15.40
C ASN D 157 30.49 -3.89 -14.08
N ASP D 158 31.77 -4.22 -14.15
CA ASP D 158 32.67 -4.45 -13.00
C ASP D 158 33.09 -3.19 -12.26
N ASN D 159 32.72 -2.00 -12.73
CA ASN D 159 33.15 -0.74 -12.16
C ASN D 159 32.16 0.39 -12.46
N SER D 160 30.87 0.15 -12.22
CA SER D 160 29.83 1.17 -12.45
C SER D 160 29.82 2.20 -11.34
N SER D 161 29.80 3.50 -11.65
CA SER D 161 29.59 4.55 -10.65
C SER D 161 28.18 4.55 -10.11
N ARG D 162 28.07 4.65 -8.79
CA ARG D 162 26.81 4.54 -8.05
C ARG D 162 26.47 5.84 -7.32
N PHE D 163 26.99 6.95 -7.82
CA PHE D 163 26.74 8.32 -7.35
C PHE D 163 26.85 9.28 -8.53
N GLY D 164 26.20 10.43 -8.44
CA GLY D 164 26.45 11.55 -9.32
C GLY D 164 27.64 12.35 -8.83
N LYS D 165 28.66 12.52 -9.66
CA LYS D 165 29.92 13.16 -9.34
C LYS D 165 30.01 14.49 -10.08
N TYR D 166 30.09 15.57 -9.33
CA TYR D 166 30.21 16.93 -9.84
C TYR D 166 31.63 17.44 -9.61
N MET D 167 32.22 18.11 -10.59
CA MET D 167 33.59 18.62 -10.54
C MET D 167 33.63 20.03 -11.12
N ASP D 168 33.77 21.06 -10.30
CA ASP D 168 34.05 22.39 -10.80
C ASP D 168 35.51 22.64 -11.05
N VAL D 169 35.79 23.52 -12.01
CA VAL D 169 36.99 24.34 -12.03
C VAL D 169 36.51 25.78 -11.85
N GLN D 170 37.07 26.49 -10.88
CA GLN D 170 36.63 27.81 -10.46
C GLN D 170 37.54 28.85 -11.07
N PHE D 171 36.98 29.82 -11.79
CA PHE D 171 37.72 30.81 -12.55
C PHE D 171 37.50 32.20 -11.98
N ASP D 172 38.50 33.07 -12.05
CA ASP D 172 38.37 34.47 -11.67
C ASP D 172 37.90 35.37 -12.84
N PHE D 173 37.77 36.66 -12.58
CA PHE D 173 37.49 37.69 -13.59
C PHE D 173 38.46 37.68 -14.78
N LYS D 174 39.69 37.19 -14.60
CA LYS D 174 40.75 37.09 -15.62
C LYS D 174 40.65 35.81 -16.47
N GLY D 175 39.71 34.91 -16.14
CA GLY D 175 39.58 33.60 -16.79
C GLY D 175 40.65 32.60 -16.37
N ALA D 176 41.40 32.87 -15.30
CA ALA D 176 42.38 31.97 -14.75
C ALA D 176 41.71 31.03 -13.71
N PRO D 177 42.01 29.72 -13.70
CA PRO D 177 41.50 28.82 -12.67
C PRO D 177 42.14 29.14 -11.32
N VAL D 178 41.36 29.60 -10.35
CA VAL D 178 41.82 29.82 -8.97
C VAL D 178 41.69 28.57 -8.11
N GLY D 179 40.75 27.69 -8.40
CA GLY D 179 40.50 26.48 -7.62
C GLY D 179 39.57 25.52 -8.32
N GLY D 180 38.99 24.59 -7.58
CA GLY D 180 37.94 23.69 -8.05
C GLY D 180 36.93 23.37 -6.97
N HIS D 181 36.08 22.39 -7.21
CA HIS D 181 35.22 21.76 -6.21
C HIS D 181 34.96 20.30 -6.59
N ILE D 182 34.64 19.44 -5.62
CA ILE D 182 33.94 18.18 -5.85
C ILE D 182 32.69 18.16 -4.98
N LEU D 183 31.59 17.71 -5.56
CA LEU D 183 30.34 17.48 -4.86
C LEU D 183 29.82 16.14 -5.33
N SER D 184 29.29 15.33 -4.41
CA SER D 184 28.68 14.05 -4.75
C SER D 184 27.22 14.06 -4.40
N TYR D 185 26.42 13.53 -5.32
CA TYR D 185 24.97 13.51 -5.31
C TYR D 185 24.47 12.08 -5.35
N LEU D 186 23.38 11.79 -4.66
CA LEU D 186 22.57 10.62 -4.95
C LEU D 186 23.36 9.30 -4.92
N LEU D 187 24.32 9.16 -4.01
CA LEU D 187 25.00 7.87 -3.76
C LEU D 187 23.95 6.80 -3.41
N GLU D 188 24.04 5.67 -4.10
CA GLU D 188 23.15 4.51 -4.00
C GLU D 188 23.36 3.75 -2.67
N LYS D 189 23.17 4.43 -1.52
CA LYS D 189 23.54 3.89 -0.20
C LYS D 189 22.76 2.63 0.19
N SER D 190 21.65 2.27 -0.46
CA SER D 190 21.03 0.94 -0.26
C SER D 190 22.02 -0.20 -0.49
N ARG D 191 23.05 -0.02 -1.34
CA ARG D 191 24.10 -1.01 -1.60
C ARG D 191 24.93 -1.38 -0.39
N VAL D 192 25.09 -0.49 0.60
CA VAL D 192 26.01 -0.73 1.71
C VAL D 192 25.63 -1.99 2.47
N VAL D 193 24.32 -2.24 2.58
CA VAL D 193 23.73 -3.26 3.44
C VAL D 193 23.02 -4.38 2.68
N HIS D 194 22.80 -4.23 1.38
CA HIS D 194 22.12 -5.21 0.54
C HIS D 194 22.62 -5.15 -0.90
N GLN D 195 22.81 -6.28 -1.57
CA GLN D 195 23.11 -6.33 -3.01
C GLN D 195 22.24 -7.39 -3.69
N ASN D 196 21.88 -7.15 -4.95
CA ASN D 196 21.25 -8.15 -5.80
C ASN D 196 22.24 -9.25 -6.20
N HIS D 197 21.76 -10.41 -6.65
CA HIS D 197 22.64 -11.50 -7.07
C HIS D 197 23.57 -11.07 -8.23
N GLY D 198 24.85 -11.43 -8.15
CA GLY D 198 25.85 -11.08 -9.15
C GLY D 198 26.46 -9.68 -8.98
N GLU D 199 26.10 -8.95 -7.93
CA GLU D 199 26.64 -7.63 -7.62
C GLU D 199 27.43 -7.62 -6.32
N ARG D 200 28.53 -6.86 -6.28
CA ARG D 200 29.30 -6.62 -5.05
C ARG D 200 28.88 -5.32 -4.38
N ASN D 201 29.32 -5.15 -3.15
CA ASN D 201 29.29 -3.88 -2.45
C ASN D 201 30.28 -2.89 -3.07
N PHE D 202 30.41 -1.68 -2.53
CA PHE D 202 31.43 -0.74 -2.96
C PHE D 202 32.83 -1.34 -2.88
N HIS D 203 33.73 -0.97 -3.78
CA HIS D 203 34.95 -1.71 -3.98
C HIS D 203 35.91 -1.72 -2.79
N VAL D 204 35.84 -0.74 -1.89
CA VAL D 204 36.78 -0.60 -0.78
C VAL D 204 36.84 -1.82 0.14
N PHE D 205 35.73 -2.52 0.36
CA PHE D 205 35.71 -3.62 1.33
C PHE D 205 36.53 -4.82 0.89
N TYR D 206 36.32 -5.28 -0.33
CA TYR D 206 37.03 -6.38 -0.96
C TYR D 206 38.49 -6.02 -1.20
N GLN D 207 38.76 -4.76 -1.51
CA GLN D 207 40.10 -4.23 -1.61
C GLN D 207 40.84 -4.22 -0.27
N LEU D 208 40.21 -3.82 0.83
CA LEU D 208 40.76 -3.93 2.17
C LEU D 208 41.03 -5.39 2.56
N LEU D 209 40.07 -6.30 2.42
CA LEU D 209 40.25 -7.71 2.82
C LEU D 209 41.32 -8.43 2.00
N GLU D 210 41.37 -8.26 0.68
CA GLU D 210 42.39 -8.92 -0.16
C GLU D 210 43.75 -8.21 -0.18
N GLY D 211 43.76 -6.86 -0.19
CA GLY D 211 44.98 -6.06 -0.26
C GLY D 211 45.60 -5.66 1.08
N GLY D 212 44.88 -5.70 2.20
CA GLY D 212 45.33 -5.15 3.49
C GLY D 212 46.53 -5.84 4.12
N GLU D 213 47.36 -5.10 4.87
CA GLU D 213 48.51 -5.65 5.61
C GLU D 213 48.08 -6.46 6.84
N GLU D 214 48.97 -7.29 7.39
CA GLU D 214 48.62 -8.12 8.55
C GLU D 214 48.22 -7.29 9.77
N GLU D 215 48.99 -6.27 10.16
CA GLU D 215 48.64 -5.46 11.33
C GLU D 215 47.38 -4.65 11.09
N THR D 216 47.17 -4.14 9.88
CA THR D 216 45.97 -3.39 9.50
C THR D 216 44.74 -4.26 9.69
N LEU D 217 44.71 -5.45 9.10
CA LEU D 217 43.60 -6.37 9.26
C LEU D 217 43.46 -6.80 10.71
N ARG D 218 44.54 -7.22 11.38
CA ARG D 218 44.58 -7.69 12.76
C ARG D 218 44.04 -6.68 13.77
N ARG D 219 44.28 -5.38 13.58
CA ARG D 219 43.76 -4.31 14.42
C ARG D 219 42.25 -4.08 14.24
N LEU D 220 41.74 -4.36 13.05
CA LEU D 220 40.33 -4.36 12.69
C LEU D 220 39.76 -5.80 12.86
N GLY D 221 38.60 -6.09 12.29
CA GLY D 221 38.22 -7.47 11.96
C GLY D 221 39.09 -8.04 10.84
N LEU D 222 39.73 -9.17 11.12
CA LEU D 222 40.96 -9.60 10.46
C LEU D 222 40.81 -10.77 9.49
N GLU D 223 39.62 -11.35 9.34
CA GLU D 223 39.47 -12.51 8.46
C GLU D 223 39.31 -12.06 7.02
N ARG D 224 40.32 -12.36 6.19
CA ARG D 224 40.36 -12.03 4.76
C ARG D 224 39.28 -12.66 3.90
N ASN D 225 38.70 -13.80 4.26
CA ASN D 225 37.60 -14.36 3.48
C ASN D 225 36.37 -13.41 3.51
N PRO D 226 35.88 -12.86 2.37
CA PRO D 226 34.78 -11.90 2.36
C PRO D 226 33.42 -12.50 2.70
N GLN D 227 33.19 -13.81 2.49
CA GLN D 227 31.97 -14.47 2.96
C GLN D 227 31.82 -14.50 4.49
N SER D 228 32.84 -14.12 5.25
CA SER D 228 32.77 -13.93 6.70
C SER D 228 31.92 -12.73 7.12
N TYR D 229 31.51 -11.88 6.19
CA TYR D 229 30.75 -10.65 6.47
C TYR D 229 29.44 -10.66 5.69
N LEU D 230 28.30 -10.46 6.37
CA LEU D 230 26.98 -10.54 5.71
C LEU D 230 26.76 -9.45 4.65
N TYR D 231 27.22 -8.23 4.89
CA TYR D 231 27.08 -7.11 3.95
C TYR D 231 27.94 -7.24 2.69
N LEU D 232 28.86 -8.20 2.59
CA LEU D 232 29.66 -8.42 1.37
C LEU D 232 29.12 -9.53 0.45
N VAL D 233 28.19 -10.35 0.94
CA VAL D 233 27.89 -11.67 0.35
C VAL D 233 26.43 -11.84 -0.07
N LYS D 234 25.54 -10.88 0.23
CA LYS D 234 24.13 -10.94 -0.21
C LYS D 234 23.97 -11.10 -1.72
N GLY D 235 24.91 -10.56 -2.50
CA GLY D 235 25.00 -10.74 -3.95
C GLY D 235 25.84 -11.91 -4.43
N GLN D 236 26.48 -12.68 -3.55
CA GLN D 236 27.19 -13.93 -3.84
C GLN D 236 28.32 -13.82 -4.90
N CYS D 237 28.89 -12.61 -5.08
CA CYS D 237 29.75 -12.28 -6.22
C CYS D 237 31.21 -11.95 -5.84
N ALA D 238 31.62 -12.16 -4.58
CA ALA D 238 32.84 -11.58 -4.00
C ALA D 238 34.13 -11.76 -4.85
N LYS D 239 34.39 -12.94 -5.40
CA LYS D 239 35.55 -13.24 -6.26
C LYS D 239 35.12 -13.32 -7.73
N VAL D 240 35.76 -12.50 -8.58
CA VAL D 240 35.59 -12.48 -10.03
C VAL D 240 36.92 -12.14 -10.72
N SER D 241 37.26 -12.83 -11.81
CA SER D 241 38.60 -12.79 -12.42
C SER D 241 38.96 -11.46 -13.11
N SER D 242 37.97 -10.66 -13.48
CA SER D 242 38.15 -9.36 -14.14
C SER D 242 38.66 -8.25 -13.20
N ILE D 243 38.45 -8.41 -11.88
CA ILE D 243 38.82 -7.43 -10.86
C ILE D 243 39.99 -7.95 -10.03
N ASN D 244 41.06 -7.17 -9.88
CA ASN D 244 42.20 -7.50 -9.02
C ASN D 244 42.19 -6.58 -7.79
N ASP D 245 41.38 -6.94 -6.78
CA ASP D 245 41.23 -6.18 -5.53
C ASP D 245 42.57 -5.93 -4.82
N LYS D 246 43.48 -6.90 -4.76
CA LYS D 246 44.82 -6.69 -4.18
C LYS D 246 45.57 -5.54 -4.83
N SER D 247 45.65 -5.55 -6.16
CA SER D 247 46.38 -4.52 -6.91
C SER D 247 45.70 -3.18 -6.80
N ASP D 248 44.37 -3.16 -6.86
CA ASP D 248 43.60 -1.94 -6.79
C ASP D 248 43.74 -1.24 -5.44
N TRP D 249 43.82 -1.98 -4.32
CA TRP D 249 44.04 -1.38 -3.01
C TRP D 249 45.42 -0.72 -2.87
N LYS D 250 46.49 -1.31 -3.42
CA LYS D 250 47.82 -0.67 -3.46
C LYS D 250 47.88 0.62 -4.28
N VAL D 251 46.98 0.81 -5.24
CA VAL D 251 46.77 2.08 -5.97
C VAL D 251 45.87 3.04 -5.18
N MET D 252 44.84 2.53 -4.52
CA MET D 252 43.88 3.30 -3.72
C MET D 252 44.53 3.91 -2.48
N ARG D 253 45.27 3.10 -1.70
CA ARG D 253 45.99 3.52 -0.50
C ARG D 253 47.02 4.60 -0.77
N LYS D 254 47.64 4.58 -1.96
CA LYS D 254 48.57 5.61 -2.43
C LYS D 254 47.85 6.87 -2.89
N ALA D 255 46.65 6.77 -3.45
CA ALA D 255 45.82 7.93 -3.76
C ALA D 255 45.41 8.70 -2.49
N LEU D 256 45.07 8.03 -1.40
CA LEU D 256 44.88 8.68 -0.09
C LEU D 256 46.15 9.39 0.41
N SER D 257 47.33 8.79 0.29
CA SER D 257 48.59 9.45 0.64
C SER D 257 48.86 10.69 -0.23
N VAL D 258 48.71 10.59 -1.55
CA VAL D 258 48.90 11.68 -2.52
C VAL D 258 47.87 12.80 -2.35
N ILE D 259 46.62 12.50 -2.00
CA ILE D 259 45.56 13.50 -1.73
C ILE D 259 45.58 13.99 -0.27
N ASP D 260 46.73 13.97 0.40
CA ASP D 260 46.96 14.58 1.72
C ASP D 260 46.03 14.09 2.84
N PHE D 261 45.64 12.82 2.83
CA PHE D 261 45.21 12.14 4.05
C PHE D 261 46.46 11.70 4.82
N THR D 262 46.64 12.23 6.04
CA THR D 262 47.67 11.79 6.98
C THR D 262 47.41 10.34 7.39
N GLU D 263 48.43 9.59 7.79
CA GLU D 263 48.25 8.15 8.10
C GLU D 263 47.17 7.90 9.17
N ASP D 264 47.11 8.72 10.21
CA ASP D 264 46.07 8.64 11.24
C ASP D 264 44.66 8.93 10.70
N GLU D 265 44.47 9.77 9.67
CA GLU D 265 43.17 9.92 9.00
C GLU D 265 42.81 8.67 8.22
N VAL D 266 43.78 8.02 7.58
CA VAL D 266 43.52 6.79 6.85
C VAL D 266 43.17 5.66 7.81
N GLU D 267 43.83 5.58 8.96
CA GLU D 267 43.48 4.62 9.99
C GLU D 267 42.10 4.87 10.60
N ASP D 268 41.70 6.11 10.82
CA ASP D 268 40.31 6.43 11.16
C ASP D 268 39.34 5.96 10.06
N LEU D 269 39.70 6.16 8.80
CA LEU D 269 38.87 5.84 7.65
C LEU D 269 38.75 4.33 7.40
N LEU D 270 39.83 3.55 7.49
CA LEU D 270 39.77 2.08 7.48
C LEU D 270 38.93 1.58 8.65
N SER D 271 39.00 2.23 9.80
CA SER D 271 38.19 1.87 10.95
C SER D 271 36.73 2.13 10.68
N ILE D 272 36.34 3.09 9.84
CA ILE D 272 34.93 3.21 9.43
C ILE D 272 34.53 2.05 8.51
N VAL D 273 35.36 1.75 7.51
CA VAL D 273 35.11 0.65 6.57
C VAL D 273 34.98 -0.69 7.31
N ALA D 274 35.86 -1.00 8.26
CA ALA D 274 35.74 -2.20 9.09
C ALA D 274 34.58 -2.17 10.08
N SER D 275 34.27 -1.02 10.68
CA SER D 275 33.01 -0.84 11.43
C SER D 275 31.78 -1.18 10.62
N VAL D 276 31.72 -0.82 9.34
CA VAL D 276 30.57 -1.17 8.48
C VAL D 276 30.50 -2.67 8.27
N LEU D 277 31.64 -3.35 8.09
CA LEU D 277 31.68 -4.81 8.03
C LEU D 277 31.18 -5.46 9.33
N HIS D 278 31.64 -4.99 10.50
CA HIS D 278 31.19 -5.51 11.78
C HIS D 278 29.71 -5.23 12.05
N LEU D 279 29.18 -4.04 11.75
CA LEU D 279 27.75 -3.75 11.96
C LEU D 279 26.87 -4.79 11.27
N GLY D 280 27.17 -5.19 10.03
CA GLY D 280 26.39 -6.18 9.31
C GLY D 280 26.41 -7.59 9.89
N ASN D 281 27.41 -7.91 10.71
CA ASN D 281 27.50 -9.16 11.46
C ASN D 281 26.79 -9.15 12.82
N ILE D 282 26.13 -8.07 13.23
CA ILE D 282 25.34 -8.07 14.48
C ILE D 282 24.01 -8.81 14.27
N HIS D 283 23.76 -9.82 15.10
CA HIS D 283 22.53 -10.61 15.13
C HIS D 283 21.71 -10.31 16.38
N PHE D 284 20.41 -10.09 16.21
CA PHE D 284 19.47 -9.81 17.29
C PHE D 284 18.65 -11.06 17.65
N ALA D 285 18.56 -11.39 18.94
CA ALA D 285 17.58 -12.32 19.48
C ALA D 285 16.42 -11.55 20.13
N ALA D 286 15.27 -12.19 20.29
CA ALA D 286 14.15 -11.63 21.03
C ALA D 286 14.28 -11.86 22.54
N ASP D 287 13.88 -10.88 23.33
CA ASP D 287 13.39 -11.07 24.69
C ASP D 287 12.09 -11.89 24.72
N GLU D 288 11.66 -12.29 25.91
CA GLU D 288 10.31 -12.81 26.18
C GLU D 288 9.19 -11.79 25.87
N ASP D 289 9.54 -10.52 25.63
CA ASP D 289 8.68 -9.42 25.17
C ASP D 289 8.84 -9.08 23.67
N SER D 290 9.55 -9.89 22.89
CA SER D 290 9.82 -9.67 21.45
C SER D 290 10.67 -8.44 21.11
N ASN D 291 11.21 -7.76 22.11
CA ASN D 291 12.21 -6.69 21.96
C ASN D 291 13.59 -7.26 21.61
N ALA D 292 14.35 -6.59 20.76
CA ALA D 292 15.64 -7.03 20.27
C ALA D 292 16.74 -6.90 21.33
N GLN D 293 17.64 -7.90 21.39
CA GLN D 293 18.87 -7.89 22.18
C GLN D 293 20.04 -8.32 21.31
N VAL D 294 21.20 -7.65 21.39
CA VAL D 294 22.40 -8.05 20.65
C VAL D 294 22.98 -9.34 21.24
N THR D 295 23.06 -10.40 20.45
CA THR D 295 23.57 -11.71 20.91
C THR D 295 25.10 -11.79 20.95
N THR D 296 25.79 -11.19 19.99
CA THR D 296 27.23 -11.37 19.80
C THR D 296 28.03 -10.18 20.31
N GLU D 297 28.81 -10.38 21.37
CA GLU D 297 29.77 -9.39 21.87
C GLU D 297 30.95 -9.18 20.92
N ASN D 298 31.22 -10.12 20.00
CA ASN D 298 32.47 -10.12 19.24
C ASN D 298 32.58 -8.98 18.22
N GLN D 299 31.46 -8.51 17.66
CA GLN D 299 31.43 -7.32 16.81
C GLN D 299 31.56 -6.04 17.63
N LEU D 300 30.81 -5.93 18.73
CA LEU D 300 30.88 -4.82 19.68
C LEU D 300 32.27 -4.66 20.33
N LYS D 301 33.01 -5.75 20.58
CA LYS D 301 34.40 -5.69 21.03
C LYS D 301 35.29 -4.82 20.14
N TYR D 302 35.03 -4.83 18.82
CA TYR D 302 35.74 -4.01 17.85
C TYR D 302 35.04 -2.69 17.57
N LEU D 303 33.72 -2.65 17.39
CA LEU D 303 32.98 -1.42 17.10
C LEU D 303 33.23 -0.31 18.13
N THR D 304 33.35 -0.63 19.41
CA THR D 304 33.69 0.38 20.43
C THR D 304 35.08 0.99 20.27
N ARG D 305 35.99 0.33 19.57
CA ARG D 305 37.31 0.88 19.20
C ARG D 305 37.28 1.55 17.83
N LEU D 306 36.67 0.92 16.84
CA LEU D 306 36.71 1.37 15.46
C LEU D 306 35.78 2.56 15.19
N LEU D 307 34.56 2.56 15.71
CA LEU D 307 33.70 3.74 15.74
C LEU D 307 34.06 4.67 16.91
N GLY D 308 34.79 4.20 17.92
CA GLY D 308 35.16 4.99 19.09
C GLY D 308 34.01 5.38 20.02
N VAL D 309 32.94 4.59 20.09
CA VAL D 309 31.76 4.83 20.94
C VAL D 309 31.69 3.84 22.11
N GLU D 310 31.09 4.20 23.24
CA GLU D 310 30.96 3.31 24.41
C GLU D 310 30.00 2.14 24.12
N GLY D 311 30.42 0.90 24.34
CA GLY D 311 29.64 -0.30 23.97
C GLY D 311 28.29 -0.43 24.64
N THR D 312 28.15 0.06 25.87
CA THR D 312 26.86 0.11 26.56
C THR D 312 25.90 1.07 25.86
N THR D 313 26.43 2.15 25.27
CA THR D 313 25.65 3.16 24.53
C THR D 313 25.25 2.63 23.16
N LEU D 314 26.16 1.97 22.43
CA LEU D 314 25.88 1.39 21.13
C LEU D 314 24.92 0.19 21.22
N ARG D 315 25.10 -0.71 22.20
CA ARG D 315 24.11 -1.76 22.51
C ARG D 315 22.71 -1.19 22.68
N GLU D 316 22.59 -0.10 23.41
CA GLU D 316 21.32 0.59 23.63
C GLU D 316 20.79 1.22 22.33
N ALA D 317 21.59 2.00 21.61
CA ALA D 317 21.16 2.65 20.37
C ALA D 317 20.74 1.68 19.26
N LEU D 318 21.39 0.52 19.14
CA LEU D 318 21.01 -0.49 18.16
C LEU D 318 19.67 -1.15 18.48
N THR D 319 19.15 -1.03 19.71
CA THR D 319 18.01 -1.79 20.22
C THR D 319 16.92 -0.94 20.86
N HIS D 320 17.12 0.38 20.96
CA HIS D 320 16.13 1.35 21.45
C HIS D 320 15.99 2.55 20.52
N ARG D 321 14.75 3.02 20.35
CA ARG D 321 14.35 4.31 19.76
C ARG D 321 14.11 5.29 20.91
N LYS D 322 14.63 6.51 20.83
CA LYS D 322 14.45 7.54 21.87
C LYS D 322 13.47 8.61 21.42
N ILE D 323 12.41 8.82 22.19
CA ILE D 323 11.48 9.96 22.12
C ILE D 323 11.91 11.01 23.13
N ILE D 324 11.71 12.30 22.85
CA ILE D 324 11.81 13.37 23.85
C ILE D 324 10.51 14.19 23.83
N ALA D 325 9.79 14.23 24.95
CA ALA D 325 8.52 14.95 25.09
C ALA D 325 8.45 15.65 26.45
N LYS D 326 8.01 16.91 26.52
CA LYS D 326 7.99 17.70 27.78
C LYS D 326 9.32 17.68 28.56
N GLY D 327 10.44 17.53 27.85
CA GLY D 327 11.78 17.39 28.44
C GLY D 327 12.12 16.03 29.06
N GLU D 328 11.18 15.10 29.23
CA GLU D 328 11.50 13.70 29.56
C GLU D 328 11.93 12.95 28.30
N GLU D 329 12.98 12.13 28.39
CA GLU D 329 13.45 11.30 27.28
C GLU D 329 13.15 9.83 27.56
N LEU D 330 12.52 9.18 26.59
CA LEU D 330 11.91 7.86 26.76
C LEU D 330 12.53 6.88 25.78
N LEU D 331 13.35 5.96 26.28
CA LEU D 331 13.85 4.84 25.48
C LEU D 331 12.71 3.84 25.30
N SER D 332 12.34 3.57 24.06
CA SER D 332 11.37 2.55 23.69
C SER D 332 12.05 1.46 22.86
N PRO D 333 11.92 0.17 23.20
CA PRO D 333 12.70 -0.88 22.57
C PRO D 333 12.24 -1.18 21.14
N LEU D 334 13.15 -1.71 20.32
CA LEU D 334 12.89 -2.10 18.94
C LEU D 334 12.55 -3.58 18.83
N ASN D 335 11.58 -3.98 18.02
CA ASN D 335 11.42 -5.39 17.63
C ASN D 335 12.54 -5.80 16.67
N LEU D 336 12.70 -7.09 16.36
CA LEU D 336 13.81 -7.58 15.53
C LEU D 336 13.88 -6.92 14.15
N GLU D 337 12.73 -6.66 13.52
CA GLU D 337 12.66 -5.98 12.24
C GLU D 337 13.16 -4.55 12.36
N GLN D 338 12.74 -3.80 13.39
CA GLN D 338 13.23 -2.46 13.64
C GLN D 338 14.70 -2.41 14.06
N ALA D 339 15.21 -3.39 14.80
CA ALA D 339 16.62 -3.43 15.17
C ALA D 339 17.54 -3.78 14.00
N ALA D 340 17.12 -4.67 13.09
CA ALA D 340 17.82 -4.87 11.83
C ALA D 340 17.79 -3.60 10.96
N TYR D 341 16.64 -2.96 10.79
CA TYR D 341 16.55 -1.69 10.09
C TYR D 341 17.38 -0.58 10.75
N ALA D 342 17.51 -0.55 12.08
CA ALA D 342 18.33 0.42 12.80
C ALA D 342 19.84 0.17 12.63
N ARG D 343 20.29 -1.09 12.66
CA ARG D 343 21.67 -1.50 12.32
C ARG D 343 22.00 -1.17 10.88
N ASP D 344 21.08 -1.42 9.95
CA ASP D 344 21.27 -1.14 8.54
C ASP D 344 21.20 0.36 8.26
N ALA D 345 20.33 1.12 8.93
CA ALA D 345 20.30 2.57 8.84
C ALA D 345 21.60 3.20 9.33
N LEU D 346 22.15 2.73 10.45
CA LEU D 346 23.44 3.18 10.91
C LEU D 346 24.54 2.86 9.91
N ALA D 347 24.60 1.66 9.33
CA ALA D 347 25.63 1.33 8.35
C ALA D 347 25.54 2.22 7.09
N LYS D 348 24.34 2.40 6.52
CA LYS D 348 24.09 3.30 5.39
C LYS D 348 24.48 4.73 5.71
N ALA D 349 24.10 5.25 6.87
CA ALA D 349 24.44 6.59 7.34
C ALA D 349 25.94 6.77 7.58
N VAL D 350 26.59 5.90 8.33
CA VAL D 350 28.02 5.94 8.63
C VAL D 350 28.86 5.86 7.37
N TYR D 351 28.45 5.05 6.38
CA TYR D 351 29.14 4.93 5.11
C TYR D 351 28.93 6.12 4.16
N SER D 352 27.69 6.54 3.92
CA SER D 352 27.43 7.70 3.07
C SER D 352 27.96 9.00 3.69
N ARG D 353 28.05 9.10 5.02
CA ARG D 353 28.68 10.24 5.68
C ARG D 353 30.19 10.21 5.64
N THR D 354 30.86 9.07 5.80
CA THR D 354 32.31 9.03 5.56
C THR D 354 32.65 9.29 4.09
N PHE D 355 31.75 9.00 3.14
CA PHE D 355 31.91 9.39 1.74
C PHE D 355 31.68 10.89 1.49
N THR D 356 30.67 11.49 2.12
CA THR D 356 30.51 12.95 2.14
C THR D 356 31.73 13.64 2.77
N TRP D 357 32.29 13.07 3.84
CA TRP D 357 33.52 13.54 4.47
C TRP D 357 34.74 13.38 3.56
N LEU D 358 34.88 12.28 2.80
CA LEU D 358 35.94 12.11 1.82
C LEU D 358 35.89 13.19 0.76
N VAL D 359 34.71 13.46 0.24
CA VAL D 359 34.48 14.48 -0.79
C VAL D 359 34.74 15.86 -0.22
N ARG D 360 34.30 16.19 1.00
CA ARG D 360 34.67 17.45 1.67
C ARG D 360 36.18 17.58 1.87
N LYS D 361 36.85 16.55 2.39
CA LYS D 361 38.29 16.51 2.60
C LYS D 361 39.06 16.64 1.28
N ILE D 362 38.59 16.08 0.17
CA ILE D 362 39.17 16.31 -1.17
C ILE D 362 38.90 17.76 -1.64
N ASN D 363 37.66 18.20 -1.60
CA ASN D 363 37.16 19.50 -2.05
C ASN D 363 37.86 20.68 -1.38
N ARG D 364 38.09 20.63 -0.06
CA ARG D 364 38.83 21.69 0.65
C ARG D 364 40.30 21.78 0.24
N SER D 365 40.85 20.74 -0.39
CA SER D 365 42.17 20.77 -1.01
C SER D 365 42.18 21.42 -2.41
N LEU D 366 41.01 21.64 -3.01
CA LEU D 366 40.83 22.31 -4.31
C LEU D 366 40.52 23.81 -4.17
N ALA D 367 40.18 24.30 -2.98
CA ALA D 367 39.73 25.67 -2.76
C ALA D 367 40.75 26.74 -3.18
N SER D 368 40.29 27.97 -3.45
CA SER D 368 41.16 29.10 -3.79
C SER D 368 42.13 29.42 -2.66
N LYS D 369 43.42 29.61 -2.99
CA LYS D 369 44.45 30.04 -2.04
C LYS D 369 44.45 31.55 -1.80
N ASP D 370 44.14 32.34 -2.83
CA ASP D 370 43.84 33.77 -2.68
C ASP D 370 42.43 33.98 -2.09
N ALA D 371 42.18 35.14 -1.46
CA ALA D 371 41.07 35.35 -0.53
C ALA D 371 39.66 35.26 -1.14
N GLU D 372 39.53 35.51 -2.45
CA GLU D 372 38.27 35.30 -3.22
C GLU D 372 37.04 36.02 -2.62
N SER D 373 37.27 37.14 -1.92
CA SER D 373 36.29 37.83 -1.06
C SER D 373 36.41 39.36 -1.20
N PRO D 374 35.33 40.14 -1.03
CA PRO D 374 35.30 41.56 -1.39
C PRO D 374 36.43 42.37 -0.71
N SER D 375 37.09 43.31 -1.39
CA SER D 375 36.78 43.88 -2.72
C SER D 375 37.36 43.13 -3.94
N TRP D 376 37.57 41.81 -3.84
CA TRP D 376 37.81 40.92 -5.00
C TRP D 376 36.73 41.09 -6.08
N ARG D 377 37.14 41.09 -7.36
CA ARG D 377 36.32 41.57 -8.48
C ARG D 377 35.14 40.64 -8.83
N SER D 378 35.42 39.39 -9.19
CA SER D 378 34.40 38.37 -9.53
C SER D 378 34.99 36.94 -9.57
N THR D 379 34.13 35.93 -9.40
CA THR D 379 34.48 34.50 -9.53
C THR D 379 33.33 33.73 -10.20
N THR D 380 33.64 32.80 -11.09
CA THR D 380 32.65 32.02 -11.87
C THR D 380 33.10 30.56 -12.01
N VAL D 381 32.20 29.59 -11.80
CA VAL D 381 32.53 28.16 -11.88
C VAL D 381 32.07 27.52 -13.18
N LEU D 382 32.91 26.67 -13.75
CA LEU D 382 32.57 25.79 -14.86
C LEU D 382 32.59 24.35 -14.34
N GLY D 383 31.44 23.69 -14.33
CA GLY D 383 31.31 22.34 -13.78
C GLY D 383 31.22 21.24 -14.82
N LEU D 384 31.62 20.04 -14.43
CA LEU D 384 31.32 18.78 -15.10
C LEU D 384 30.45 17.94 -14.17
N LEU D 385 29.25 17.54 -14.57
CA LEU D 385 28.40 16.60 -13.83
C LEU D 385 28.37 15.27 -14.56
N ASP D 386 28.63 14.21 -13.84
CA ASP D 386 28.63 12.85 -14.32
C ASP D 386 27.73 12.05 -13.39
N ILE D 387 26.52 11.76 -13.82
CA ILE D 387 25.53 11.01 -13.05
C ILE D 387 25.06 9.79 -13.83
N TYR D 388 24.71 8.72 -13.12
CA TYR D 388 24.43 7.42 -13.70
C TYR D 388 23.33 7.48 -14.76
N GLY D 389 23.55 6.78 -15.87
CA GLY D 389 22.57 6.69 -16.94
C GLY D 389 21.40 5.79 -16.56
N PHE D 390 20.41 5.71 -17.45
CA PHE D 390 19.27 4.82 -17.33
C PHE D 390 19.68 3.34 -17.27
N GLU D 391 18.94 2.53 -16.51
CA GLU D 391 19.41 1.23 -16.04
C GLU D 391 18.32 0.16 -16.17
N VAL D 392 18.45 -0.71 -17.17
CA VAL D 392 17.57 -1.88 -17.37
C VAL D 392 18.38 -3.17 -17.32
N PHE D 393 18.05 -4.05 -16.38
CA PHE D 393 18.68 -5.35 -16.13
C PHE D 393 17.70 -6.50 -16.36
N GLN D 394 18.16 -7.75 -16.21
CA GLN D 394 17.32 -8.95 -16.19
C GLN D 394 16.23 -8.85 -15.12
N HIS D 395 16.59 -8.37 -13.93
CA HIS D 395 15.67 -8.03 -12.85
C HIS D 395 15.96 -6.63 -12.35
N ASN D 396 14.93 -5.78 -12.28
CA ASN D 396 15.02 -4.41 -11.79
C ASN D 396 14.36 -4.32 -10.41
N SER D 397 14.86 -3.39 -9.60
CA SER D 397 14.53 -3.29 -8.19
C SER D 397 14.63 -1.84 -7.72
N PHE D 398 14.50 -1.61 -6.42
CA PHE D 398 14.44 -0.28 -5.79
C PHE D 398 15.55 0.68 -6.24
N GLU D 399 16.81 0.25 -6.35
CA GLU D 399 17.87 1.15 -6.84
C GLU D 399 17.74 1.47 -8.33
N GLN D 400 17.35 0.54 -9.19
CA GLN D 400 17.05 0.87 -10.58
C GLN D 400 15.89 1.85 -10.64
N PHE D 401 14.85 1.64 -9.83
CA PHE D 401 13.70 2.54 -9.78
C PHE D 401 14.14 3.98 -9.45
N CYS D 402 15.01 4.16 -8.47
CA CYS D 402 15.58 5.46 -8.12
C CYS D 402 16.46 6.03 -9.22
N ILE D 403 17.35 5.24 -9.83
CA ILE D 403 18.21 5.70 -10.93
C ILE D 403 17.38 6.14 -12.15
N ASN D 404 16.35 5.38 -12.48
CA ASN D 404 15.52 5.61 -13.65
C ASN D 404 14.53 6.76 -13.41
N TYR D 405 14.06 6.96 -12.17
CA TYR D 405 13.37 8.17 -11.75
C TYR D 405 14.28 9.41 -11.84
N CYS D 406 15.53 9.32 -11.37
CA CYS D 406 16.51 10.39 -11.55
C CYS D 406 16.67 10.76 -13.02
N ASN D 407 16.86 9.80 -13.90
CA ASN D 407 16.99 10.05 -15.32
C ASN D 407 15.71 10.56 -15.97
N GLU D 408 14.53 10.07 -15.60
CA GLU D 408 13.25 10.67 -15.98
C GLU D 408 13.19 12.15 -15.65
N LYS D 409 13.51 12.50 -14.41
CA LYS D 409 13.47 13.87 -13.92
C LYS D 409 14.51 14.75 -14.61
N LEU D 410 15.66 14.20 -15.04
CA LEU D 410 16.63 14.93 -15.84
C LEU D 410 16.24 15.03 -17.31
N GLN D 411 15.60 14.03 -17.89
CA GLN D 411 15.01 14.11 -19.22
C GLN D 411 13.86 15.13 -19.24
N GLN D 412 13.04 15.21 -18.19
CA GLN D 412 12.01 16.23 -18.05
C GLN D 412 12.64 17.63 -18.10
N LEU D 413 13.63 17.92 -17.26
CA LEU D 413 14.38 19.17 -17.26
C LEU D 413 14.98 19.48 -18.63
N PHE D 414 15.61 18.49 -19.25
CA PHE D 414 16.29 18.65 -20.53
C PHE D 414 15.33 18.96 -21.68
N ILE D 415 14.24 18.22 -21.79
CA ILE D 415 13.22 18.47 -22.82
C ILE D 415 12.48 19.77 -22.55
N GLU D 416 12.16 20.13 -21.30
CA GLU D 416 11.66 21.46 -20.97
C GLU D 416 12.60 22.56 -21.46
N LEU D 417 13.88 22.51 -21.10
CA LEU D 417 14.84 23.54 -21.50
C LEU D 417 15.07 23.54 -23.01
N THR D 418 15.06 22.39 -23.68
CA THR D 418 15.17 22.28 -25.14
C THR D 418 13.98 22.91 -25.85
N LEU D 419 12.76 22.56 -25.43
CA LEU D 419 11.51 23.07 -25.98
C LEU D 419 11.40 24.57 -25.73
N LYS D 420 11.60 25.02 -24.48
CA LYS D 420 11.70 26.43 -24.12
C LYS D 420 12.70 27.19 -24.98
N SER D 421 13.89 26.64 -25.21
CA SER D 421 14.91 27.24 -26.08
C SER D 421 14.47 27.37 -27.53
N GLU D 422 13.74 26.41 -28.10
CA GLU D 422 13.22 26.50 -29.47
C GLU D 422 12.02 27.45 -29.56
N GLN D 423 11.09 27.41 -28.60
CA GLN D 423 9.94 28.30 -28.53
C GLN D 423 10.38 29.76 -28.40
N GLU D 424 11.26 30.06 -27.45
CA GLU D 424 11.78 31.40 -27.26
C GLU D 424 12.61 31.89 -28.45
N GLU D 425 13.25 31.02 -29.23
CA GLU D 425 13.85 31.43 -30.50
C GLU D 425 12.80 31.82 -31.55
N TYR D 426 11.80 30.97 -31.79
CA TYR D 426 10.75 31.26 -32.78
C TYR D 426 9.99 32.53 -32.41
N GLU D 427 9.67 32.73 -31.13
CA GLU D 427 9.08 33.98 -30.65
C GLU D 427 9.99 35.19 -30.87
N ALA D 428 11.27 35.09 -30.52
CA ALA D 428 12.23 36.18 -30.73
C ALA D 428 12.39 36.54 -32.22
N GLU D 429 12.46 35.55 -33.11
CA GLU D 429 12.58 35.75 -34.56
C GLU D 429 11.25 36.03 -35.27
N GLY D 430 10.12 35.97 -34.57
CA GLY D 430 8.82 36.27 -35.17
C GLY D 430 8.29 35.20 -36.14
N ILE D 431 8.59 33.92 -35.87
CA ILE D 431 8.03 32.77 -36.59
C ILE D 431 6.91 32.15 -35.75
N ALA D 432 5.75 31.90 -36.36
CA ALA D 432 4.66 31.19 -35.70
C ALA D 432 5.08 29.77 -35.31
N TRP D 433 4.95 29.41 -34.03
CA TRP D 433 5.39 28.11 -33.50
C TRP D 433 4.58 26.96 -34.10
N GLU D 434 5.14 26.25 -35.07
CA GLU D 434 4.54 25.03 -35.63
C GLU D 434 4.56 23.93 -34.55
N PRO D 435 3.40 23.33 -34.19
CA PRO D 435 3.31 22.50 -33.01
C PRO D 435 4.03 21.15 -33.19
N VAL D 436 4.89 20.81 -32.25
CA VAL D 436 5.49 19.47 -32.10
C VAL D 436 4.81 18.75 -30.93
N GLN D 437 4.42 17.50 -31.14
CA GLN D 437 3.88 16.62 -30.10
C GLN D 437 4.99 15.63 -29.71
N TYR D 438 5.34 15.59 -28.43
CA TYR D 438 6.50 14.87 -27.90
C TYR D 438 6.11 14.13 -26.61
N PHE D 439 6.80 13.04 -26.26
CA PHE D 439 6.51 12.26 -25.07
C PHE D 439 6.59 13.14 -23.81
N ASN D 440 5.47 13.34 -23.10
CA ASN D 440 5.43 14.28 -22.00
C ASN D 440 5.95 13.61 -20.71
N ASN D 441 7.21 13.87 -20.36
CA ASN D 441 7.87 13.30 -19.18
C ASN D 441 7.18 13.72 -17.86
N LYS D 442 6.49 14.87 -17.84
CA LYS D 442 5.74 15.36 -16.67
C LYS D 442 4.78 14.31 -16.11
N ILE D 443 4.11 13.56 -16.97
CA ILE D 443 3.06 12.60 -16.59
C ILE D 443 3.62 11.43 -15.77
N ILE D 444 4.84 10.99 -16.09
CA ILE D 444 5.51 9.85 -15.46
C ILE D 444 6.34 10.26 -14.24
N CYS D 445 6.90 11.47 -14.21
CA CYS D 445 7.36 12.07 -12.96
C CYS D 445 6.22 12.22 -11.94
N ASP D 446 5.05 12.73 -12.34
CA ASP D 446 3.87 12.82 -11.47
C ASP D 446 3.44 11.44 -10.95
N LEU D 447 3.50 10.39 -11.77
CA LEU D 447 3.25 9.03 -11.30
C LEU D 447 4.23 8.61 -10.20
N VAL D 448 5.51 8.96 -10.30
CA VAL D 448 6.48 8.61 -9.26
C VAL D 448 6.32 9.49 -8.02
N GLU D 449 6.13 10.80 -8.15
CA GLU D 449 6.43 11.75 -7.07
C GLU D 449 5.25 12.59 -6.54
N GLU D 450 4.07 12.57 -7.18
CA GLU D 450 2.95 13.44 -6.77
C GLU D 450 2.50 13.17 -5.32
N LYS D 451 2.32 14.24 -4.53
CA LYS D 451 2.48 14.24 -3.07
C LYS D 451 1.71 13.17 -2.32
N PHE D 452 0.47 12.87 -2.69
CA PHE D 452 -0.35 11.87 -1.99
C PHE D 452 -0.95 10.81 -2.93
N LYS D 453 -0.35 10.62 -4.10
CA LYS D 453 -0.84 9.65 -5.11
C LYS D 453 0.24 9.04 -5.99
N GLY D 454 1.50 9.47 -5.88
CA GLY D 454 2.61 8.90 -6.59
C GLY D 454 3.20 7.69 -5.89
N ILE D 455 4.00 6.90 -6.62
CA ILE D 455 4.58 5.65 -6.12
C ILE D 455 5.41 5.89 -4.87
N ILE D 456 6.27 6.90 -4.83
CA ILE D 456 7.13 7.20 -3.68
C ILE D 456 6.30 7.50 -2.43
N SER D 457 5.20 8.22 -2.55
CA SER D 457 4.29 8.49 -1.42
C SER D 457 3.54 7.25 -0.97
N ILE D 458 3.13 6.39 -1.89
CA ILE D 458 2.47 5.12 -1.57
C ILE D 458 3.44 4.16 -0.88
N LEU D 459 4.69 4.14 -1.32
CA LEU D 459 5.76 3.38 -0.69
C LEU D 459 6.15 3.95 0.69
N ASP D 460 6.23 5.26 0.83
CA ASP D 460 6.46 5.95 2.11
C ASP D 460 5.33 5.66 3.11
N GLU D 461 4.07 5.62 2.67
CA GLU D 461 2.96 5.11 3.48
C GLU D 461 3.16 3.66 3.87
N GLU D 462 3.51 2.75 2.96
CA GLU D 462 3.63 1.33 3.28
C GLU D 462 4.76 1.00 4.26
N CYS D 463 5.82 1.80 4.32
CA CYS D 463 6.84 1.67 5.36
C CYS D 463 6.36 2.23 6.72
N LEU D 464 5.42 3.18 6.71
CA LEU D 464 4.95 3.90 7.90
C LEU D 464 3.72 3.25 8.56
N ARG D 465 2.73 2.84 7.78
CA ARG D 465 1.42 2.39 8.28
C ARG D 465 1.51 1.10 9.11
N PRO D 466 0.62 0.90 10.11
CA PRO D 466 0.66 -0.23 11.02
C PRO D 466 0.23 -1.57 10.39
N GLY D 467 0.50 -2.67 11.07
CA GLY D 467 0.18 -4.03 10.63
C GLY D 467 1.30 -4.66 9.80
N GLU D 468 1.09 -5.90 9.34
CA GLU D 468 2.08 -6.66 8.56
C GLU D 468 2.12 -6.23 7.09
N ALA D 469 2.62 -5.02 6.83
CA ALA D 469 2.88 -4.53 5.49
C ALA D 469 3.99 -5.36 4.80
N THR D 470 3.82 -5.64 3.51
CA THR D 470 4.73 -6.47 2.71
C THR D 470 4.92 -5.85 1.33
N ASP D 471 5.97 -6.26 0.61
CA ASP D 471 6.19 -5.81 -0.78
C ASP D 471 5.00 -6.09 -1.70
N LEU D 472 4.33 -7.25 -1.53
CA LEU D 472 3.14 -7.58 -2.31
C LEU D 472 1.93 -6.74 -1.90
N THR D 473 1.82 -6.33 -0.62
CA THR D 473 0.79 -5.40 -0.16
C THR D 473 0.99 -4.00 -0.75
N PHE D 474 2.23 -3.55 -0.88
CA PHE D 474 2.58 -2.32 -1.57
C PHE D 474 2.19 -2.37 -3.06
N LEU D 475 2.45 -3.47 -3.76
CA LEU D 475 1.98 -3.65 -5.12
C LEU D 475 0.44 -3.61 -5.21
N GLU D 476 -0.25 -4.31 -4.31
CA GLU D 476 -1.72 -4.33 -4.29
C GLU D 476 -2.31 -2.93 -4.07
N LYS D 477 -1.66 -2.08 -3.28
CA LYS D 477 -2.03 -0.66 -3.12
C LYS D 477 -1.71 0.20 -4.34
N LEU D 478 -0.59 -0.02 -5.03
CA LEU D 478 -0.35 0.64 -6.32
C LEU D 478 -1.45 0.29 -7.33
N GLU D 479 -1.78 -1.00 -7.46
CA GLU D 479 -2.84 -1.46 -8.35
C GLU D 479 -4.19 -0.80 -8.04
N ASP D 480 -4.51 -0.60 -6.76
CA ASP D 480 -5.76 0.02 -6.33
C ASP D 480 -5.78 1.55 -6.50
N THR D 481 -4.65 2.24 -6.27
CA THR D 481 -4.61 3.71 -6.21
C THR D 481 -4.12 4.38 -7.49
N VAL D 482 -3.19 3.78 -8.23
CA VAL D 482 -2.74 4.27 -9.56
C VAL D 482 -3.69 3.84 -10.68
N LYS D 483 -4.19 2.60 -10.58
CA LYS D 483 -5.32 1.98 -11.30
C LYS D 483 -5.55 2.39 -12.78
N PRO D 484 -6.25 3.47 -13.16
CA PRO D 484 -6.48 3.79 -14.58
C PRO D 484 -5.32 4.47 -15.33
N HIS D 485 -4.19 4.77 -14.68
CA HIS D 485 -3.09 5.56 -15.28
C HIS D 485 -2.51 4.93 -16.57
N PRO D 486 -2.14 5.71 -17.60
CA PRO D 486 -1.63 5.19 -18.88
C PRO D 486 -0.17 4.69 -18.89
N HIS D 487 0.70 5.18 -18.02
CA HIS D 487 2.13 4.79 -17.96
C HIS D 487 2.42 3.73 -16.90
N PHE D 488 1.41 3.16 -16.27
CA PHE D 488 1.51 2.12 -15.24
C PHE D 488 0.85 0.81 -15.70
N LEU D 489 1.42 -0.34 -15.33
CA LEU D 489 0.83 -1.66 -15.57
C LEU D 489 1.30 -2.68 -14.53
N THR D 490 0.51 -3.71 -14.27
CA THR D 490 0.86 -4.90 -13.47
C THR D 490 0.17 -6.12 -14.07
N HIS D 491 0.53 -7.33 -13.66
CA HIS D 491 -0.16 -8.56 -14.08
C HIS D 491 -1.69 -8.52 -13.87
N LYS D 492 -2.18 -7.85 -12.82
CA LYS D 492 -3.61 -7.67 -12.57
C LYS D 492 -4.27 -6.73 -13.58
N LEU D 493 -3.65 -5.57 -13.83
CA LEU D 493 -4.18 -4.54 -14.73
C LEU D 493 -3.98 -4.88 -16.22
N ALA D 494 -3.02 -5.75 -16.56
CA ALA D 494 -2.69 -6.21 -17.90
C ALA D 494 -3.84 -6.98 -18.58
N ASP D 495 -3.94 -6.85 -19.91
CA ASP D 495 -4.76 -7.75 -20.73
C ASP D 495 -4.09 -9.11 -20.94
N GLN D 496 -4.82 -10.13 -21.37
CA GLN D 496 -4.31 -11.50 -21.42
C GLN D 496 -3.05 -11.65 -22.28
N LYS D 497 -2.91 -10.84 -23.35
CA LYS D 497 -1.75 -10.81 -24.22
C LYS D 497 -0.51 -10.25 -23.53
N THR D 498 -0.62 -9.09 -22.88
CA THR D 498 0.54 -8.48 -22.16
C THR D 498 0.85 -9.19 -20.84
N ARG D 499 -0.15 -9.79 -20.19
CA ARG D 499 -0.06 -10.63 -18.98
C ARG D 499 0.84 -11.88 -19.11
N LYS D 500 1.19 -12.30 -20.32
CA LYS D 500 2.25 -13.32 -20.57
C LYS D 500 3.66 -12.82 -20.29
N SER D 501 3.91 -11.53 -20.55
CA SER D 501 5.23 -10.92 -20.46
C SER D 501 5.58 -10.43 -19.03
N LEU D 502 4.56 -10.06 -18.25
CA LEU D 502 4.66 -9.36 -16.98
C LEU D 502 4.18 -10.27 -15.84
N ASP D 503 5.06 -10.60 -14.89
CA ASP D 503 4.75 -11.53 -13.80
C ASP D 503 3.98 -10.91 -12.63
N ARG D 504 3.42 -11.76 -11.76
CA ARG D 504 2.93 -11.37 -10.44
C ARG D 504 4.10 -10.87 -9.58
N GLY D 505 3.86 -9.90 -8.71
CA GLY D 505 4.91 -9.30 -7.87
C GLY D 505 5.80 -8.32 -8.62
N GLU D 506 5.36 -7.80 -9.76
CA GLU D 506 6.09 -6.82 -10.56
C GLU D 506 5.15 -5.72 -11.05
N PHE D 507 5.66 -4.50 -11.23
CA PHE D 507 4.96 -3.43 -11.93
C PHE D 507 5.81 -2.91 -13.08
N ARG D 508 5.16 -2.43 -14.13
CA ARG D 508 5.81 -1.86 -15.31
C ARG D 508 5.53 -0.38 -15.38
N LEU D 509 6.59 0.42 -15.52
CA LEU D 509 6.51 1.83 -15.84
C LEU D 509 6.90 2.03 -17.30
N LEU D 510 6.12 2.80 -18.04
CA LEU D 510 6.53 3.31 -19.34
C LEU D 510 7.34 4.58 -19.10
N HIS D 511 8.66 4.50 -19.29
CA HIS D 511 9.58 5.63 -19.20
C HIS D 511 9.86 6.21 -20.59
N TYR D 512 10.55 7.35 -20.67
CA TYR D 512 11.00 7.92 -21.95
C TYR D 512 11.91 6.98 -22.75
N ALA D 513 12.68 6.15 -22.04
CA ALA D 513 13.53 5.09 -22.56
C ALA D 513 12.81 3.74 -22.76
N GLY D 514 11.48 3.72 -22.77
CA GLY D 514 10.64 2.53 -22.96
C GLY D 514 10.11 1.92 -21.66
N GLU D 515 9.47 0.77 -21.76
CA GLU D 515 8.93 0.05 -20.60
C GLU D 515 10.04 -0.57 -19.74
N VAL D 516 9.95 -0.42 -18.42
CA VAL D 516 10.84 -1.08 -17.45
C VAL D 516 10.01 -1.75 -16.37
N THR D 517 10.34 -2.99 -16.04
CA THR D 517 9.57 -3.83 -15.10
C THR D 517 10.32 -4.01 -13.79
N TYR D 518 9.72 -3.61 -12.67
CA TYR D 518 10.33 -3.64 -11.35
C TYR D 518 9.74 -4.74 -10.51
N SER D 519 10.56 -5.66 -10.02
CA SER D 519 10.16 -6.65 -9.02
C SER D 519 10.04 -5.95 -7.68
N VAL D 520 8.93 -6.10 -6.97
CA VAL D 520 8.73 -5.36 -5.72
C VAL D 520 9.50 -5.94 -4.54
N THR D 521 10.02 -7.17 -4.61
CA THR D 521 10.67 -7.79 -3.45
C THR D 521 11.85 -6.95 -2.95
N GLY D 522 11.86 -6.67 -1.65
CA GLY D 522 12.83 -5.77 -1.04
C GLY D 522 12.55 -4.27 -1.22
N PHE D 523 11.45 -3.82 -1.83
CA PHE D 523 11.11 -2.39 -1.84
C PHE D 523 10.92 -1.83 -0.42
N LEU D 524 10.23 -2.53 0.50
CA LEU D 524 10.08 -2.06 1.87
C LEU D 524 11.39 -2.16 2.68
N ASP D 525 12.16 -3.24 2.51
CA ASP D 525 13.44 -3.43 3.18
C ASP D 525 14.49 -2.41 2.77
N LYS D 526 14.49 -2.00 1.50
CA LYS D 526 15.45 -1.03 0.96
C LYS D 526 15.01 0.42 1.17
N ASN D 527 13.72 0.70 1.28
CA ASN D 527 13.22 2.05 1.51
C ASN D 527 13.26 2.49 2.99
N ASN D 528 13.18 1.56 3.96
CA ASN D 528 13.35 1.89 5.38
C ASN D 528 14.77 2.44 5.67
N ASP D 529 14.84 3.58 6.33
CA ASP D 529 16.10 4.21 6.77
C ASP D 529 15.96 4.77 8.19
N LEU D 530 15.68 3.87 9.15
CA LEU D 530 15.37 4.15 10.54
C LEU D 530 16.59 4.60 11.36
N LEU D 531 17.25 5.67 10.94
CA LEU D 531 18.29 6.34 11.71
C LEU D 531 17.63 7.22 12.77
N PHE D 532 17.18 6.60 13.85
CA PHE D 532 16.60 7.28 15.01
C PHE D 532 17.60 8.23 15.67
N ARG D 533 17.12 9.29 16.32
CA ARG D 533 17.98 10.29 17.01
C ARG D 533 18.94 9.68 18.03
N ASN D 534 18.57 8.54 18.63
CA ASN D 534 19.43 7.78 19.54
C ASN D 534 20.74 7.30 18.89
N LEU D 535 20.70 6.85 17.63
CA LEU D 535 21.88 6.44 16.88
C LEU D 535 22.74 7.64 16.50
N LYS D 536 22.12 8.75 16.11
CA LYS D 536 22.82 9.99 15.76
C LYS D 536 23.50 10.60 16.99
N GLU D 537 22.81 10.66 18.12
CA GLU D 537 23.31 11.10 19.43
C GLU D 537 24.47 10.24 19.95
N THR D 538 24.40 8.93 19.73
CA THR D 538 25.51 8.01 20.03
C THR D 538 26.73 8.32 19.17
N MET D 539 26.52 8.58 17.87
CA MET D 539 27.63 8.78 16.95
C MET D 539 28.28 10.17 17.05
N CYS D 540 27.54 11.25 17.30
CA CYS D 540 28.16 12.55 17.54
C CYS D 540 28.90 12.66 18.87
N SER D 541 28.80 11.64 19.74
CA SER D 541 29.63 11.44 20.95
C SER D 541 30.92 10.62 20.68
N SER D 542 31.21 10.24 19.44
CA SER D 542 32.31 9.36 19.06
C SER D 542 33.70 9.95 19.29
N MET D 543 34.63 9.10 19.72
CA MET D 543 36.05 9.43 19.84
C MET D 543 36.80 9.38 18.50
N ASN D 544 36.24 8.75 17.45
CA ASN D 544 36.83 8.67 16.11
C ASN D 544 36.76 10.06 15.43
N PRO D 545 37.88 10.68 15.06
CA PRO D 545 37.92 12.02 14.47
C PRO D 545 37.07 12.20 13.22
N ILE D 546 36.83 11.16 12.42
CA ILE D 546 35.97 11.24 11.24
C ILE D 546 34.52 11.32 11.66
N MET D 547 34.09 10.42 12.54
CA MET D 547 32.68 10.32 12.93
C MET D 547 32.19 11.53 13.70
N ALA D 548 33.04 12.14 14.52
CA ALA D 548 32.73 13.39 15.21
C ALA D 548 32.50 14.59 14.26
N GLN D 549 33.04 14.56 13.03
CA GLN D 549 32.76 15.54 11.98
C GLN D 549 31.51 15.18 11.15
N CYS D 550 31.16 13.90 11.07
CA CYS D 550 30.04 13.38 10.27
C CYS D 550 28.67 13.49 10.95
N PHE D 551 28.61 13.33 12.26
CA PHE D 551 27.42 13.52 13.06
C PHE D 551 27.63 14.75 13.96
N ASP D 552 26.73 15.73 13.91
CA ASP D 552 26.87 17.01 14.61
C ASP D 552 25.70 17.28 15.58
N LYS D 553 25.98 17.90 16.72
CA LYS D 553 24.99 18.14 17.79
C LYS D 553 23.76 18.95 17.33
N SER D 554 23.89 19.81 16.32
CA SER D 554 22.77 20.62 15.82
C SER D 554 21.70 19.79 15.08
N GLU D 555 22.05 18.61 14.57
CA GLU D 555 21.15 17.71 13.85
C GLU D 555 20.08 17.09 14.75
N LEU D 556 20.34 17.04 16.06
CA LEU D 556 19.41 16.53 17.08
C LEU D 556 18.24 17.47 17.37
N SER D 557 18.28 18.70 16.84
CA SER D 557 17.20 19.69 16.97
C SER D 557 15.99 19.41 16.07
N ASP D 558 16.15 18.58 15.03
CA ASP D 558 15.06 18.16 14.14
C ASP D 558 14.11 17.19 14.87
N LYS D 559 12.82 17.53 14.95
CA LYS D 559 11.80 16.69 15.62
C LYS D 559 11.05 15.74 14.68
N LYS D 560 11.29 15.78 13.36
CA LYS D 560 10.65 14.87 12.39
C LYS D 560 11.05 13.41 12.59
N ARG D 561 10.19 12.47 12.18
CA ARG D 561 10.57 11.05 12.02
C ARG D 561 11.66 10.86 10.94
N PRO D 562 12.40 9.75 10.92
CA PRO D 562 13.35 9.46 9.85
C PRO D 562 12.66 9.39 8.47
N GLU D 563 13.14 10.16 7.50
CA GLU D 563 12.67 10.09 6.12
C GLU D 563 13.15 8.79 5.45
N THR D 564 12.28 8.14 4.68
CA THR D 564 12.59 6.95 3.90
C THR D 564 13.59 7.22 2.78
N VAL D 565 14.31 6.21 2.28
CA VAL D 565 15.33 6.40 1.22
C VAL D 565 14.75 7.06 -0.03
N ALA D 566 13.58 6.63 -0.51
CA ALA D 566 12.92 7.24 -1.65
C ALA D 566 12.52 8.69 -1.39
N THR D 567 12.11 9.04 -0.17
CA THR D 567 11.88 10.43 0.22
C THR D 567 13.16 11.25 0.23
N GLN D 568 14.23 10.78 0.88
CA GLN D 568 15.50 11.47 0.85
C GLN D 568 16.04 11.62 -0.58
N PHE D 569 15.83 10.61 -1.43
CA PHE D 569 16.24 10.60 -2.83
C PHE D 569 15.44 11.59 -3.65
N LYS D 570 14.11 11.62 -3.52
CA LYS D 570 13.24 12.65 -4.11
C LYS D 570 13.71 14.03 -3.72
N MET D 571 13.89 14.30 -2.43
CA MET D 571 14.30 15.63 -1.97
C MET D 571 15.68 16.02 -2.49
N SER D 572 16.66 15.12 -2.45
CA SER D 572 18.01 15.38 -2.97
C SER D 572 18.08 15.51 -4.49
N LEU D 573 17.22 14.81 -5.21
CA LEU D 573 17.10 14.92 -6.67
C LEU D 573 16.42 16.22 -7.06
N LEU D 574 15.36 16.64 -6.36
CA LEU D 574 14.74 17.94 -6.56
C LEU D 574 15.75 19.08 -6.34
N GLN D 575 16.64 18.95 -5.35
CA GLN D 575 17.76 19.87 -5.15
C GLN D 575 18.80 19.80 -6.27
N LEU D 576 19.13 18.63 -6.83
CA LEU D 576 20.00 18.57 -8.01
C LEU D 576 19.34 19.23 -9.24
N VAL D 577 18.03 19.07 -9.43
CA VAL D 577 17.31 19.71 -10.53
C VAL D 577 17.27 21.23 -10.40
N GLU D 578 16.99 21.78 -9.22
CA GLU D 578 16.97 23.23 -9.05
C GLU D 578 18.39 23.83 -9.14
N ILE D 579 19.43 23.09 -8.78
CA ILE D 579 20.80 23.46 -9.10
C ILE D 579 21.02 23.51 -10.60
N LEU D 580 20.62 22.49 -11.36
CA LEU D 580 20.81 22.46 -12.80
C LEU D 580 19.97 23.47 -13.59
N ARG D 581 18.76 23.84 -13.14
CA ARG D 581 18.03 24.98 -13.70
C ARG D 581 18.77 26.31 -13.49
N SER D 582 19.51 26.45 -12.39
CA SER D 582 20.20 27.70 -12.08
C SER D 582 21.42 27.94 -12.97
N LYS D 583 22.18 26.88 -13.30
CA LYS D 583 23.36 26.91 -14.17
C LYS D 583 22.97 26.87 -15.65
N GLU D 584 23.86 27.31 -16.54
CA GLU D 584 23.73 27.02 -17.98
C GLU D 584 24.27 25.61 -18.31
N PRO D 585 23.44 24.65 -18.71
CA PRO D 585 23.89 23.30 -19.00
C PRO D 585 24.27 23.12 -20.47
N ALA D 586 25.37 22.44 -20.71
CA ALA D 586 25.73 21.78 -21.96
C ALA D 586 25.67 20.27 -21.75
N TYR D 587 25.56 19.48 -22.80
CA TYR D 587 25.35 18.04 -22.68
C TYR D 587 26.25 17.27 -23.64
N ILE D 588 26.90 16.24 -23.13
CA ILE D 588 27.64 15.23 -23.88
C ILE D 588 27.01 13.89 -23.56
N ARG D 589 26.68 13.13 -24.60
CA ARG D 589 25.99 11.86 -24.49
C ARG D 589 26.82 10.77 -25.15
N CYS D 590 27.17 9.76 -24.38
CA CYS D 590 28.21 8.80 -24.65
C CYS D 590 27.64 7.42 -25.00
N ILE D 591 28.17 6.83 -26.07
CA ILE D 591 27.77 5.55 -26.60
C ILE D 591 28.95 4.58 -26.51
N LYS D 592 28.78 3.43 -25.85
CA LYS D 592 29.66 2.26 -25.80
C LYS D 592 29.37 1.35 -27.01
N PRO D 593 30.20 1.30 -28.06
CA PRO D 593 29.78 0.71 -29.32
C PRO D 593 29.73 -0.82 -29.35
N ASN D 594 30.19 -1.53 -28.31
CA ASN D 594 30.02 -2.97 -28.10
C ASN D 594 30.38 -3.32 -26.66
N ASP D 595 29.92 -4.44 -26.11
CA ASP D 595 30.19 -4.80 -24.72
C ASP D 595 31.53 -5.52 -24.51
N ALA D 596 32.24 -5.81 -25.60
CA ALA D 596 33.52 -6.54 -25.60
C ALA D 596 34.76 -5.66 -25.35
N LYS D 597 34.58 -4.33 -25.21
CA LYS D 597 35.65 -3.32 -25.18
C LYS D 597 36.53 -3.34 -26.44
N GLN D 598 35.92 -3.53 -27.61
CA GLN D 598 36.61 -3.81 -28.86
C GLN D 598 36.61 -2.58 -29.81
N PRO D 599 37.76 -2.13 -30.35
CA PRO D 599 37.80 -1.11 -31.40
C PRO D 599 37.02 -1.46 -32.68
N GLY D 600 36.54 -0.45 -33.40
CA GLY D 600 35.98 -0.54 -34.75
C GLY D 600 34.59 -1.20 -34.88
N ARG D 601 34.28 -2.24 -34.09
CA ARG D 601 33.01 -2.99 -34.09
C ARG D 601 31.85 -2.12 -33.59
N PHE D 602 30.84 -1.92 -34.42
CA PHE D 602 29.58 -1.24 -34.10
C PHE D 602 28.45 -2.25 -33.84
N ASP D 603 28.17 -2.55 -32.58
CA ASP D 603 27.14 -3.51 -32.15
C ASP D 603 25.76 -2.85 -32.11
N GLU D 604 25.07 -2.83 -33.25
CA GLU D 604 23.82 -2.08 -33.44
C GLU D 604 22.73 -2.38 -32.39
N VAL D 605 22.64 -3.62 -31.92
CA VAL D 605 21.64 -4.05 -30.93
C VAL D 605 21.87 -3.40 -29.58
N LEU D 606 23.14 -3.21 -29.19
CA LEU D 606 23.55 -2.54 -27.95
C LEU D 606 23.47 -1.01 -28.10
N ILE D 607 23.83 -0.49 -29.27
CA ILE D 607 23.73 0.93 -29.56
C ILE D 607 22.28 1.39 -29.59
N ARG D 608 21.34 0.59 -30.12
CA ARG D 608 19.91 0.89 -30.07
C ARG D 608 19.39 1.08 -28.65
N HIS D 609 19.81 0.24 -27.70
CA HIS D 609 19.47 0.41 -26.30
C HIS D 609 20.01 1.73 -25.76
N GLN D 610 21.27 2.07 -26.03
CA GLN D 610 21.87 3.31 -25.54
C GLN D 610 21.23 4.56 -26.15
N VAL D 611 21.00 4.61 -27.46
CA VAL D 611 20.33 5.72 -28.12
C VAL D 611 18.93 5.94 -27.56
N LYS D 612 18.23 4.86 -27.17
CA LYS D 612 16.92 4.91 -26.50
C LYS D 612 17.03 5.34 -25.03
N TYR D 613 17.96 4.78 -24.25
CA TYR D 613 18.24 5.14 -22.85
C TYR D 613 18.62 6.62 -22.70
N LEU D 614 19.40 7.14 -23.64
CA LEU D 614 19.81 8.54 -23.68
C LEU D 614 18.70 9.50 -24.15
N GLY D 615 17.61 8.99 -24.73
CA GLY D 615 16.47 9.77 -25.18
C GLY D 615 16.78 10.65 -26.38
N LEU D 616 17.71 10.23 -27.25
CA LEU D 616 18.24 11.06 -28.34
C LEU D 616 17.22 11.31 -29.46
N MET D 617 16.24 10.42 -29.66
CA MET D 617 15.19 10.60 -30.66
C MET D 617 14.16 11.65 -30.24
N GLU D 618 13.79 11.69 -28.97
CA GLU D 618 12.90 12.72 -28.42
C GLU D 618 13.57 14.09 -28.47
N ASN D 619 14.87 14.18 -28.14
CA ASN D 619 15.68 15.38 -28.31
C ASN D 619 15.64 15.88 -29.75
N LEU D 620 16.02 15.04 -30.71
CA LEU D 620 15.99 15.36 -32.13
C LEU D 620 14.62 15.88 -32.58
N ARG D 621 13.52 15.21 -32.19
CA ARG D 621 12.15 15.64 -32.50
C ARG D 621 11.86 17.04 -31.98
N VAL D 622 12.08 17.28 -30.69
CA VAL D 622 11.80 18.57 -30.04
C VAL D 622 12.72 19.67 -30.55
N ARG D 623 13.98 19.37 -30.90
CA ARG D 623 14.94 20.32 -31.47
C ARG D 623 14.62 20.69 -32.91
N ARG D 624 14.19 19.71 -33.73
CA ARG D 624 13.78 19.95 -35.12
C ARG D 624 12.50 20.80 -35.17
N ALA D 625 11.44 20.40 -34.48
CA ALA D 625 10.17 21.15 -34.43
C ALA D 625 9.67 21.53 -35.83
N GLY D 626 9.61 22.83 -36.16
CA GLY D 626 9.10 23.31 -37.45
C GLY D 626 10.11 23.27 -38.61
N PHE D 627 11.38 23.60 -38.37
CA PHE D 627 12.39 23.81 -39.42
C PHE D 627 13.72 23.15 -39.07
N ALA D 628 14.39 22.55 -40.05
CA ALA D 628 15.69 21.92 -39.86
C ALA D 628 16.76 22.92 -39.42
N TYR D 629 16.91 24.00 -40.17
CA TYR D 629 18.10 24.84 -40.13
C TYR D 629 17.73 26.32 -40.11
N ARG D 630 18.47 27.15 -39.39
CA ARG D 630 18.31 28.59 -39.41
C ARG D 630 19.62 29.32 -39.18
N ARG D 631 19.80 30.47 -39.81
CA ARG D 631 21.02 31.28 -39.67
C ARG D 631 20.77 32.75 -39.93
N LYS D 632 21.47 33.65 -39.21
CA LYS D 632 21.38 35.10 -39.44
C LYS D 632 21.69 35.43 -40.90
N TYR D 633 20.90 36.29 -41.53
CA TYR D 633 21.09 36.62 -42.95
C TYR D 633 22.49 37.13 -43.26
N GLU D 634 23.13 37.85 -42.33
CA GLU D 634 24.50 38.35 -42.44
C GLU D 634 25.51 37.24 -42.78
N ALA D 635 25.40 36.08 -42.14
CA ALA D 635 26.27 34.93 -42.39
C ALA D 635 25.80 34.09 -43.59
N PHE D 636 24.50 33.85 -43.70
CA PHE D 636 23.95 33.04 -44.80
C PHE D 636 24.22 33.68 -46.17
N LEU D 637 24.03 35.00 -46.30
CA LEU D 637 24.28 35.71 -47.55
C LEU D 637 25.75 35.68 -47.96
N GLN D 638 26.70 35.85 -47.02
CA GLN D 638 28.12 35.81 -47.36
C GLN D 638 28.54 34.42 -47.88
N ARG D 639 27.98 33.32 -47.33
CA ARG D 639 28.25 31.97 -47.86
C ARG D 639 27.70 31.77 -49.27
N TYR D 640 26.46 32.17 -49.53
CA TYR D 640 25.72 31.73 -50.73
C TYR D 640 25.48 32.78 -51.84
N LYS D 641 25.84 34.06 -51.66
CA LYS D 641 25.68 35.12 -52.68
C LYS D 641 26.32 34.82 -54.03
N SER D 642 27.40 34.03 -54.07
CA SER D 642 28.11 33.67 -55.31
C SER D 642 27.23 32.91 -56.33
N LEU D 643 26.09 32.36 -55.89
CA LEU D 643 25.10 31.68 -56.74
C LEU D 643 24.15 32.66 -57.48
N CYS D 644 24.08 33.92 -57.04
CA CYS D 644 23.10 34.91 -57.51
C CYS D 644 23.81 36.23 -57.87
N PRO D 645 24.17 36.44 -59.16
CA PRO D 645 24.97 37.58 -59.62
C PRO D 645 24.52 38.96 -59.14
N GLU D 646 23.22 39.21 -59.00
CA GLU D 646 22.68 40.47 -58.45
C GLU D 646 23.16 40.78 -57.02
N THR D 647 23.66 39.78 -56.28
CA THR D 647 24.20 39.91 -54.91
C THR D 647 25.72 39.80 -54.84
N TRP D 648 26.41 39.65 -55.98
CA TRP D 648 27.82 39.28 -56.08
C TRP D 648 28.68 40.38 -56.74
N PRO D 649 29.92 40.62 -56.26
CA PRO D 649 30.52 40.08 -55.03
C PRO D 649 29.99 40.75 -53.74
N MET D 650 29.34 41.90 -53.84
CA MET D 650 28.69 42.59 -52.71
C MET D 650 27.25 42.96 -53.06
N TRP D 651 26.36 42.85 -52.08
CA TRP D 651 24.96 43.28 -52.17
C TRP D 651 24.81 44.66 -51.50
N ALA D 652 24.27 45.64 -52.23
CA ALA D 652 24.17 47.02 -51.77
C ALA D 652 23.02 47.27 -50.77
N GLY D 653 22.04 46.38 -50.70
CA GLY D 653 20.89 46.47 -49.79
C GLY D 653 21.12 45.81 -48.43
N ARG D 654 20.02 45.57 -47.70
CA ARG D 654 20.00 44.83 -46.44
C ARG D 654 20.25 43.33 -46.67
N PRO D 655 20.96 42.61 -45.79
CA PRO D 655 21.16 41.17 -45.90
C PRO D 655 19.88 40.38 -46.07
N GLN D 656 18.81 40.72 -45.33
CA GLN D 656 17.50 40.06 -45.45
C GLN D 656 16.95 40.12 -46.89
N ASP D 657 17.05 41.27 -47.54
CA ASP D 657 16.60 41.45 -48.93
C ASP D 657 17.54 40.79 -49.94
N GLY D 658 18.83 40.68 -49.62
CA GLY D 658 19.81 39.94 -50.41
C GLY D 658 19.52 38.44 -50.40
N VAL D 659 19.22 37.87 -49.23
CA VAL D 659 18.75 36.49 -49.13
C VAL D 659 17.40 36.33 -49.85
N ALA D 660 16.48 37.29 -49.70
CA ALA D 660 15.16 37.23 -50.33
C ALA D 660 15.24 37.14 -51.86
N VAL D 661 16.19 37.80 -52.53
CA VAL D 661 16.40 37.63 -53.98
C VAL D 661 17.16 36.33 -54.28
N LEU D 662 18.18 35.99 -53.49
CA LEU D 662 18.96 34.76 -53.66
C LEU D 662 18.09 33.48 -53.59
N VAL D 663 17.14 33.38 -52.64
CA VAL D 663 16.26 32.20 -52.58
C VAL D 663 15.27 32.12 -53.75
N ARG D 664 14.98 33.24 -54.44
CA ARG D 664 14.28 33.20 -55.74
C ARG D 664 15.20 32.66 -56.84
N HIS D 665 16.47 33.08 -56.85
CA HIS D 665 17.47 32.64 -57.83
C HIS D 665 17.78 31.14 -57.70
N LEU D 666 17.92 30.63 -56.47
CA LEU D 666 18.06 29.20 -56.20
C LEU D 666 16.79 28.39 -56.45
N GLY D 667 15.63 29.04 -56.53
CA GLY D 667 14.34 28.39 -56.80
C GLY D 667 13.76 27.63 -55.61
N TYR D 668 13.90 28.14 -54.38
CA TYR D 668 13.19 27.57 -53.22
C TYR D 668 11.67 27.78 -53.36
N LYS D 669 10.86 26.76 -53.03
CA LYS D 669 9.39 26.89 -53.05
C LYS D 669 8.89 27.61 -51.78
N PRO D 670 7.76 28.35 -51.81
CA PRO D 670 7.27 29.15 -50.67
C PRO D 670 7.07 28.37 -49.36
N GLU D 671 6.81 27.06 -49.40
CA GLU D 671 6.71 26.21 -48.21
C GLU D 671 8.06 25.67 -47.68
N GLU D 672 9.17 25.81 -48.41
CA GLU D 672 10.48 25.28 -48.04
C GLU D 672 11.30 26.19 -47.11
N TYR D 673 10.97 27.48 -47.03
CA TYR D 673 11.68 28.46 -46.22
C TYR D 673 10.74 29.49 -45.59
N LYS D 674 11.19 30.16 -44.53
CA LYS D 674 10.52 31.31 -43.89
C LYS D 674 11.56 32.35 -43.46
N MET D 675 11.13 33.59 -43.30
CA MET D 675 12.01 34.74 -43.00
C MET D 675 11.67 35.31 -41.62
N GLY D 676 12.59 35.25 -40.66
CA GLY D 676 12.45 35.84 -39.33
C GLY D 676 13.06 37.24 -39.23
N ARG D 677 13.08 37.82 -38.02
CA ARG D 677 13.59 39.17 -37.72
C ARG D 677 15.04 39.38 -38.15
N THR D 678 15.91 38.40 -37.92
CA THR D 678 17.30 38.36 -38.40
C THR D 678 17.71 37.00 -38.98
N LYS D 679 16.98 35.91 -38.73
CA LYS D 679 17.33 34.56 -39.24
C LYS D 679 16.47 34.10 -40.42
N ILE D 680 17.07 33.53 -41.48
CA ILE D 680 16.35 32.67 -42.43
C ILE D 680 16.14 31.30 -41.81
N PHE D 681 14.96 30.72 -42.01
CA PHE D 681 14.61 29.36 -41.60
C PHE D 681 14.42 28.51 -42.85
N ILE D 682 15.01 27.31 -42.88
CA ILE D 682 14.90 26.33 -43.96
C ILE D 682 14.23 25.08 -43.38
N ARG D 683 13.11 24.65 -43.99
CA ARG D 683 12.23 23.61 -43.44
C ARG D 683 12.78 22.19 -43.63
N PHE D 684 13.14 21.85 -44.86
CA PHE D 684 13.65 20.53 -45.21
C PHE D 684 15.16 20.59 -45.51
N PRO D 685 16.00 19.72 -44.94
CA PRO D 685 17.44 19.75 -45.19
C PRO D 685 17.79 19.36 -46.63
N LYS D 686 16.88 18.72 -47.38
CA LYS D 686 16.83 18.72 -48.86
C LYS D 686 17.24 20.07 -49.48
N THR D 687 16.68 21.18 -49.00
CA THR D 687 16.92 22.53 -49.54
C THR D 687 18.33 23.03 -49.26
N LEU D 688 18.80 22.83 -48.02
CA LEU D 688 20.15 23.19 -47.59
C LEU D 688 21.21 22.36 -48.33
N PHE D 689 21.03 21.05 -48.44
CA PHE D 689 21.96 20.20 -49.16
C PHE D 689 21.96 20.52 -50.66
N ALA D 690 20.81 20.70 -51.31
CA ALA D 690 20.77 21.12 -52.71
C ALA D 690 21.44 22.49 -52.93
N THR D 691 21.44 23.38 -51.94
CA THR D 691 22.15 24.66 -51.98
C THR D 691 23.66 24.51 -51.81
N GLU D 692 24.14 23.72 -50.85
CA GLU D 692 25.58 23.49 -50.68
C GLU D 692 26.16 22.69 -51.87
N ASP D 693 25.36 21.83 -52.50
CA ASP D 693 25.70 21.16 -53.75
C ASP D 693 25.75 22.13 -54.93
N SER D 694 24.81 23.10 -55.01
CA SER D 694 24.91 24.16 -55.98
C SER D 694 26.17 25.02 -55.75
N LEU D 695 26.51 25.30 -54.48
CA LEU D 695 27.75 25.99 -54.14
C LEU D 695 28.99 25.16 -54.53
N GLU D 696 28.97 23.84 -54.37
CA GLU D 696 30.06 22.97 -54.82
C GLU D 696 30.29 23.04 -56.33
N VAL D 697 29.25 23.00 -57.17
CA VAL D 697 29.44 23.21 -58.61
C VAL D 697 29.79 24.66 -58.95
N ARG D 698 29.45 25.64 -58.10
CA ARG D 698 29.85 27.05 -58.27
C ARG D 698 31.30 27.32 -57.85
N ARG D 699 31.87 26.57 -56.90
CA ARG D 699 33.31 26.63 -56.55
C ARG D 699 34.19 26.38 -57.78
N GLN D 700 33.73 25.59 -58.74
CA GLN D 700 34.39 25.42 -60.05
C GLN D 700 34.59 26.76 -60.76
N SER D 701 33.57 27.62 -60.79
CA SER D 701 33.65 28.97 -61.38
C SER D 701 34.57 29.89 -60.57
N LEU D 702 34.54 29.82 -59.24
CA LEU D 702 35.38 30.64 -58.36
C LEU D 702 36.88 30.28 -58.53
N ALA D 703 37.21 28.99 -58.57
CA ALA D 703 38.55 28.53 -58.91
C ALA D 703 38.93 28.95 -60.34
N THR D 704 38.03 28.78 -61.31
CA THR D 704 38.25 29.22 -62.71
C THR D 704 38.62 30.69 -62.80
N LYS D 705 37.91 31.56 -62.07
CA LYS D 705 38.21 33.00 -62.00
C LYS D 705 39.58 33.27 -61.39
N ILE D 706 39.92 32.62 -60.27
CA ILE D 706 41.24 32.75 -59.65
C ILE D 706 42.36 32.21 -60.57
N GLN D 707 42.15 31.10 -61.27
CA GLN D 707 43.13 30.53 -62.20
C GLN D 707 43.34 31.43 -63.42
N ALA D 708 42.27 32.00 -63.98
CA ALA D 708 42.37 32.96 -65.07
C ALA D 708 43.09 34.25 -64.62
N ALA D 709 42.76 34.78 -63.43
CA ALA D 709 43.43 35.93 -62.85
C ALA D 709 44.92 35.64 -62.55
N TRP D 710 45.24 34.45 -62.04
CA TRP D 710 46.62 34.03 -61.83
C TRP D 710 47.36 33.94 -63.16
N ARG D 711 46.82 33.26 -64.17
CA ARG D 711 47.49 33.14 -65.49
C ARG D 711 47.68 34.50 -66.18
N GLY D 712 46.73 35.43 -66.04
CA GLY D 712 46.85 36.81 -66.53
C GLY D 712 47.89 37.68 -65.79
N PHE D 713 48.35 37.24 -64.61
CA PHE D 713 49.44 37.87 -63.85
C PHE D 713 50.76 37.13 -64.05
N HIS D 714 50.76 35.82 -63.81
CA HIS D 714 51.92 34.92 -63.90
C HIS D 714 52.59 34.94 -65.28
N TRP D 715 51.82 35.02 -66.37
CA TRP D 715 52.38 35.19 -67.71
C TRP D 715 53.28 36.43 -67.79
N ARG D 716 52.82 37.56 -67.24
CA ARG D 716 53.57 38.84 -67.14
C ARG D 716 54.69 38.84 -66.09
N GLN D 717 54.79 37.80 -65.26
CA GLN D 717 55.95 37.57 -64.38
C GLN D 717 57.03 36.72 -65.06
N LYS D 718 56.68 35.60 -65.73
CA LYS D 718 57.66 34.74 -66.42
C LYS D 718 58.05 35.20 -67.83
N PHE D 719 57.30 36.11 -68.45
CA PHE D 719 57.58 36.66 -69.79
C PHE D 719 57.41 38.20 -69.84
N LEU D 720 57.98 38.82 -70.89
CA LEU D 720 57.93 40.26 -71.21
C LEU D 720 58.40 41.18 -70.06
N MET E 1 28.88 46.29 -80.47
CA MET E 1 27.56 46.51 -79.83
C MET E 1 27.69 47.20 -78.47
N ALA E 2 28.02 46.48 -77.39
CA ALA E 2 28.01 47.01 -76.02
C ALA E 2 29.13 48.02 -75.73
N ASP E 3 30.31 47.84 -76.32
CA ASP E 3 31.47 48.74 -76.23
C ASP E 3 32.32 48.63 -77.51
N GLN E 4 33.11 49.67 -77.82
CA GLN E 4 33.94 49.77 -79.03
C GLN E 4 35.37 50.23 -78.72
N LEU E 5 36.37 49.60 -79.34
CA LEU E 5 37.78 49.92 -79.12
C LEU E 5 38.20 51.23 -79.83
N THR E 6 39.03 52.04 -79.16
CA THR E 6 39.59 53.29 -79.71
C THR E 6 40.78 52.99 -80.62
N GLU E 7 41.05 53.79 -81.66
CA GLU E 7 42.16 53.57 -82.59
C GLU E 7 43.54 53.48 -81.91
N GLU E 8 43.78 54.26 -80.85
CA GLU E 8 44.99 54.16 -80.03
C GLU E 8 45.08 52.83 -79.25
N GLN E 9 43.97 52.35 -78.69
CA GLN E 9 43.90 51.05 -78.01
C GLN E 9 44.13 49.90 -79.01
N ILE E 10 43.57 50.01 -80.22
CA ILE E 10 43.83 49.07 -81.32
C ILE E 10 45.33 49.06 -81.69
N ALA E 11 45.97 50.24 -81.76
CA ALA E 11 47.41 50.34 -82.01
C ALA E 11 48.26 49.76 -80.85
N GLU E 12 47.88 49.97 -79.59
CA GLU E 12 48.56 49.34 -78.43
C GLU E 12 48.41 47.81 -78.44
N PHE E 13 47.24 47.29 -78.81
CA PHE E 13 47.02 45.84 -78.95
C PHE E 13 47.80 45.27 -80.15
N LYS E 14 47.88 46.00 -81.28
CA LYS E 14 48.73 45.64 -82.42
C LYS E 14 50.21 45.65 -82.08
N GLU E 15 50.67 46.62 -81.30
CA GLU E 15 52.05 46.66 -80.79
C GLU E 15 52.37 45.42 -79.95
N ALA E 16 51.52 45.05 -78.97
CA ALA E 16 51.72 43.82 -78.20
C ALA E 16 51.65 42.55 -79.07
N PHE E 17 50.67 42.46 -79.97
CA PHE E 17 50.51 41.35 -80.92
C PHE E 17 51.76 41.17 -81.82
N SER E 18 52.46 42.26 -82.16
CA SER E 18 53.63 42.22 -83.04
C SER E 18 54.77 41.33 -82.52
N LEU E 19 54.91 41.17 -81.19
CA LEU E 19 55.91 40.30 -80.56
C LEU E 19 55.65 38.81 -80.86
N PHE E 20 54.39 38.44 -81.10
CA PHE E 20 53.96 37.07 -81.40
C PHE E 20 53.82 36.83 -82.91
N ASP E 21 53.43 37.86 -83.66
CA ASP E 21 53.43 37.90 -85.12
C ASP E 21 54.85 37.69 -85.70
N LYS E 22 55.81 38.50 -85.22
CA LYS E 22 57.27 38.45 -85.47
C LYS E 22 57.73 38.54 -86.93
N ASP E 23 57.32 37.61 -87.78
CA ASP E 23 57.69 37.54 -89.20
C ASP E 23 56.82 38.44 -90.13
N GLY E 24 55.69 38.94 -89.63
CA GLY E 24 54.82 39.89 -90.35
C GLY E 24 53.67 39.27 -91.16
N ASP E 25 53.35 37.98 -90.96
CA ASP E 25 52.18 37.34 -91.58
C ASP E 25 50.83 37.79 -90.97
N GLY E 26 50.84 38.47 -89.83
CA GLY E 26 49.64 39.06 -89.21
C GLY E 26 48.78 38.06 -88.42
N THR E 27 49.37 36.96 -87.94
CA THR E 27 48.63 35.83 -87.38
C THR E 27 49.39 35.08 -86.26
N ILE E 28 48.64 34.50 -85.32
CA ILE E 28 49.08 33.88 -84.06
C ILE E 28 48.57 32.42 -84.04
N THR E 29 49.25 31.50 -83.35
CA THR E 29 48.85 30.08 -83.27
C THR E 29 47.53 29.89 -82.51
N THR E 30 46.71 28.89 -82.83
CA THR E 30 45.45 28.61 -82.06
C THR E 30 45.71 28.25 -80.59
N LYS E 31 46.86 27.64 -80.27
CA LYS E 31 47.33 27.40 -78.90
C LYS E 31 47.89 28.66 -78.19
N GLU E 32 47.98 29.78 -78.89
CA GLU E 32 48.75 30.98 -78.49
C GLU E 32 47.88 32.24 -78.32
N LEU E 33 46.61 32.21 -78.73
CA LEU E 33 45.62 33.27 -78.48
C LEU E 33 45.57 33.68 -77.00
N GLY E 34 45.57 32.72 -76.08
CA GLY E 34 45.63 32.98 -74.64
C GLY E 34 46.93 33.66 -74.21
N THR E 35 48.07 33.28 -74.80
CA THR E 35 49.37 33.90 -74.55
C THR E 35 49.40 35.38 -74.98
N VAL E 36 48.97 35.72 -76.20
CA VAL E 36 48.93 37.13 -76.62
C VAL E 36 47.93 37.96 -75.82
N MET E 37 46.76 37.43 -75.45
CA MET E 37 45.82 38.14 -74.57
C MET E 37 46.38 38.33 -73.14
N ARG E 38 46.97 37.29 -72.53
CA ARG E 38 47.59 37.38 -71.19
C ARG E 38 48.82 38.28 -71.17
N SER E 39 49.51 38.48 -72.30
CA SER E 39 50.56 39.49 -72.43
C SER E 39 50.07 40.94 -72.22
N LEU E 40 48.80 41.22 -72.58
CA LEU E 40 48.11 42.48 -72.29
C LEU E 40 47.46 42.51 -70.90
N GLY E 41 47.67 41.48 -70.07
CA GLY E 41 47.11 41.37 -68.72
C GLY E 41 45.62 41.02 -68.67
N GLN E 42 45.04 40.51 -69.76
CA GLN E 42 43.66 40.02 -69.75
C GLN E 42 43.53 38.72 -68.96
N ASN E 43 42.32 38.42 -68.47
CA ASN E 43 42.01 37.22 -67.69
C ASN E 43 41.03 36.26 -68.41
N PRO E 44 41.30 35.77 -69.63
CA PRO E 44 40.44 34.80 -70.29
C PRO E 44 40.57 33.43 -69.64
N THR E 45 39.46 32.68 -69.51
CA THR E 45 39.50 31.29 -69.04
C THR E 45 39.81 30.32 -70.19
N GLU E 46 40.26 29.10 -69.89
CA GLU E 46 40.46 28.07 -70.92
C GLU E 46 39.14 27.65 -71.60
N ALA E 47 38.02 27.63 -70.87
CA ALA E 47 36.70 27.40 -71.47
C ALA E 47 36.31 28.56 -72.40
N GLU E 48 36.56 29.82 -72.02
CA GLU E 48 36.36 30.96 -72.91
C GLU E 48 37.25 30.89 -74.16
N LEU E 49 38.52 30.53 -74.01
CA LEU E 49 39.44 30.36 -75.14
C LEU E 49 39.03 29.18 -76.04
N GLN E 50 38.49 28.08 -75.51
CA GLN E 50 37.93 27.02 -76.34
C GLN E 50 36.68 27.50 -77.11
N ASP E 51 35.76 28.22 -76.46
CA ASP E 51 34.59 28.81 -77.12
C ASP E 51 34.97 29.85 -78.19
N MET E 52 36.06 30.60 -77.97
CA MET E 52 36.65 31.48 -78.98
C MET E 52 37.20 30.68 -80.17
N ILE E 53 38.12 29.74 -79.94
CA ILE E 53 38.78 28.97 -81.00
C ILE E 53 37.78 28.17 -81.85
N ASN E 54 36.69 27.65 -81.26
CA ASN E 54 35.65 26.94 -82.00
C ASN E 54 35.03 27.75 -83.16
N GLU E 55 35.00 29.09 -83.07
CA GLU E 55 34.45 29.96 -84.12
C GLU E 55 35.48 30.44 -85.17
N VAL E 56 36.78 30.25 -84.94
CA VAL E 56 37.85 30.74 -85.84
C VAL E 56 38.71 29.62 -86.45
N ASP E 57 38.74 28.42 -85.86
CA ASP E 57 39.38 27.22 -86.46
C ASP E 57 38.49 26.57 -87.54
N ALA E 58 37.98 27.37 -88.48
CA ALA E 58 36.96 26.96 -89.44
C ALA E 58 37.50 26.11 -90.61
N ASP E 59 38.78 26.27 -90.99
CA ASP E 59 39.40 25.59 -92.14
C ASP E 59 40.88 25.19 -91.90
N GLY E 60 41.32 25.10 -90.64
CA GLY E 60 42.65 24.63 -90.27
C GLY E 60 43.75 25.71 -90.28
N ASN E 61 44.93 25.35 -90.78
CA ASN E 61 46.16 26.16 -90.78
C ASN E 61 46.68 26.60 -89.38
N GLY E 62 46.15 26.03 -88.29
CA GLY E 62 46.70 26.13 -86.93
C GLY E 62 46.81 27.54 -86.32
N THR E 63 46.16 28.55 -86.91
CA THR E 63 46.43 29.97 -86.64
C THR E 63 45.17 30.85 -86.77
N ILE E 64 45.19 32.05 -86.15
CA ILE E 64 44.13 33.07 -86.20
C ILE E 64 44.75 34.45 -86.52
N ASP E 65 44.08 35.29 -87.30
CA ASP E 65 44.61 36.59 -87.75
C ASP E 65 44.35 37.76 -86.77
N PHE E 66 44.99 38.91 -87.02
CA PHE E 66 44.82 40.11 -86.19
C PHE E 66 43.36 40.62 -86.13
N PRO E 67 42.61 40.79 -87.24
CA PRO E 67 41.18 41.14 -87.18
C PRO E 67 40.31 40.24 -86.30
N GLU E 68 40.45 38.90 -86.36
CA GLU E 68 39.65 38.02 -85.50
C GLU E 68 40.19 37.97 -84.05
N PHE E 69 41.50 38.10 -83.82
CA PHE E 69 42.06 38.36 -82.48
C PHE E 69 41.47 39.64 -81.85
N LEU E 70 41.46 40.75 -82.60
CA LEU E 70 40.92 42.03 -82.13
C LEU E 70 39.40 41.95 -81.88
N THR E 71 38.68 41.17 -82.69
CA THR E 71 37.27 40.85 -82.47
C THR E 71 37.06 40.08 -81.16
N MET E 72 37.86 39.04 -80.91
CA MET E 72 37.77 38.25 -79.66
C MET E 72 38.25 39.03 -78.42
N MET E 73 39.19 39.97 -78.59
CA MET E 73 39.55 40.96 -77.57
C MET E 73 38.35 41.87 -77.22
N ALA E 74 37.69 42.43 -78.23
CA ALA E 74 36.49 43.24 -78.07
C ALA E 74 35.31 42.48 -77.44
N ARG E 75 35.21 41.16 -77.66
CA ARG E 75 34.27 40.27 -76.93
C ARG E 75 34.58 40.18 -75.44
N LYS E 76 35.85 39.96 -75.06
CA LYS E 76 36.25 39.78 -73.64
C LYS E 76 36.20 41.07 -72.82
N MET E 77 36.48 42.22 -73.43
CA MET E 77 36.55 43.52 -72.73
C MET E 77 35.18 44.09 -72.25
N LYS E 78 34.04 43.45 -72.57
CA LYS E 78 32.71 43.93 -72.15
C LYS E 78 32.47 43.89 -70.64
N ASP E 79 32.96 42.86 -69.95
CA ASP E 79 32.53 42.51 -68.58
C ASP E 79 33.62 41.76 -67.78
N THR E 80 34.87 42.24 -67.85
CA THR E 80 36.03 41.67 -67.12
C THR E 80 35.84 41.63 -65.60
N ASP E 81 36.35 40.57 -64.97
CA ASP E 81 36.31 40.33 -63.52
C ASP E 81 37.10 41.38 -62.72
N SER E 82 36.62 41.75 -61.53
CA SER E 82 37.18 42.85 -60.72
C SER E 82 38.08 42.39 -59.57
N GLU E 83 38.84 43.33 -59.01
CA GLU E 83 39.65 43.14 -57.79
C GLU E 83 38.81 42.61 -56.63
N GLU E 84 37.65 43.24 -56.39
CA GLU E 84 36.71 42.85 -55.34
C GLU E 84 36.13 41.44 -55.59
N GLU E 85 35.87 41.08 -56.85
CA GLU E 85 35.37 39.76 -57.22
C GLU E 85 36.39 38.64 -56.98
N ILE E 86 37.66 38.84 -57.36
CA ILE E 86 38.72 37.84 -57.10
C ILE E 86 39.06 37.77 -55.61
N ARG E 87 39.07 38.89 -54.88
CA ARG E 87 39.20 38.91 -53.42
C ARG E 87 38.06 38.16 -52.74
N GLU E 88 36.82 38.37 -53.15
CA GLU E 88 35.67 37.64 -52.60
C GLU E 88 35.69 36.14 -52.99
N ALA E 89 36.15 35.78 -54.19
CA ALA E 89 36.33 34.37 -54.57
C ALA E 89 37.28 33.64 -53.59
N PHE E 90 38.40 34.23 -53.18
CA PHE E 90 39.21 33.68 -52.09
C PHE E 90 38.45 33.70 -50.74
N ARG E 91 37.72 34.78 -50.42
CA ARG E 91 36.91 34.86 -49.20
C ARG E 91 35.87 33.74 -49.07
N VAL E 92 35.37 33.19 -50.19
CA VAL E 92 34.49 32.00 -50.20
C VAL E 92 35.26 30.70 -49.90
N PHE E 93 36.54 30.59 -50.31
CA PHE E 93 37.40 29.46 -49.95
C PHE E 93 37.99 29.55 -48.52
N ASP E 94 38.14 30.75 -47.97
CA ASP E 94 38.51 30.97 -46.56
C ASP E 94 37.48 30.35 -45.60
N LYS E 95 37.92 29.37 -44.80
CA LYS E 95 37.09 28.59 -43.88
C LYS E 95 36.63 29.36 -42.63
N ASP E 96 37.36 30.39 -42.22
CA ASP E 96 37.11 31.15 -40.98
C ASP E 96 36.69 32.61 -41.25
N GLY E 97 36.97 33.13 -42.44
CA GLY E 97 36.73 34.51 -42.82
C GLY E 97 37.77 35.52 -42.27
N ASN E 98 38.89 35.03 -41.71
CA ASN E 98 39.91 35.85 -41.07
C ASN E 98 40.94 36.49 -42.03
N GLY E 99 40.88 36.17 -43.33
CA GLY E 99 41.79 36.74 -44.33
C GLY E 99 42.97 35.84 -44.75
N TYR E 100 43.05 34.60 -44.24
CA TYR E 100 44.14 33.67 -44.54
C TYR E 100 43.66 32.28 -45.02
N ILE E 101 44.38 31.68 -45.98
CA ILE E 101 44.14 30.33 -46.52
C ILE E 101 45.46 29.53 -46.49
N SER E 102 45.43 28.22 -46.20
CA SER E 102 46.67 27.41 -46.20
C SER E 102 47.17 27.08 -47.60
N ALA E 103 48.48 26.91 -47.77
CA ALA E 103 49.09 26.51 -49.03
C ALA E 103 48.57 25.15 -49.55
N ALA E 104 48.34 24.19 -48.64
CA ALA E 104 47.77 22.88 -48.99
C ALA E 104 46.31 22.99 -49.49
N GLU E 105 45.49 23.84 -48.87
CA GLU E 105 44.11 24.07 -49.33
C GLU E 105 44.05 24.89 -50.62
N LEU E 106 44.97 25.85 -50.82
CA LEU E 106 45.11 26.54 -52.10
C LEU E 106 45.50 25.56 -53.23
N ARG E 107 46.50 24.68 -52.99
CA ARG E 107 46.87 23.59 -53.92
C ARG E 107 45.68 22.69 -54.25
N HIS E 108 44.86 22.36 -53.25
CA HIS E 108 43.61 21.61 -53.45
C HIS E 108 42.64 22.35 -54.37
N VAL E 109 42.21 23.57 -54.04
CA VAL E 109 41.19 24.27 -54.86
C VAL E 109 41.71 24.66 -56.25
N MET E 110 43.02 24.81 -56.43
CA MET E 110 43.64 25.06 -57.74
C MET E 110 43.84 23.81 -58.62
N THR E 111 43.69 22.58 -58.08
CA THR E 111 43.99 21.34 -58.83
C THR E 111 42.94 20.23 -58.73
N ASN E 112 42.05 20.22 -57.72
CA ASN E 112 40.92 19.28 -57.65
C ASN E 112 39.67 19.80 -58.38
N LEU E 113 39.49 21.12 -58.44
CA LEU E 113 38.47 21.80 -59.26
C LEU E 113 38.95 21.95 -60.73
N GLY E 114 38.06 22.40 -61.62
CA GLY E 114 38.31 22.55 -63.07
C GLY E 114 39.41 23.55 -63.45
N GLU E 115 39.73 23.61 -64.75
CA GLU E 115 40.76 24.48 -65.35
C GLU E 115 42.13 24.45 -64.62
N LYS E 116 42.50 23.27 -64.09
CA LYS E 116 43.59 23.01 -63.13
C LYS E 116 44.88 23.81 -63.42
N LEU E 117 45.50 24.36 -62.38
CA LEU E 117 46.89 24.82 -62.47
C LEU E 117 47.84 23.64 -62.65
N THR E 118 48.84 23.79 -63.52
CA THR E 118 49.96 22.84 -63.66
C THR E 118 50.90 22.94 -62.45
N ASP E 119 51.72 21.93 -62.20
CA ASP E 119 52.64 21.90 -61.05
C ASP E 119 53.67 23.06 -61.09
N GLU E 120 54.07 23.50 -62.29
CA GLU E 120 54.84 24.73 -62.51
C GLU E 120 54.10 25.96 -62.00
N GLU E 121 52.83 26.13 -62.39
CA GLU E 121 52.00 27.26 -61.99
C GLU E 121 51.69 27.24 -60.49
N VAL E 122 51.41 26.07 -59.90
CA VAL E 122 51.16 25.95 -58.45
C VAL E 122 52.43 26.24 -57.64
N ASP E 123 53.56 25.57 -57.90
CA ASP E 123 54.73 25.73 -57.02
C ASP E 123 55.31 27.16 -57.09
N GLU E 124 55.30 27.82 -58.26
CA GLU E 124 55.70 29.23 -58.37
C GLU E 124 54.66 30.18 -57.75
N MET E 125 53.37 29.82 -57.72
CA MET E 125 52.36 30.57 -56.95
C MET E 125 52.60 30.45 -55.45
N ILE E 126 52.70 29.22 -54.93
CA ILE E 126 52.92 28.94 -53.49
C ILE E 126 54.20 29.60 -52.97
N ARG E 127 55.27 29.63 -53.78
CA ARG E 127 56.56 30.28 -53.47
C ARG E 127 56.44 31.75 -53.03
N GLU E 128 55.43 32.49 -53.50
CA GLU E 128 55.19 33.88 -53.07
C GLU E 128 53.81 34.11 -52.41
N ALA E 129 52.88 33.15 -52.48
CA ALA E 129 51.67 33.12 -51.65
C ALA E 129 52.00 32.81 -50.17
N ASP E 130 53.05 32.03 -49.89
CA ASP E 130 53.62 31.85 -48.55
C ASP E 130 54.41 33.11 -48.11
N ILE E 131 53.71 34.22 -47.92
CA ILE E 131 54.26 35.60 -47.87
C ILE E 131 55.31 35.81 -46.77
N ASP E 132 55.12 35.24 -45.58
CA ASP E 132 56.05 35.37 -44.43
C ASP E 132 56.37 34.03 -43.74
N GLY E 133 56.20 32.91 -44.45
CA GLY E 133 56.79 31.61 -44.10
C GLY E 133 55.98 30.71 -43.16
N ASP E 134 54.78 31.08 -42.73
CA ASP E 134 53.93 30.24 -41.86
C ASP E 134 53.10 29.17 -42.62
N GLY E 135 53.15 29.14 -43.96
CA GLY E 135 52.38 28.23 -44.79
C GLY E 135 50.96 28.71 -45.16
N GLN E 136 50.61 29.97 -44.85
CA GLN E 136 49.31 30.59 -45.15
C GLN E 136 49.49 31.81 -46.08
N VAL E 137 48.49 32.08 -46.93
CA VAL E 137 48.43 33.28 -47.79
C VAL E 137 47.43 34.30 -47.26
N ASN E 138 47.87 35.54 -47.06
CA ASN E 138 46.97 36.69 -46.92
C ASN E 138 46.40 37.01 -48.30
N TYR E 139 45.22 36.48 -48.62
CA TYR E 139 44.70 36.56 -49.99
C TYR E 139 44.29 37.99 -50.40
N GLU E 140 43.97 38.87 -49.45
CA GLU E 140 43.67 40.28 -49.75
C GLU E 140 44.92 41.01 -50.27
N GLU E 141 46.07 40.85 -49.60
CA GLU E 141 47.35 41.37 -50.10
C GLU E 141 47.80 40.65 -51.38
N PHE E 142 47.55 39.34 -51.49
CA PHE E 142 47.85 38.58 -52.70
C PHE E 142 47.06 39.09 -53.92
N VAL E 143 45.78 39.49 -53.76
CA VAL E 143 45.00 40.13 -54.83
C VAL E 143 45.50 41.54 -55.15
N GLN E 144 45.88 42.34 -54.14
CA GLN E 144 46.51 43.65 -54.38
C GLN E 144 47.82 43.52 -55.17
N MET E 145 48.59 42.44 -54.96
CA MET E 145 49.76 42.08 -55.79
C MET E 145 49.33 41.61 -57.20
N MET E 146 48.46 40.62 -57.28
CA MET E 146 48.09 39.95 -58.54
C MET E 146 47.34 40.85 -59.54
N THR E 147 46.68 41.90 -59.08
CA THR E 147 45.94 42.85 -59.94
C THR E 147 46.79 44.00 -60.50
N ALA E 148 48.11 44.02 -60.26
CA ALA E 148 49.04 45.04 -60.76
C ALA E 148 49.16 45.13 -62.30
PB ADP F . -5.30 12.98 29.12
O1B ADP F . -6.73 12.84 29.45
O2B ADP F . -4.97 14.41 29.32
O3B ADP F . -5.15 12.53 27.71
PA ADP F . -3.01 11.67 29.94
O1A ADP F . -2.80 10.54 28.99
O2A ADP F . -2.03 12.73 29.70
O3A ADP F . -4.51 12.07 30.08
O5' ADP F . -2.87 11.16 31.45
C5' ADP F . -2.90 12.13 32.50
C4' ADP F . -3.03 11.41 33.85
O4' ADP F . -1.88 10.57 34.00
C3' ADP F . -2.98 12.40 35.04
O3' ADP F . -3.99 12.09 36.00
C2' ADP F . -1.58 12.15 35.61
O2' ADP F . -1.45 12.48 36.99
C1' ADP F . -1.33 10.68 35.30
N9 ADP F . 0.08 10.31 35.26
C8 ADP F . 1.11 10.88 34.49
N7 ADP F . 2.30 10.32 34.74
C5 ADP F . 1.99 9.41 35.69
C6 ADP F . 2.83 8.54 36.38
N6 ADP F . 4.15 8.48 36.19
N1 ADP F . 2.40 7.74 37.33
C2 ADP F . 1.09 7.78 37.56
N3 ADP F . 0.18 8.57 36.96
C4 ADP F . 0.68 9.36 36.01
MG MG G . -5.05 11.82 25.99
PB ADP H . -39.60 -12.43 30.56
O1B ADP H . -38.15 -12.60 30.32
O2B ADP H . -39.87 -12.50 31.99
O3B ADP H . -40.31 -13.51 29.86
PA ADP H . -41.47 -10.68 29.59
O1A ADP H . -42.07 -11.69 28.66
O2A ADP H . -42.39 -10.37 30.69
O3A ADP H . -40.01 -11.05 30.01
O5' ADP H . -41.07 -9.34 28.83
C5' ADP H . -40.45 -8.30 29.58
C4' ADP H . -39.39 -7.63 28.70
O4' ADP H . -40.08 -6.79 27.75
C3' ADP H . -38.49 -6.66 29.49
O3' ADP H . -37.26 -6.42 28.80
C2' ADP H . -39.35 -5.40 29.50
O2' ADP H . -38.61 -4.20 29.77
C1' ADP H . -39.99 -5.40 28.11
N9 ADP H . -41.30 -4.76 28.05
C8 ADP H . -42.41 -4.92 28.87
N7 ADP H . -43.42 -4.08 28.56
C5 ADP H . -42.90 -3.42 27.49
C6 ADP H . -43.45 -2.41 26.71
N6 ADP H . -44.66 -1.88 26.93
N1 ADP H . -42.81 -1.85 25.71
C2 ADP H . -41.57 -2.30 25.49
N3 ADP H . -40.93 -3.27 26.17
C4 ADP H . -41.64 -3.81 27.16
MG MG I . -41.62 -13.60 28.55
PB ADP J . -18.41 -31.07 -1.69
O1B ADP J . -19.85 -30.80 -1.80
O2B ADP J . -17.71 -29.79 -1.66
O3B ADP J . -18.06 -31.85 -2.91
PA ADP J . -16.90 -32.81 -0.22
O1A ADP J . -17.05 -34.11 -0.92
O2A ADP J . -15.60 -32.19 -0.57
O3A ADP J . -18.15 -31.91 -0.42
O5' ADP J . -17.05 -33.02 1.35
C5' ADP J . -17.04 -31.89 2.24
C4' ADP J . -17.93 -32.25 3.46
O4' ADP J . -17.35 -33.40 4.11
C3' ADP J . -17.97 -31.14 4.53
O3' ADP J . -19.27 -31.06 5.10
C2' ADP J . -16.96 -31.64 5.55
O2' ADP J . -17.16 -31.10 6.86
C1' ADP J . -17.11 -33.16 5.49
N9 ADP J . -15.93 -33.88 5.93
C8 ADP J . -14.60 -33.67 5.57
N7 ADP J . -13.74 -34.44 6.27
C5 ADP J . -14.59 -35.15 7.05
C6 ADP J . -14.30 -36.10 8.03
N6 ADP J . -13.05 -36.45 8.35
N1 ADP J . -15.22 -36.71 8.72
C2 ADP J . -16.48 -36.37 8.42
N3 ADP J . -16.88 -35.44 7.55
C4 ADP J . -15.90 -34.86 6.86
MG MG K . -18.77 -33.36 -3.72
#